data_2YWN
# 
_entry.id   2YWN 
# 
_audit_conform.dict_name       mmcif_pdbx.dic 
_audit_conform.dict_version    5.380 
_audit_conform.dict_location   http://mmcif.pdb.org/dictionaries/ascii/mmcif_pdbx.dic 
# 
loop_
_database_2.database_id 
_database_2.database_code 
_database_2.pdbx_database_accession 
_database_2.pdbx_DOI 
PDB   2YWN         pdb_00002ywn 10.2210/pdb2ywn/pdb 
RCSB  RCSB027227   ?            ?                   
WWPDB D_1000027227 ?            ?                   
# 
_pdbx_database_related.db_name        TargetDB 
_pdbx_database_related.db_id          sto001001785.2 
_pdbx_database_related.details        . 
_pdbx_database_related.content_type   unspecified 
# 
_pdbx_database_status.status_code                     REL 
_pdbx_database_status.entry_id                        2YWN 
_pdbx_database_status.recvd_initial_deposition_date   2007-04-20 
_pdbx_database_status.deposit_site                    PDBJ 
_pdbx_database_status.process_site                    PDBJ 
_pdbx_database_status.status_code_sf                  REL 
_pdbx_database_status.status_code_mr                  ? 
_pdbx_database_status.SG_entry                        Y 
_pdbx_database_status.pdb_format_compatible           Y 
_pdbx_database_status.status_code_cs                  ? 
_pdbx_database_status.methods_development_category    ? 
_pdbx_database_status.status_code_nmr_data            ? 
# 
loop_
_audit_author.name 
_audit_author.pdbx_ordinal 
'Ebihara, A.'                                            1 
'Manzoku, M.'                                            2 
'Fujimoto, Y.'                                           3 
'Yokoyama, S.'                                           4 
'Kuramitsu, S.'                                          5 
'RIKEN Structural Genomics/Proteomics Initiative (RSGI)' 6 
# 
_citation.id                        primary 
_citation.title                     'Crystal structure of peroxiredoxin-like protein from Sulfolobus tokodaii' 
_citation.journal_abbrev            'To be Published' 
_citation.journal_volume            ? 
_citation.page_first                ? 
_citation.page_last                 ? 
_citation.year                      ? 
_citation.journal_id_ASTM           ? 
_citation.country                   ? 
_citation.journal_id_ISSN           ? 
_citation.journal_id_CSD            0353 
_citation.book_publisher            ? 
_citation.pdbx_database_id_PubMed   ? 
_citation.pdbx_database_id_DOI      ? 
# 
loop_
_citation_author.citation_id 
_citation_author.name 
_citation_author.ordinal 
_citation_author.identifier_ORCID 
primary 'Ebihara, A.'   1 ? 
primary 'Manzoku, M.'   2 ? 
primary 'Fujimoto, Y.'  3 ? 
primary 'Yokoyama, S.'  4 ? 
primary 'Kuramitsu, S.' 5 ? 
# 
_cell.entry_id           2YWN 
_cell.length_a           69.34 
_cell.length_b           78.67 
_cell.length_c           61.97 
_cell.angle_alpha        90.00 
_cell.angle_beta         90.00 
_cell.angle_gamma        90.00 
_cell.Z_PDB              8 
_cell.pdbx_unique_axis   ? 
_cell.length_a_esd       ? 
_cell.length_b_esd       ? 
_cell.length_c_esd       ? 
_cell.angle_alpha_esd    ? 
_cell.angle_beta_esd     ? 
_cell.angle_gamma_esd    ? 
# 
_symmetry.entry_id                         2YWN 
_symmetry.space_group_name_H-M             'C 2 2 21' 
_symmetry.pdbx_full_space_group_name_H-M   ? 
_symmetry.cell_setting                     ? 
_symmetry.Int_Tables_number                20 
_symmetry.space_group_name_Hall            ? 
# 
loop_
_entity.id 
_entity.type 
_entity.src_method 
_entity.pdbx_description 
_entity.formula_weight 
_entity.pdbx_number_of_molecules 
_entity.pdbx_ec 
_entity.pdbx_mutation 
_entity.pdbx_fragment 
_entity.details 
1 polymer man 'Peroxiredoxin-like protein' 17816.660 1   ? ? ? ? 
2 water   nat water                        18.015    156 ? ? ? ? 
# 
_entity_name_com.entity_id   1 
_entity_name_com.name        '155aa long hypothetical bacterioferritin comigratory protein' 
# 
_entity_poly.entity_id                      1 
_entity_poly.type                           'polypeptide(L)' 
_entity_poly.nstd_linkage                   no 
_entity_poly.nstd_monomer                   no 
_entity_poly.pdbx_seq_one_letter_code       
;GHMVEIGELAPDFELPDTELKKVKLSALKGKVVVLAFYPAAFTQVCTKEMCTFRDSMAKFNQVNAVVLGISVDPPFSNKA
FKEHNKLNFTILSDYNREVVKKYNVAWEFPALPGYVLAKRAVFVIDKEGKVRYKWVSDDPTKEPPYDEIEKVVKSLS
;
_entity_poly.pdbx_seq_one_letter_code_can   
;GHMVEIGELAPDFELPDTELKKVKLSALKGKVVVLAFYPAAFTQVCTKEMCTFRDSMAKFNQVNAVVLGISVDPPFSNKA
FKEHNKLNFTILSDYNREVVKKYNVAWEFPALPGYVLAKRAVFVIDKEGKVRYKWVSDDPTKEPPYDEIEKVVKSLS
;
_entity_poly.pdbx_strand_id                 A 
_entity_poly.pdbx_target_identifier         sto001001785.2 
# 
loop_
_entity_poly_seq.entity_id 
_entity_poly_seq.num 
_entity_poly_seq.mon_id 
_entity_poly_seq.hetero 
1 1   GLY n 
1 2   HIS n 
1 3   MET n 
1 4   VAL n 
1 5   GLU n 
1 6   ILE n 
1 7   GLY n 
1 8   GLU n 
1 9   LEU n 
1 10  ALA n 
1 11  PRO n 
1 12  ASP n 
1 13  PHE n 
1 14  GLU n 
1 15  LEU n 
1 16  PRO n 
1 17  ASP n 
1 18  THR n 
1 19  GLU n 
1 20  LEU n 
1 21  LYS n 
1 22  LYS n 
1 23  VAL n 
1 24  LYS n 
1 25  LEU n 
1 26  SER n 
1 27  ALA n 
1 28  LEU n 
1 29  LYS n 
1 30  GLY n 
1 31  LYS n 
1 32  VAL n 
1 33  VAL n 
1 34  VAL n 
1 35  LEU n 
1 36  ALA n 
1 37  PHE n 
1 38  TYR n 
1 39  PRO n 
1 40  ALA n 
1 41  ALA n 
1 42  PHE n 
1 43  THR n 
1 44  GLN n 
1 45  VAL n 
1 46  CYS n 
1 47  THR n 
1 48  LYS n 
1 49  GLU n 
1 50  MET n 
1 51  CYS n 
1 52  THR n 
1 53  PHE n 
1 54  ARG n 
1 55  ASP n 
1 56  SER n 
1 57  MET n 
1 58  ALA n 
1 59  LYS n 
1 60  PHE n 
1 61  ASN n 
1 62  GLN n 
1 63  VAL n 
1 64  ASN n 
1 65  ALA n 
1 66  VAL n 
1 67  VAL n 
1 68  LEU n 
1 69  GLY n 
1 70  ILE n 
1 71  SER n 
1 72  VAL n 
1 73  ASP n 
1 74  PRO n 
1 75  PRO n 
1 76  PHE n 
1 77  SER n 
1 78  ASN n 
1 79  LYS n 
1 80  ALA n 
1 81  PHE n 
1 82  LYS n 
1 83  GLU n 
1 84  HIS n 
1 85  ASN n 
1 86  LYS n 
1 87  LEU n 
1 88  ASN n 
1 89  PHE n 
1 90  THR n 
1 91  ILE n 
1 92  LEU n 
1 93  SER n 
1 94  ASP n 
1 95  TYR n 
1 96  ASN n 
1 97  ARG n 
1 98  GLU n 
1 99  VAL n 
1 100 VAL n 
1 101 LYS n 
1 102 LYS n 
1 103 TYR n 
1 104 ASN n 
1 105 VAL n 
1 106 ALA n 
1 107 TRP n 
1 108 GLU n 
1 109 PHE n 
1 110 PRO n 
1 111 ALA n 
1 112 LEU n 
1 113 PRO n 
1 114 GLY n 
1 115 TYR n 
1 116 VAL n 
1 117 LEU n 
1 118 ALA n 
1 119 LYS n 
1 120 ARG n 
1 121 ALA n 
1 122 VAL n 
1 123 PHE n 
1 124 VAL n 
1 125 ILE n 
1 126 ASP n 
1 127 LYS n 
1 128 GLU n 
1 129 GLY n 
1 130 LYS n 
1 131 VAL n 
1 132 ARG n 
1 133 TYR n 
1 134 LYS n 
1 135 TRP n 
1 136 VAL n 
1 137 SER n 
1 138 ASP n 
1 139 ASP n 
1 140 PRO n 
1 141 THR n 
1 142 LYS n 
1 143 GLU n 
1 144 PRO n 
1 145 PRO n 
1 146 TYR n 
1 147 ASP n 
1 148 GLU n 
1 149 ILE n 
1 150 GLU n 
1 151 LYS n 
1 152 VAL n 
1 153 VAL n 
1 154 LYS n 
1 155 SER n 
1 156 LEU n 
1 157 SER n 
# 
_entity_src_gen.entity_id                          1 
_entity_src_gen.pdbx_src_id                        1 
_entity_src_gen.pdbx_alt_source_flag               sample 
_entity_src_gen.pdbx_seq_type                      ? 
_entity_src_gen.pdbx_beg_seq_num                   ? 
_entity_src_gen.pdbx_end_seq_num                   ? 
_entity_src_gen.gene_src_common_name               ? 
_entity_src_gen.gene_src_genus                     Sulfolobus 
_entity_src_gen.pdbx_gene_src_gene                 ? 
_entity_src_gen.gene_src_species                   ? 
_entity_src_gen.gene_src_strain                    strain7 
_entity_src_gen.gene_src_tissue                    ? 
_entity_src_gen.gene_src_tissue_fraction           ? 
_entity_src_gen.gene_src_details                   ? 
_entity_src_gen.pdbx_gene_src_fragment             ? 
_entity_src_gen.pdbx_gene_src_scientific_name      'Sulfolobus tokodaii' 
_entity_src_gen.pdbx_gene_src_ncbi_taxonomy_id     111955 
_entity_src_gen.pdbx_gene_src_variant              ? 
_entity_src_gen.pdbx_gene_src_cell_line            ? 
_entity_src_gen.pdbx_gene_src_atcc                 ? 
_entity_src_gen.pdbx_gene_src_organ                ? 
_entity_src_gen.pdbx_gene_src_organelle            ? 
_entity_src_gen.pdbx_gene_src_cell                 ? 
_entity_src_gen.pdbx_gene_src_cellular_location    ? 
_entity_src_gen.host_org_common_name               ? 
_entity_src_gen.pdbx_host_org_scientific_name      'Escherichia coli' 
_entity_src_gen.pdbx_host_org_ncbi_taxonomy_id     562 
_entity_src_gen.host_org_genus                     Escherichia 
_entity_src_gen.pdbx_host_org_gene                 ? 
_entity_src_gen.pdbx_host_org_organ                ? 
_entity_src_gen.host_org_species                   ? 
_entity_src_gen.pdbx_host_org_tissue               ? 
_entity_src_gen.pdbx_host_org_tissue_fraction      ? 
_entity_src_gen.pdbx_host_org_strain               'BL21-CodonPlus(DE3)-RIL' 
_entity_src_gen.pdbx_host_org_variant              ? 
_entity_src_gen.pdbx_host_org_cell_line            ? 
_entity_src_gen.pdbx_host_org_atcc                 ? 
_entity_src_gen.pdbx_host_org_culture_collection   ? 
_entity_src_gen.pdbx_host_org_cell                 ? 
_entity_src_gen.pdbx_host_org_organelle            ? 
_entity_src_gen.pdbx_host_org_cellular_location    ? 
_entity_src_gen.pdbx_host_org_vector_type          Pladmid 
_entity_src_gen.pdbx_host_org_vector               ? 
_entity_src_gen.host_org_details                   ? 
_entity_src_gen.expression_system_id               ? 
_entity_src_gen.plasmid_name                       pET-15b 
_entity_src_gen.plasmid_details                    ? 
_entity_src_gen.pdbx_description                   ? 
# 
_struct_ref.id                         1 
_struct_ref.db_name                    UNP 
_struct_ref.db_code                    Q96ZP9_SULTO 
_struct_ref.pdbx_db_accession          Q96ZP9 
_struct_ref.entity_id                  1 
_struct_ref.pdbx_seq_one_letter_code   
;MVEIGELAPDFELPDTELKKVKLSALKGKVVVLAFYPAAFTQVCTKEMCTFRDSMAKFNQVNAVVLGISVDPPFSNKAFK
EHNKLNFTILSDYNREVVKKYNVAWEFPALPGYVLAKRAVFVIDKEGKVRYKWVSDDPTKEPPYDEIEKVVKSLS
;
_struct_ref.pdbx_align_begin           1 
_struct_ref.pdbx_db_isoform            ? 
# 
_struct_ref_seq.align_id                      1 
_struct_ref_seq.ref_id                        1 
_struct_ref_seq.pdbx_PDB_id_code              2YWN 
_struct_ref_seq.pdbx_strand_id                A 
_struct_ref_seq.seq_align_beg                 3 
_struct_ref_seq.pdbx_seq_align_beg_ins_code   ? 
_struct_ref_seq.seq_align_end                 157 
_struct_ref_seq.pdbx_seq_align_end_ins_code   ? 
_struct_ref_seq.pdbx_db_accession             Q96ZP9 
_struct_ref_seq.db_align_beg                  1 
_struct_ref_seq.pdbx_db_align_beg_ins_code    ? 
_struct_ref_seq.db_align_end                  155 
_struct_ref_seq.pdbx_db_align_end_ins_code    ? 
_struct_ref_seq.pdbx_auth_seq_align_beg       1 
_struct_ref_seq.pdbx_auth_seq_align_end       155 
# 
loop_
_struct_ref_seq_dif.align_id 
_struct_ref_seq_dif.pdbx_pdb_id_code 
_struct_ref_seq_dif.mon_id 
_struct_ref_seq_dif.pdbx_pdb_strand_id 
_struct_ref_seq_dif.seq_num 
_struct_ref_seq_dif.pdbx_pdb_ins_code 
_struct_ref_seq_dif.pdbx_seq_db_name 
_struct_ref_seq_dif.pdbx_seq_db_accession_code 
_struct_ref_seq_dif.db_mon_id 
_struct_ref_seq_dif.pdbx_seq_db_seq_num 
_struct_ref_seq_dif.details 
_struct_ref_seq_dif.pdbx_auth_seq_num 
_struct_ref_seq_dif.pdbx_ordinal 
1 2YWN GLY A 1 ? UNP Q96ZP9 ? ? 'expression tag' -2 1 
1 2YWN HIS A 2 ? UNP Q96ZP9 ? ? 'expression tag' -1 2 
# 
loop_
_chem_comp.id 
_chem_comp.type 
_chem_comp.mon_nstd_flag 
_chem_comp.name 
_chem_comp.pdbx_synonyms 
_chem_comp.formula 
_chem_comp.formula_weight 
ALA 'L-peptide linking' y ALANINE         ? 'C3 H7 N O2'     89.093  
ARG 'L-peptide linking' y ARGININE        ? 'C6 H15 N4 O2 1' 175.209 
ASN 'L-peptide linking' y ASPARAGINE      ? 'C4 H8 N2 O3'    132.118 
ASP 'L-peptide linking' y 'ASPARTIC ACID' ? 'C4 H7 N O4'     133.103 
CYS 'L-peptide linking' y CYSTEINE        ? 'C3 H7 N O2 S'   121.158 
GLN 'L-peptide linking' y GLUTAMINE       ? 'C5 H10 N2 O3'   146.144 
GLU 'L-peptide linking' y 'GLUTAMIC ACID' ? 'C5 H9 N O4'     147.129 
GLY 'peptide linking'   y GLYCINE         ? 'C2 H5 N O2'     75.067  
HIS 'L-peptide linking' y HISTIDINE       ? 'C6 H10 N3 O2 1' 156.162 
HOH non-polymer         . WATER           ? 'H2 O'           18.015  
ILE 'L-peptide linking' y ISOLEUCINE      ? 'C6 H13 N O2'    131.173 
LEU 'L-peptide linking' y LEUCINE         ? 'C6 H13 N O2'    131.173 
LYS 'L-peptide linking' y LYSINE          ? 'C6 H15 N2 O2 1' 147.195 
MET 'L-peptide linking' y METHIONINE      ? 'C5 H11 N O2 S'  149.211 
PHE 'L-peptide linking' y PHENYLALANINE   ? 'C9 H11 N O2'    165.189 
PRO 'L-peptide linking' y PROLINE         ? 'C5 H9 N O2'     115.130 
SER 'L-peptide linking' y SERINE          ? 'C3 H7 N O3'     105.093 
THR 'L-peptide linking' y THREONINE       ? 'C4 H9 N O3'     119.119 
TRP 'L-peptide linking' y TRYPTOPHAN      ? 'C11 H12 N2 O2'  204.225 
TYR 'L-peptide linking' y TYROSINE        ? 'C9 H11 N O3'    181.189 
VAL 'L-peptide linking' y VALINE          ? 'C5 H11 N O2'    117.146 
# 
_exptl.entry_id          2YWN 
_exptl.method            'X-RAY DIFFRACTION' 
_exptl.crystals_number   1 
# 
_exptl_crystal.id                    1 
_exptl_crystal.density_meas          ? 
_exptl_crystal.density_Matthews      2.37 
_exptl_crystal.density_percent_sol   48.11 
_exptl_crystal.description           ? 
_exptl_crystal.F_000                 ? 
_exptl_crystal.preparation           ? 
# 
_exptl_crystal_grow.crystal_id      1 
_exptl_crystal_grow.method          'VAPOR DIFFUSION, SITTING DROP' 
_exptl_crystal_grow.temp            293 
_exptl_crystal_grow.temp_details    ? 
_exptl_crystal_grow.pH              7.5 
_exptl_crystal_grow.pdbx_details    
'0.2M Ammonium acetate, 0.1M HEPES, 25% PEG 3350, pH 7.5, VAPOR DIFFUSION, SITTING DROP, temperature 293K' 
_exptl_crystal_grow.pdbx_pH_range   . 
# 
_diffrn.id                     1 
_diffrn.ambient_temp           100 
_diffrn.ambient_temp_details   ? 
_diffrn.crystal_id             1 
# 
_diffrn_detector.diffrn_id              1 
_diffrn_detector.detector               CCD 
_diffrn_detector.type                   'RIGAKU JUPITER 210' 
_diffrn_detector.pdbx_collection_date   2006-11-26 
_diffrn_detector.details                ? 
# 
_diffrn_radiation.diffrn_id                        1 
_diffrn_radiation.wavelength_id                    1 
_diffrn_radiation.pdbx_monochromatic_or_laue_m_l   M 
_diffrn_radiation.monochromator                    'SI Double-Crystal' 
_diffrn_radiation.pdbx_diffrn_protocol             'SINGLE WAVELENGTH' 
_diffrn_radiation.pdbx_scattering_type             x-ray 
# 
_diffrn_radiation_wavelength.id           1 
_diffrn_radiation_wavelength.wavelength   1.0000 
_diffrn_radiation_wavelength.wt           1.0 
# 
_diffrn_source.diffrn_id                   1 
_diffrn_source.source                      SYNCHROTRON 
_diffrn_source.type                        'SPRING-8 BEAMLINE BL26B2' 
_diffrn_source.pdbx_synchrotron_site       SPring-8 
_diffrn_source.pdbx_synchrotron_beamline   BL26B2 
_diffrn_source.pdbx_wavelength             ? 
_diffrn_source.pdbx_wavelength_list        1.0000 
# 
_reflns.entry_id                     2YWN 
_reflns.observed_criterion_sigma_I   ? 
_reflns.observed_criterion_sigma_F   ? 
_reflns.d_resolution_low             50.0 
_reflns.d_resolution_high            1.60 
_reflns.number_obs                   22697 
_reflns.number_all                   ? 
_reflns.percent_possible_obs         99.8 
_reflns.pdbx_Rmerge_I_obs            0.047 
_reflns.pdbx_Rsym_value              ? 
_reflns.pdbx_netI_over_sigmaI        40.4 
_reflns.B_iso_Wilson_estimate        17.2 
_reflns.pdbx_redundancy              6.8 
_reflns.R_free_details               ? 
_reflns.limit_h_max                  ? 
_reflns.limit_h_min                  ? 
_reflns.limit_k_max                  ? 
_reflns.limit_k_min                  ? 
_reflns.limit_l_max                  ? 
_reflns.limit_l_min                  ? 
_reflns.observed_criterion_F_max     ? 
_reflns.observed_criterion_F_min     ? 
_reflns.pdbx_chi_squared             ? 
_reflns.pdbx_scaling_rejects         ? 
_reflns.pdbx_diffrn_id               1 
_reflns.pdbx_ordinal                 1 
# 
_reflns_shell.d_res_high             1.60 
_reflns_shell.d_res_low              1.66 
_reflns_shell.percent_possible_all   98.4 
_reflns_shell.Rmerge_I_obs           0.121 
_reflns_shell.pdbx_Rsym_value        ? 
_reflns_shell.meanI_over_sigI_obs    8.5 
_reflns_shell.pdbx_redundancy        5.1 
_reflns_shell.percent_possible_obs   ? 
_reflns_shell.number_unique_all      ? 
_reflns_shell.number_measured_all    ? 
_reflns_shell.number_measured_obs    ? 
_reflns_shell.number_unique_obs      ? 
_reflns_shell.pdbx_chi_squared       ? 
_reflns_shell.pdbx_diffrn_id         ? 
_reflns_shell.pdbx_ordinal           1 
# 
_refine.entry_id                                 2YWN 
_refine.ls_number_reflns_obs                     22679 
_refine.ls_number_reflns_all                     ? 
_refine.pdbx_ls_sigma_I                          ? 
_refine.pdbx_ls_sigma_F                          0.0 
_refine.pdbx_data_cutoff_high_absF               1410950.87 
_refine.pdbx_data_cutoff_low_absF                0.000000 
_refine.pdbx_data_cutoff_high_rms_absF           ? 
_refine.ls_d_res_low                             50.0 
_refine.ls_d_res_high                            1.60 
_refine.ls_percent_reflns_obs                    99.6 
_refine.ls_R_factor_obs                          0.2 
_refine.ls_R_factor_all                          ? 
_refine.ls_R_factor_R_work                       0.2 
_refine.ls_R_factor_R_free                       0.221 
_refine.ls_R_factor_R_free_error                 0.005 
_refine.ls_R_factor_R_free_error_details         ? 
_refine.ls_percent_reflns_R_free                 9.9 
_refine.ls_number_reflns_R_free                  2253 
_refine.ls_number_parameters                     ? 
_refine.ls_number_restraints                     ? 
_refine.occupancy_min                            ? 
_refine.occupancy_max                            ? 
_refine.correlation_coeff_Fo_to_Fc               ? 
_refine.correlation_coeff_Fo_to_Fc_free          ? 
_refine.B_iso_mean                               16.9 
_refine.aniso_B[1][1]                            5.12 
_refine.aniso_B[2][2]                            -1.59 
_refine.aniso_B[3][3]                            -3.53 
_refine.aniso_B[1][2]                            0.00 
_refine.aniso_B[1][3]                            0.00 
_refine.aniso_B[2][3]                            0.00 
_refine.solvent_model_details                    'FLAT MODEL' 
_refine.solvent_model_param_ksol                 0.38085 
_refine.solvent_model_param_bsol                 35.9741 
_refine.pdbx_solvent_vdw_probe_radii             ? 
_refine.pdbx_solvent_ion_probe_radii             ? 
_refine.pdbx_solvent_shrinkage_radii             ? 
_refine.pdbx_ls_cross_valid_method               THROUGHOUT 
_refine.details                                  ? 
_refine.pdbx_starting_model                      2CX3 
_refine.pdbx_method_to_determine_struct          'MOLECULAR REPLACEMENT' 
_refine.pdbx_isotropic_thermal_model             RESTRAINED 
_refine.pdbx_stereochemistry_target_values       'Engh & Huber' 
_refine.pdbx_stereochem_target_val_spec_case     ? 
_refine.pdbx_R_Free_selection_details            RANDOM 
_refine.pdbx_overall_ESU_R                       ? 
_refine.pdbx_overall_ESU_R_Free                  ? 
_refine.overall_SU_ML                            ? 
_refine.overall_SU_B                             ? 
_refine.ls_redundancy_reflns_obs                 ? 
_refine.B_iso_min                                ? 
_refine.B_iso_max                                ? 
_refine.overall_SU_R_Cruickshank_DPI             ? 
_refine.overall_SU_R_free                        ? 
_refine.ls_wR_factor_R_free                      ? 
_refine.ls_wR_factor_R_work                      ? 
_refine.overall_FOM_free_R_set                   ? 
_refine.overall_FOM_work_R_set                   ? 
_refine.pdbx_refine_id                           'X-RAY DIFFRACTION' 
_refine.pdbx_diffrn_id                           1 
_refine.pdbx_TLS_residual_ADP_flag               ? 
_refine.pdbx_overall_phase_error                 ? 
_refine.pdbx_overall_SU_R_free_Cruickshank_DPI   ? 
_refine.pdbx_overall_SU_R_Blow_DPI               ? 
_refine.pdbx_overall_SU_R_free_Blow_DPI          ? 
# 
_refine_analyze.entry_id                        2YWN 
_refine_analyze.Luzzati_coordinate_error_obs    0.18 
_refine_analyze.Luzzati_sigma_a_obs             0.05 
_refine_analyze.Luzzati_d_res_low_obs           5.00 
_refine_analyze.Luzzati_coordinate_error_free   0.20 
_refine_analyze.Luzzati_sigma_a_free            0.11 
_refine_analyze.Luzzati_d_res_low_free          ? 
_refine_analyze.number_disordered_residues      ? 
_refine_analyze.occupancy_sum_hydrogen          ? 
_refine_analyze.occupancy_sum_non_hydrogen      ? 
_refine_analyze.pdbx_Luzzati_d_res_high_obs     ? 
_refine_analyze.pdbx_refine_id                  'X-RAY DIFFRACTION' 
# 
_refine_hist.pdbx_refine_id                   'X-RAY DIFFRACTION' 
_refine_hist.cycle_id                         LAST 
_refine_hist.pdbx_number_atoms_protein        1204 
_refine_hist.pdbx_number_atoms_nucleic_acid   0 
_refine_hist.pdbx_number_atoms_ligand         0 
_refine_hist.number_atoms_solvent             156 
_refine_hist.number_atoms_total               1360 
_refine_hist.d_res_high                       1.60 
_refine_hist.d_res_low                        50.0 
# 
loop_
_refine_ls_restr.type 
_refine_ls_restr.dev_ideal 
_refine_ls_restr.dev_ideal_target 
_refine_ls_restr.weight 
_refine_ls_restr.number 
_refine_ls_restr.pdbx_refine_id 
_refine_ls_restr.pdbx_restraint_function 
c_bond_d                0.005 ?    ? ? 'X-RAY DIFFRACTION' ? 
c_bond_d_na             ?     ?    ? ? 'X-RAY DIFFRACTION' ? 
c_bond_d_prot           ?     ?    ? ? 'X-RAY DIFFRACTION' ? 
c_angle_d               ?     ?    ? ? 'X-RAY DIFFRACTION' ? 
c_angle_d_na            ?     ?    ? ? 'X-RAY DIFFRACTION' ? 
c_angle_d_prot          ?     ?    ? ? 'X-RAY DIFFRACTION' ? 
c_angle_deg             1.2   ?    ? ? 'X-RAY DIFFRACTION' ? 
c_angle_deg_na          ?     ?    ? ? 'X-RAY DIFFRACTION' ? 
c_angle_deg_prot        ?     ?    ? ? 'X-RAY DIFFRACTION' ? 
c_dihedral_angle_d      24.0  ?    ? ? 'X-RAY DIFFRACTION' ? 
c_dihedral_angle_d_na   ?     ?    ? ? 'X-RAY DIFFRACTION' ? 
c_dihedral_angle_d_prot ?     ?    ? ? 'X-RAY DIFFRACTION' ? 
c_improper_angle_d      0.77  ?    ? ? 'X-RAY DIFFRACTION' ? 
c_improper_angle_d_na   ?     ?    ? ? 'X-RAY DIFFRACTION' ? 
c_improper_angle_d_prot ?     ?    ? ? 'X-RAY DIFFRACTION' ? 
c_mcbond_it             1.12  1.50 ? ? 'X-RAY DIFFRACTION' ? 
c_mcangle_it            1.70  2.00 ? ? 'X-RAY DIFFRACTION' ? 
c_scbond_it             1.90  2.00 ? ? 'X-RAY DIFFRACTION' ? 
c_scangle_it            2.82  2.50 ? ? 'X-RAY DIFFRACTION' ? 
# 
_refine_ls_shell.pdbx_total_number_of_bins_used   6 
_refine_ls_shell.d_res_high                       1.60 
_refine_ls_shell.d_res_low                        1.70 
_refine_ls_shell.number_reflns_R_work             3289 
_refine_ls_shell.R_factor_R_work                  0.21 
_refine_ls_shell.percent_reflns_obs               99.0 
_refine_ls_shell.R_factor_R_free                  0.267 
_refine_ls_shell.R_factor_R_free_error            0.013 
_refine_ls_shell.percent_reflns_R_free            10.7 
_refine_ls_shell.number_reflns_R_free             396 
_refine_ls_shell.number_reflns_all                ? 
_refine_ls_shell.R_factor_all                     ? 
_refine_ls_shell.number_reflns_obs                ? 
_refine_ls_shell.redundancy_reflns_obs            ? 
_refine_ls_shell.pdbx_refine_id                   'X-RAY DIFFRACTION' 
# 
loop_
_pdbx_xplor_file.serial_no 
_pdbx_xplor_file.param_file 
_pdbx_xplor_file.topol_file 
_pdbx_xplor_file.pdbx_refine_id 
1 protein_rep.param protein.top   'X-RAY DIFFRACTION' 
2 water_rep.param   water_rep.top 'X-RAY DIFFRACTION' 
# 
_struct.entry_id                  2YWN 
_struct.title                     'Crystal structure of peroxiredoxin-like protein from Sulfolobus tokodaii' 
_struct.pdbx_model_details        ? 
_struct.pdbx_CASP_flag            ? 
_struct.pdbx_model_type_details   ? 
# 
_struct_keywords.entry_id        2YWN 
_struct_keywords.pdbx_keywords   OXIDOREDUCTASE 
_struct_keywords.text            
;Redox protein, Structural Genomics, NPPSFA, National Project on Protein Structural and Functional Analyses, RIKEN Structural Genomics/Proteomics Initiative, RSGI, OXIDOREDUCTASE
;
# 
loop_
_struct_asym.id 
_struct_asym.pdbx_blank_PDB_chainid_flag 
_struct_asym.pdbx_modified 
_struct_asym.entity_id 
_struct_asym.details 
A N N 1 ? 
B N N 2 ? 
# 
_struct_biol.id   1 
# 
loop_
_struct_conf.conf_type_id 
_struct_conf.id 
_struct_conf.pdbx_PDB_helix_id 
_struct_conf.beg_label_comp_id 
_struct_conf.beg_label_asym_id 
_struct_conf.beg_label_seq_id 
_struct_conf.pdbx_beg_PDB_ins_code 
_struct_conf.end_label_comp_id 
_struct_conf.end_label_asym_id 
_struct_conf.end_label_seq_id 
_struct_conf.pdbx_end_PDB_ins_code 
_struct_conf.beg_auth_comp_id 
_struct_conf.beg_auth_asym_id 
_struct_conf.beg_auth_seq_id 
_struct_conf.end_auth_comp_id 
_struct_conf.end_auth_asym_id 
_struct_conf.end_auth_seq_id 
_struct_conf.pdbx_PDB_helix_class 
_struct_conf.details 
_struct_conf.pdbx_PDB_helix_length 
HELX_P HELX_P1 1 SER A 26  ? LYS A 29  ? SER A 24  LYS A 27  5 ? 4  
HELX_P HELX_P2 2 ASP A 55  ? ASN A 61  ? ASP A 53  ASN A 59  5 ? 7  
HELX_P HELX_P3 3 PRO A 74  ? ASN A 85  ? PRO A 72  ASN A 83  1 ? 12 
HELX_P HELX_P4 4 ARG A 97  ? TYR A 103 ? ARG A 95  TYR A 101 1 ? 7  
HELX_P HELX_P5 5 PRO A 145 ? LEU A 156 ? PRO A 143 LEU A 154 1 ? 12 
# 
_struct_conf_type.id          HELX_P 
_struct_conf_type.criteria    ? 
_struct_conf_type.reference   ? 
# 
loop_
_struct_sheet.id 
_struct_sheet.type 
_struct_sheet.number_strands 
_struct_sheet.details 
A ? 2 ? 
B ? 5 ? 
C ? 2 ? 
# 
loop_
_struct_sheet_order.sheet_id 
_struct_sheet_order.range_id_1 
_struct_sheet_order.range_id_2 
_struct_sheet_order.offset 
_struct_sheet_order.sense 
A 1 2 ? anti-parallel 
B 1 2 ? parallel      
B 2 3 ? parallel      
B 3 4 ? anti-parallel 
B 4 5 ? anti-parallel 
C 1 2 ? anti-parallel 
# 
loop_
_struct_sheet_range.sheet_id 
_struct_sheet_range.id 
_struct_sheet_range.beg_label_comp_id 
_struct_sheet_range.beg_label_asym_id 
_struct_sheet_range.beg_label_seq_id 
_struct_sheet_range.pdbx_beg_PDB_ins_code 
_struct_sheet_range.end_label_comp_id 
_struct_sheet_range.end_label_asym_id 
_struct_sheet_range.end_label_seq_id 
_struct_sheet_range.pdbx_end_PDB_ins_code 
_struct_sheet_range.beg_auth_comp_id 
_struct_sheet_range.beg_auth_asym_id 
_struct_sheet_range.beg_auth_seq_id 
_struct_sheet_range.end_auth_comp_id 
_struct_sheet_range.end_auth_asym_id 
_struct_sheet_range.end_auth_seq_id 
A 1 GLU A 14  ? PRO A 16  ? GLU A 12  PRO A 14  
A 2 LYS A 22  ? LYS A 24  ? LYS A 20  LYS A 22  
B 1 THR A 90  ? SER A 93  ? THR A 88  SER A 91  
B 2 VAL A 66  ? SER A 71  ? VAL A 64  SER A 69  
B 3 VAL A 33  ? PHE A 37  ? VAL A 31  PHE A 35  
B 4 ARG A 120 ? ILE A 125 ? ARG A 118 ILE A 123 
B 5 VAL A 131 ? SER A 137 ? VAL A 129 SER A 135 
C 1 ALA A 106 ? GLU A 108 ? ALA A 104 GLU A 106 
C 2 VAL A 116 ? ALA A 118 ? VAL A 114 ALA A 116 
# 
loop_
_pdbx_struct_sheet_hbond.sheet_id 
_pdbx_struct_sheet_hbond.range_id_1 
_pdbx_struct_sheet_hbond.range_id_2 
_pdbx_struct_sheet_hbond.range_1_label_atom_id 
_pdbx_struct_sheet_hbond.range_1_label_comp_id 
_pdbx_struct_sheet_hbond.range_1_label_asym_id 
_pdbx_struct_sheet_hbond.range_1_label_seq_id 
_pdbx_struct_sheet_hbond.range_1_PDB_ins_code 
_pdbx_struct_sheet_hbond.range_1_auth_atom_id 
_pdbx_struct_sheet_hbond.range_1_auth_comp_id 
_pdbx_struct_sheet_hbond.range_1_auth_asym_id 
_pdbx_struct_sheet_hbond.range_1_auth_seq_id 
_pdbx_struct_sheet_hbond.range_2_label_atom_id 
_pdbx_struct_sheet_hbond.range_2_label_comp_id 
_pdbx_struct_sheet_hbond.range_2_label_asym_id 
_pdbx_struct_sheet_hbond.range_2_label_seq_id 
_pdbx_struct_sheet_hbond.range_2_PDB_ins_code 
_pdbx_struct_sheet_hbond.range_2_auth_atom_id 
_pdbx_struct_sheet_hbond.range_2_auth_comp_id 
_pdbx_struct_sheet_hbond.range_2_auth_asym_id 
_pdbx_struct_sheet_hbond.range_2_auth_seq_id 
A 1 2 N LEU A 15  ? N LEU A 13  O VAL A 23  ? O VAL A 21  
B 1 2 O LEU A 92  ? O LEU A 90  N GLY A 69  ? N GLY A 67  
B 2 3 O LEU A 68  ? O LEU A 66  N VAL A 34  ? N VAL A 32  
B 3 4 N VAL A 33  ? N VAL A 31  O ILE A 125 ? O ILE A 123 
B 4 5 N VAL A 124 ? N VAL A 122 O ARG A 132 ? O ARG A 130 
C 1 2 N TRP A 107 ? N TRP A 105 O LEU A 117 ? O LEU A 115 
# 
_atom_sites.entry_id                    2YWN 
_atom_sites.fract_transf_matrix[1][1]   0.00950187 
_atom_sites.fract_transf_matrix[1][2]   -0.00102554 
_atom_sites.fract_transf_matrix[1][3]   -0.01080078 
_atom_sites.fract_transf_matrix[2][1]   -0.00870814 
_atom_sites.fract_transf_matrix[2][2]   -0.00594838 
_atom_sites.fract_transf_matrix[2][3]   -0.00709610 
_atom_sites.fract_transf_matrix[3][1]   -0.00501459 
_atom_sites.fract_transf_matrix[3][2]   0.01421385 
_atom_sites.fract_transf_matrix[3][3]   -0.00576114 
_atom_sites.fract_transf_vector[1]      0.241523 
_atom_sites.fract_transf_vector[2]      0.112937 
_atom_sites.fract_transf_vector[3]      0.287984 
# 
loop_
_atom_type.symbol 
C 
N 
O 
S 
# 
loop_
_atom_site.group_PDB 
_atom_site.id 
_atom_site.type_symbol 
_atom_site.label_atom_id 
_atom_site.label_alt_id 
_atom_site.label_comp_id 
_atom_site.label_asym_id 
_atom_site.label_entity_id 
_atom_site.label_seq_id 
_atom_site.pdbx_PDB_ins_code 
_atom_site.Cartn_x 
_atom_site.Cartn_y 
_atom_site.Cartn_z 
_atom_site.occupancy 
_atom_site.B_iso_or_equiv 
_atom_site.pdbx_formal_charge 
_atom_site.auth_seq_id 
_atom_site.auth_comp_id 
_atom_site.auth_asym_id 
_atom_site.auth_atom_id 
_atom_site.pdbx_PDB_model_num 
ATOM   1    N N   . GLY A 1 1   ? 11.673  -2.663  -17.950 1.00 27.43 ? -2  GLY A N   1 
ATOM   2    C CA  . GLY A 1 1   ? 10.417  -2.144  -17.333 1.00 26.89 ? -2  GLY A CA  1 
ATOM   3    C C   . GLY A 1 1   ? 10.058  -2.900  -16.067 1.00 26.86 ? -2  GLY A C   1 
ATOM   4    O O   . GLY A 1 1   ? 10.714  -3.877  -15.714 1.00 26.78 ? -2  GLY A O   1 
ATOM   5    N N   . HIS A 1 2   ? 9.013   -2.449  -15.383 1.00 26.67 ? -1  HIS A N   1 
ATOM   6    C CA  . HIS A 1 2   ? 8.581   -3.097  -14.150 1.00 25.78 ? -1  HIS A CA  1 
ATOM   7    C C   . HIS A 1 2   ? 7.223   -3.756  -14.299 1.00 25.44 ? -1  HIS A C   1 
ATOM   8    O O   . HIS A 1 2   ? 6.268   -3.142  -14.779 1.00 25.72 ? -1  HIS A O   1 
ATOM   9    C CB  . HIS A 1 2   ? 8.539   -2.080  -13.011 1.00 23.68 ? -1  HIS A CB  1 
ATOM   10   C CG  . HIS A 1 2   ? 9.890   -1.604  -12.585 1.00 23.66 ? -1  HIS A CG  1 
ATOM   11   N ND1 . HIS A 1 2   ? 10.772  -2.403  -11.889 1.00 23.40 ? -1  HIS A ND1 1 
ATOM   12   C CD2 . HIS A 1 2   ? 10.521  -0.422  -12.776 1.00 23.03 ? -1  HIS A CD2 1 
ATOM   13   C CE1 . HIS A 1 2   ? 11.889  -1.733  -11.670 1.00 24.05 ? -1  HIS A CE1 1 
ATOM   14   N NE2 . HIS A 1 2   ? 11.764  -0.529  -12.198 1.00 25.28 ? -1  HIS A NE2 1 
ATOM   15   N N   . MET A 1 3   ? 7.149   -5.014  -13.879 1.00 25.79 ? 1   MET A N   1 
ATOM   16   C CA  . MET A 1 3   ? 5.917   -5.784  -13.953 1.00 27.44 ? 1   MET A CA  1 
ATOM   17   C C   . MET A 1 3   ? 5.901   -6.755  -12.773 1.00 25.66 ? 1   MET A C   1 
ATOM   18   O O   . MET A 1 3   ? 6.830   -7.544  -12.602 1.00 26.91 ? 1   MET A O   1 
ATOM   19   C CB  . MET A 1 3   ? 5.873   -6.569  -15.267 1.00 30.69 ? 1   MET A CB  1 
ATOM   20   C CG  . MET A 1 3   ? 4.475   -6.840  -15.797 1.00 35.86 ? 1   MET A CG  1 
ATOM   21   S SD  . MET A 1 3   ? 3.681   -5.338  -16.410 1.00 42.33 ? 1   MET A SD  1 
ATOM   22   C CE  . MET A 1 3   ? 4.472   -5.165  -18.010 1.00 40.59 ? 1   MET A CE  1 
ATOM   23   N N   . VAL A 1 4   ? 4.856   -6.688  -11.955 1.00 23.24 ? 2   VAL A N   1 
ATOM   24   C CA  . VAL A 1 4   ? 4.741   -7.575  -10.801 1.00 21.40 ? 2   VAL A CA  1 
ATOM   25   C C   . VAL A 1 4   ? 3.701   -8.658  -11.056 1.00 20.79 ? 2   VAL A C   1 
ATOM   26   O O   . VAL A 1 4   ? 2.544   -8.365  -11.365 1.00 20.33 ? 2   VAL A O   1 
ATOM   27   C CB  . VAL A 1 4   ? 4.351   -6.796  -9.526  1.00 20.29 ? 2   VAL A CB  1 
ATOM   28   C CG1 . VAL A 1 4   ? 4.179   -7.761  -8.358  1.00 20.00 ? 2   VAL A CG1 1 
ATOM   29   C CG2 . VAL A 1 4   ? 5.418   -5.762  -9.208  1.00 21.10 ? 2   VAL A CG2 1 
ATOM   30   N N   . GLU A 1 5   ? 4.122   -9.912  -10.922 1.00 20.20 ? 3   GLU A N   1 
ATOM   31   C CA  . GLU A 1 5   ? 3.236   -11.049 -11.144 1.00 22.15 ? 3   GLU A CA  1 
ATOM   32   C C   . GLU A 1 5   ? 3.248   -11.993 -9.948  1.00 21.27 ? 3   GLU A C   1 
ATOM   33   O O   . GLU A 1 5   ? 4.215   -12.040 -9.185  1.00 19.04 ? 3   GLU A O   1 
ATOM   34   C CB  . GLU A 1 5   ? 3.674   -11.813 -12.397 1.00 24.13 ? 3   GLU A CB  1 
ATOM   35   C CG  . GLU A 1 5   ? 3.793   -10.949 -13.649 1.00 27.52 ? 3   GLU A CG  1 
ATOM   36   C CD  . GLU A 1 5   ? 2.448   -10.491 -14.186 1.00 29.46 ? 3   GLU A CD  1 
ATOM   37   O OE1 . GLU A 1 5   ? 2.428   -9.561  -15.020 1.00 30.37 ? 3   GLU A OE1 1 
ATOM   38   O OE2 . GLU A 1 5   ? 1.413   -11.066 -13.784 1.00 31.28 ? 3   GLU A OE2 1 
ATOM   39   N N   . ILE A 1 6   ? 2.168   -12.750 -9.792  1.00 21.53 ? 4   ILE A N   1 
ATOM   40   C CA  . ILE A 1 6   ? 2.062   -13.708 -8.700  1.00 22.36 ? 4   ILE A CA  1 
ATOM   41   C C   . ILE A 1 6   ? 3.192   -14.728 -8.795  1.00 21.86 ? 4   ILE A C   1 
ATOM   42   O O   . ILE A 1 6   ? 3.563   -15.158 -9.890  1.00 22.02 ? 4   ILE A O   1 
ATOM   43   C CB  . ILE A 1 6   ? 0.707   -14.453 -8.747  1.00 24.22 ? 4   ILE A CB  1 
ATOM   44   C CG1 . ILE A 1 6   ? -0.436  -13.463 -8.510  1.00 26.12 ? 4   ILE A CG1 1 
ATOM   45   C CG2 . ILE A 1 6   ? 0.680   -15.572 -7.713  1.00 23.72 ? 4   ILE A CG2 1 
ATOM   46   C CD1 . ILE A 1 6   ? -0.314  -12.679 -7.221  1.00 26.64 ? 4   ILE A CD1 1 
ATOM   47   N N   . GLY A 1 7   ? 3.740   -15.106 -7.645  1.00 21.00 ? 5   GLY A N   1 
ATOM   48   C CA  . GLY A 1 7   ? 4.812   -16.086 -7.619  1.00 20.95 ? 5   GLY A CA  1 
ATOM   49   C C   . GLY A 1 7   ? 6.203   -15.482 -7.636  1.00 21.02 ? 5   GLY A C   1 
ATOM   50   O O   . GLY A 1 7   ? 7.186   -16.170 -7.356  1.00 21.53 ? 5   GLY A O   1 
ATOM   51   N N   . GLU A 1 8   ? 6.288   -14.198 -7.966  1.00 20.90 ? 6   GLU A N   1 
ATOM   52   C CA  . GLU A 1 8   ? 7.568   -13.501 -8.020  1.00 20.83 ? 6   GLU A CA  1 
ATOM   53   C C   . GLU A 1 8   ? 7.940   -12.930 -6.660  1.00 20.34 ? 6   GLU A C   1 
ATOM   54   O O   . GLU A 1 8   ? 7.076   -12.691 -5.819  1.00 19.47 ? 6   GLU A O   1 
ATOM   55   C CB  . GLU A 1 8   ? 7.511   -12.348 -9.026  1.00 22.09 ? 6   GLU A CB  1 
ATOM   56   C CG  . GLU A 1 8   ? 7.324   -12.756 -10.477 1.00 25.95 ? 6   GLU A CG  1 
ATOM   57   C CD  . GLU A 1 8   ? 7.242   -11.555 -11.403 1.00 27.80 ? 6   GLU A CD  1 
ATOM   58   O OE1 . GLU A 1 8   ? 7.235   -11.750 -12.638 1.00 29.40 ? 6   GLU A OE1 1 
ATOM   59   O OE2 . GLU A 1 8   ? 7.183   -10.413 -10.892 1.00 28.02 ? 6   GLU A OE2 1 
ATOM   60   N N   . LEU A 1 9   ? 9.234   -12.718 -6.446  1.00 19.72 ? 7   LEU A N   1 
ATOM   61   C CA  . LEU A 1 9   ? 9.700   -12.130 -5.196  1.00 19.92 ? 7   LEU A CA  1 
ATOM   62   C C   . LEU A 1 9   ? 9.314   -10.656 -5.286  1.00 19.17 ? 7   LEU A C   1 
ATOM   63   O O   . LEU A 1 9   ? 9.665   -9.979  -6.251  1.00 20.36 ? 7   LEU A O   1 
ATOM   64   C CB  . LEU A 1 9   ? 11.220  -12.266 -5.081  1.00 22.91 ? 7   LEU A CB  1 
ATOM   65   C CG  . LEU A 1 9   ? 11.867  -11.813 -3.770  1.00 25.43 ? 7   LEU A CG  1 
ATOM   66   C CD1 . LEU A 1 9   ? 11.388  -12.703 -2.629  1.00 26.59 ? 7   LEU A CD1 1 
ATOM   67   C CD2 . LEU A 1 9   ? 13.382  -11.885 -3.898  1.00 26.28 ? 7   LEU A CD2 1 
ATOM   68   N N   . ALA A 1 10  ? 8.578   -10.162 -4.296  1.00 16.09 ? 8   ALA A N   1 
ATOM   69   C CA  . ALA A 1 10  ? 8.150   -8.767  -4.299  1.00 16.59 ? 8   ALA A CA  1 
ATOM   70   C C   . ALA A 1 10  ? 9.347   -7.825  -4.302  1.00 14.19 ? 8   ALA A C   1 
ATOM   71   O O   . ALA A 1 10  ? 10.288  -8.011  -3.530  1.00 15.52 ? 8   ALA A O   1 
ATOM   72   C CB  . ALA A 1 10  ? 7.275   -8.485  -3.077  1.00 14.41 ? 8   ALA A CB  1 
ATOM   73   N N   . PRO A 1 11  ? 9.329   -6.803  -5.176  1.00 14.30 ? 9   PRO A N   1 
ATOM   74   C CA  . PRO A 1 11  ? 10.433  -5.840  -5.248  1.00 14.26 ? 9   PRO A CA  1 
ATOM   75   C C   . PRO A 1 11  ? 10.667  -5.213  -3.880  1.00 14.26 ? 9   PRO A C   1 
ATOM   76   O O   . PRO A 1 11  ? 9.732   -4.706  -3.253  1.00 14.53 ? 9   PRO A O   1 
ATOM   77   C CB  . PRO A 1 11  ? 9.937   -4.821  -6.267  1.00 14.14 ? 9   PRO A CB  1 
ATOM   78   C CG  . PRO A 1 11  ? 9.092   -5.653  -7.181  1.00 14.71 ? 9   PRO A CG  1 
ATOM   79   C CD  . PRO A 1 11  ? 8.319   -6.515  -6.211  1.00 13.60 ? 9   PRO A CD  1 
ATOM   80   N N   . ASP A 1 12  ? 11.910  -5.247  -3.417  1.00 14.28 ? 10  ASP A N   1 
ATOM   81   C CA  . ASP A 1 12  ? 12.229  -4.688  -2.114  1.00 14.34 ? 10  ASP A CA  1 
ATOM   82   C C   . ASP A 1 12  ? 12.268  -3.168  -2.189  1.00 13.64 ? 10  ASP A C   1 
ATOM   83   O O   . ASP A 1 12  ? 12.406  -2.585  -3.267  1.00 14.08 ? 10  ASP A O   1 
ATOM   84   C CB  . ASP A 1 12  ? 13.582  -5.220  -1.630  1.00 14.90 ? 10  ASP A CB  1 
ATOM   85   C CG  . ASP A 1 12  ? 13.760  -5.106  -0.122  1.00 15.72 ? 10  ASP A CG  1 
ATOM   86   O OD1 . ASP A 1 12  ? 14.879  -5.383  0.365   1.00 19.09 ? 10  ASP A OD1 1 
ATOM   87   O OD2 . ASP A 1 12  ? 12.789  -4.754  0.584   1.00 13.50 ? 10  ASP A OD2 1 
ATOM   88   N N   . PHE A 1 13  ? 12.126  -2.531  -1.035  1.00 12.67 ? 11  PHE A N   1 
ATOM   89   C CA  . PHE A 1 13  ? 12.162  -1.079  -0.954  1.00 12.47 ? 11  PHE A CA  1 
ATOM   90   C C   . PHE A 1 13  ? 12.279  -0.651  0.497   1.00 13.06 ? 11  PHE A C   1 
ATOM   91   O O   . PHE A 1 13  ? 12.045  -1.443  1.414   1.00 13.97 ? 11  PHE A O   1 
ATOM   92   C CB  . PHE A 1 13  ? 10.899  -0.456  -1.566  1.00 13.04 ? 11  PHE A CB  1 
ATOM   93   C CG  . PHE A 1 13  ? 9.617   -0.881  -0.895  1.00 10.67 ? 11  PHE A CG  1 
ATOM   94   C CD1 . PHE A 1 13  ? 8.825   -1.884  -1.447  1.00 12.24 ? 11  PHE A CD1 1 
ATOM   95   C CD2 . PHE A 1 13  ? 9.203   -0.277  0.290   1.00 11.17 ? 11  PHE A CD2 1 
ATOM   96   C CE1 . PHE A 1 13  ? 7.637   -2.279  -0.832  1.00 11.77 ? 11  PHE A CE1 1 
ATOM   97   C CE2 . PHE A 1 13  ? 8.018   -0.667  0.913   1.00 9.94  ? 11  PHE A CE2 1 
ATOM   98   C CZ  . PHE A 1 13  ? 7.232   -1.671  0.348   1.00 11.68 ? 11  PHE A CZ  1 
ATOM   99   N N   . GLU A 1 14  ? 12.656  0.605   0.695   1.00 13.63 ? 12  GLU A N   1 
ATOM   100  C CA  . GLU A 1 14  ? 12.786  1.173   2.027   1.00 14.76 ? 12  GLU A CA  1 
ATOM   101  C C   . GLU A 1 14  ? 12.212  2.581   1.955   1.00 13.41 ? 12  GLU A C   1 
ATOM   102  O O   . GLU A 1 14  ? 12.709  3.427   1.212   1.00 15.62 ? 12  GLU A O   1 
ATOM   103  C CB  . GLU A 1 14  ? 14.255  1.219   2.454   1.00 17.43 ? 12  GLU A CB  1 
ATOM   104  C CG  . GLU A 1 14  ? 14.460  1.605   3.910   1.00 19.27 ? 12  GLU A CG  1 
ATOM   105  C CD  . GLU A 1 14  ? 15.910  1.513   4.338   1.00 21.00 ? 12  GLU A CD  1 
ATOM   106  O OE1 . GLU A 1 14  ? 16.741  2.263   3.787   1.00 25.62 ? 12  GLU A OE1 1 
ATOM   107  O OE2 . GLU A 1 14  ? 16.218  0.689   5.223   1.00 24.70 ? 12  GLU A OE2 1 
ATOM   108  N N   . LEU A 1 15  ? 11.145  2.819   2.714   1.00 11.09 ? 13  LEU A N   1 
ATOM   109  C CA  . LEU A 1 15  ? 10.487  4.123   2.736   1.00 10.62 ? 13  LEU A CA  1 
ATOM   110  C C   . LEU A 1 15  ? 10.274  4.583   4.168   1.00 10.64 ? 13  LEU A C   1 
ATOM   111  O O   . LEU A 1 15  ? 10.215  3.768   5.088   1.00 11.88 ? 13  LEU A O   1 
ATOM   112  C CB  . LEU A 1 15  ? 9.120   4.051   2.050   1.00 11.08 ? 13  LEU A CB  1 
ATOM   113  C CG  . LEU A 1 15  ? 9.057   3.806   0.544   1.00 10.90 ? 13  LEU A CG  1 
ATOM   114  C CD1 . LEU A 1 15  ? 7.596   3.653   0.133   1.00 10.09 ? 13  LEU A CD1 1 
ATOM   115  C CD2 . LEU A 1 15  ? 9.709   4.961   -0.201  1.00 11.26 ? 13  LEU A CD2 1 
ATOM   116  N N   . PRO A 1 16  ? 10.150  5.902   4.373   1.00 10.96 ? 14  PRO A N   1 
ATOM   117  C CA  . PRO A 1 16  ? 9.939   6.416   5.726   1.00 11.65 ? 14  PRO A CA  1 
ATOM   118  C C   . PRO A 1 16  ? 8.481   6.294   6.142   1.00 10.82 ? 14  PRO A C   1 
ATOM   119  O O   . PRO A 1 16  ? 7.578   6.479   5.317   1.00 10.49 ? 14  PRO A O   1 
ATOM   120  C CB  . PRO A 1 16  ? 10.371  7.873   5.605   1.00 11.59 ? 14  PRO A CB  1 
ATOM   121  C CG  . PRO A 1 16  ? 9.912   8.222   4.219   1.00 12.42 ? 14  PRO A CG  1 
ATOM   122  C CD  . PRO A 1 16  ? 10.340  7.007   3.411   1.00 11.55 ? 14  PRO A CD  1 
ATOM   123  N N   . ASP A 1 17  ? 8.243   5.961   7.408   1.00 10.76 ? 15  ASP A N   1 
ATOM   124  C CA  . ASP A 1 17  ? 6.870   5.886   7.875   1.00 10.79 ? 15  ASP A CA  1 
ATOM   125  C C   . ASP A 1 17  ? 6.477   7.277   8.375   1.00 12.71 ? 15  ASP A C   1 
ATOM   126  O O   . ASP A 1 17  ? 7.189   8.252   8.129   1.00 12.16 ? 15  ASP A O   1 
ATOM   127  C CB  . ASP A 1 17  ? 6.680   4.808   8.964   1.00 11.65 ? 15  ASP A CB  1 
ATOM   128  C CG  . ASP A 1 17  ? 7.425   5.103   10.257  1.00 12.28 ? 15  ASP A CG  1 
ATOM   129  O OD1 . ASP A 1 17  ? 7.947   6.221   10.444  1.00 11.70 ? 15  ASP A OD1 1 
ATOM   130  O OD2 . ASP A 1 17  ? 7.465   4.185   11.107  1.00 13.72 ? 15  ASP A OD2 1 
ATOM   131  N N   . THR A 1 18  ? 5.349   7.376   9.060   1.00 12.28 ? 16  THR A N   1 
ATOM   132  C CA  . THR A 1 18  ? 4.883   8.670   9.540   1.00 11.48 ? 16  THR A CA  1 
ATOM   133  C C   . THR A 1 18  ? 5.750   9.317   10.619  1.00 13.08 ? 16  THR A C   1 
ATOM   134  O O   . THR A 1 18  ? 5.561   10.489  10.942  1.00 12.89 ? 16  THR A O   1 
ATOM   135  C CB  . THR A 1 18  ? 3.426   8.573   10.022  1.00 11.01 ? 16  THR A CB  1 
ATOM   136  O OG1 . THR A 1 18  ? 3.302   7.503   10.967  1.00 11.75 ? 16  THR A OG1 1 
ATOM   137  C CG2 . THR A 1 18  ? 2.499   8.319   8.838   1.00 12.48 ? 16  THR A CG2 1 
ATOM   138  N N   . GLU A 1 19  ? 6.696   8.555   11.163  1.00 13.22 ? 17  GLU A N   1 
ATOM   139  C CA  . GLU A 1 19  ? 7.617   9.063   12.179  1.00 14.01 ? 17  GLU A CA  1 
ATOM   140  C C   . GLU A 1 19  ? 9.001   9.231   11.555  1.00 15.79 ? 17  GLU A C   1 
ATOM   141  O O   . GLU A 1 19  ? 9.991   9.469   12.251  1.00 16.28 ? 17  GLU A O   1 
ATOM   142  C CB  . GLU A 1 19  ? 7.696   8.094   13.363  1.00 16.88 ? 17  GLU A CB  1 
ATOM   143  C CG  . GLU A 1 19  ? 6.398   7.969   14.151  1.00 19.86 ? 17  GLU A CG  1 
ATOM   144  C CD  . GLU A 1 19  ? 5.954   9.288   14.751  1.00 22.44 ? 17  GLU A CD  1 
ATOM   145  O OE1 . GLU A 1 19  ? 6.770   9.928   15.449  1.00 26.89 ? 17  GLU A OE1 1 
ATOM   146  O OE2 . GLU A 1 19  ? 4.791   9.684   14.529  1.00 22.50 ? 17  GLU A OE2 1 
ATOM   147  N N   . LEU A 1 20  ? 9.053   9.103   10.231  1.00 14.99 ? 18  LEU A N   1 
ATOM   148  C CA  . LEU A 1 20  ? 10.287  9.230   9.456   1.00 15.76 ? 18  LEU A CA  1 
ATOM   149  C C   . LEU A 1 20  ? 11.257  8.071   9.660   1.00 16.68 ? 18  LEU A C   1 
ATOM   150  O O   . LEU A 1 20  ? 12.435  8.163   9.302   1.00 16.92 ? 18  LEU A O   1 
ATOM   151  C CB  . LEU A 1 20  ? 10.991  10.554  9.773   1.00 15.61 ? 18  LEU A CB  1 
ATOM   152  C CG  . LEU A 1 20  ? 10.137  11.817  9.645   1.00 18.92 ? 18  LEU A CG  1 
ATOM   153  C CD1 . LEU A 1 20  ? 10.971  13.040  10.016  1.00 18.76 ? 18  LEU A CD1 1 
ATOM   154  C CD2 . LEU A 1 20  ? 9.607   11.940  8.224   1.00 19.00 ? 18  LEU A CD2 1 
ATOM   155  N N   . LYS A 1 21  ? 10.762  6.977   10.230  1.00 14.74 ? 19  LYS A N   1 
ATOM   156  C CA  . LYS A 1 21  ? 11.596  5.802   10.455  1.00 16.32 ? 19  LYS A CA  1 
ATOM   157  C C   . LYS A 1 21  ? 11.626  4.973   9.175   1.00 16.87 ? 19  LYS A C   1 
ATOM   158  O O   . LYS A 1 21  ? 10.599  4.781   8.526   1.00 15.42 ? 19  LYS A O   1 
ATOM   159  C CB  . LYS A 1 21  ? 11.038  4.958   11.607  1.00 17.72 ? 19  LYS A CB  1 
ATOM   160  C CG  . LYS A 1 21  ? 11.855  3.706   11.896  1.00 20.77 ? 19  LYS A CG  1 
ATOM   161  C CD  . LYS A 1 21  ? 11.225  2.846   12.985  1.00 25.21 ? 19  LYS A CD  1 
ATOM   162  C CE  . LYS A 1 21  ? 12.050  1.585   13.227  1.00 28.70 ? 19  LYS A CE  1 
ATOM   163  N NZ  . LYS A 1 21  ? 11.393  0.636   14.174  1.00 32.15 ? 19  LYS A NZ  1 
ATOM   164  N N   . LYS A 1 22  ? 12.810  4.493   8.812   1.00 16.31 ? 20  LYS A N   1 
ATOM   165  C CA  . LYS A 1 22  ? 12.967  3.689   7.610   1.00 16.77 ? 20  LYS A CA  1 
ATOM   166  C C   . LYS A 1 22  ? 12.339  2.315   7.786   1.00 15.73 ? 20  LYS A C   1 
ATOM   167  O O   . LYS A 1 22  ? 12.600  1.625   8.770   1.00 17.14 ? 20  LYS A O   1 
ATOM   168  C CB  . LYS A 1 22  ? 14.452  3.534   7.268   1.00 20.02 ? 20  LYS A CB  1 
ATOM   169  C CG  . LYS A 1 22  ? 15.105  4.804   6.766   1.00 24.39 ? 20  LYS A CG  1 
ATOM   170  C CD  . LYS A 1 22  ? 16.606  4.623   6.595   1.00 28.25 ? 20  LYS A CD  1 
ATOM   171  C CE  . LYS A 1 22  ? 17.221  5.820   5.886   1.00 31.40 ? 20  LYS A CE  1 
ATOM   172  N NZ  . LYS A 1 22  ? 16.856  7.105   6.547   1.00 35.23 ? 20  LYS A NZ  1 
ATOM   173  N N   . VAL A 1 23  ? 11.499  1.930   6.832   1.00 14.85 ? 21  VAL A N   1 
ATOM   174  C CA  . VAL A 1 23  ? 10.844  0.629   6.858   1.00 14.01 ? 21  VAL A CA  1 
ATOM   175  C C   . VAL A 1 23  ? 11.229  -0.106  5.581   1.00 13.25 ? 21  VAL A C   1 
ATOM   176  O O   . VAL A 1 23  ? 10.958  0.367   4.475   1.00 13.75 ? 21  VAL A O   1 
ATOM   177  C CB  . VAL A 1 23  ? 9.300   0.761   6.934   1.00 14.05 ? 21  VAL A CB  1 
ATOM   178  C CG1 . VAL A 1 23  ? 8.650   -0.620  6.870   1.00 14.32 ? 21  VAL A CG1 1 
ATOM   179  C CG2 . VAL A 1 23  ? 8.906   1.460   8.229   1.00 15.25 ? 21  VAL A CG2 1 
ATOM   180  N N   . LYS A 1 24  ? 11.876  -1.256  5.745   1.00 13.40 ? 22  LYS A N   1 
ATOM   181  C CA  . LYS A 1 24  ? 12.322  -2.063  4.617   1.00 12.83 ? 22  LYS A CA  1 
ATOM   182  C C   . LYS A 1 24  ? 11.450  -3.310  4.479   1.00 13.55 ? 22  LYS A C   1 
ATOM   183  O O   . LYS A 1 24  ? 11.245  -4.045  5.443   1.00 14.51 ? 22  LYS A O   1 
ATOM   184  C CB  . LYS A 1 24  ? 13.787  -2.459  4.828   1.00 15.89 ? 22  LYS A CB  1 
ATOM   185  C CG  . LYS A 1 24  ? 14.388  -3.279  3.699   1.00 18.79 ? 22  LYS A CG  1 
ATOM   186  C CD  . LYS A 1 24  ? 15.820  -3.685  4.022   1.00 23.80 ? 22  LYS A CD  1 
ATOM   187  C CE  . LYS A 1 24  ? 16.749  -2.483  4.036   1.00 26.65 ? 22  LYS A CE  1 
ATOM   188  N NZ  . LYS A 1 24  ? 16.862  -1.859  2.687   1.00 30.05 ? 22  LYS A NZ  1 
ATOM   189  N N   . LEU A 1 25  ? 10.938  -3.549  3.275   1.00 11.30 ? 23  LEU A N   1 
ATOM   190  C CA  . LEU A 1 25  ? 10.076  -4.703  3.034   1.00 12.17 ? 23  LEU A CA  1 
ATOM   191  C C   . LEU A 1 25  ? 10.716  -6.059  3.354   1.00 13.91 ? 23  LEU A C   1 
ATOM   192  O O   . LEU A 1 25  ? 10.116  -6.883  4.048   1.00 12.60 ? 23  LEU A O   1 
ATOM   193  C CB  . LEU A 1 25  ? 9.584   -4.706  1.578   1.00 12.55 ? 23  LEU A CB  1 
ATOM   194  C CG  . LEU A 1 25  ? 8.663   -5.878  1.218   1.00 12.33 ? 23  LEU A CG  1 
ATOM   195  C CD1 . LEU A 1 25  ? 7.379   -5.797  2.048   1.00 14.78 ? 23  LEU A CD1 1 
ATOM   196  C CD2 . LEU A 1 25  ? 8.339   -5.852  -0.272  1.00 14.21 ? 23  LEU A CD2 1 
ATOM   197  N N   . SER A 1 26  ? 11.925  -6.292  2.856   1.00 14.51 ? 24  SER A N   1 
ATOM   198  C CA  . SER A 1 26  ? 12.591  -7.571  3.087   1.00 15.56 ? 24  SER A CA  1 
ATOM   199  C C   . SER A 1 26  ? 12.801  -7.908  4.560   1.00 16.42 ? 24  SER A C   1 
ATOM   200  O O   . SER A 1 26  ? 12.931  -9.079  4.919   1.00 16.33 ? 24  SER A O   1 
ATOM   201  C CB  . SER A 1 26  ? 13.929  -7.619  2.336   1.00 16.20 ? 24  SER A CB  1 
ATOM   202  O OG  . SER A 1 26  ? 14.774  -6.547  2.703   1.00 16.30 ? 24  SER A OG  1 
ATOM   203  N N   . ALA A 1 27  ? 12.819  -6.891  5.416   1.00 15.48 ? 25  ALA A N   1 
ATOM   204  C CA  . ALA A 1 27  ? 13.010  -7.107  6.844   1.00 14.71 ? 25  ALA A CA  1 
ATOM   205  C C   . ALA A 1 27  ? 11.773  -7.746  7.463   1.00 16.26 ? 25  ALA A C   1 
ATOM   206  O O   . ALA A 1 27  ? 11.785  -8.136  8.628   1.00 16.51 ? 25  ALA A O   1 
ATOM   207  C CB  . ALA A 1 27  ? 13.319  -5.784  7.541   1.00 15.54 ? 25  ALA A CB  1 
ATOM   208  N N   . LEU A 1 28  ? 10.708  -7.860  6.675   1.00 15.55 ? 26  LEU A N   1 
ATOM   209  C CA  . LEU A 1 28  ? 9.466   -8.448  7.156   1.00 16.07 ? 26  LEU A CA  1 
ATOM   210  C C   . LEU A 1 28  ? 9.306   -9.924  6.801   1.00 16.32 ? 26  LEU A C   1 
ATOM   211  O O   . LEU A 1 28  ? 8.287   -10.532 7.127   1.00 16.74 ? 26  LEU A O   1 
ATOM   212  C CB  . LEU A 1 28  ? 8.269   -7.646  6.634   1.00 15.42 ? 26  LEU A CB  1 
ATOM   213  C CG  . LEU A 1 28  ? 8.077   -6.293  7.325   1.00 17.31 ? 26  LEU A CG  1 
ATOM   214  C CD1 . LEU A 1 28  ? 7.063   -5.454  6.566   1.00 15.28 ? 26  LEU A CD1 1 
ATOM   215  C CD2 . LEU A 1 28  ? 7.615   -6.528  8.758   1.00 17.23 ? 26  LEU A CD2 1 
ATOM   216  N N   . LYS A 1 29  ? 10.302  -10.502 6.133   1.00 17.78 ? 27  LYS A N   1 
ATOM   217  C CA  . LYS A 1 29  ? 10.231  -11.919 5.790   1.00 19.46 ? 27  LYS A CA  1 
ATOM   218  C C   . LYS A 1 29  ? 9.937   -12.691 7.072   1.00 18.96 ? 27  LYS A C   1 
ATOM   219  O O   . LYS A 1 29  ? 10.457  -12.360 8.139   1.00 18.91 ? 27  LYS A O   1 
ATOM   220  C CB  . LYS A 1 29  ? 11.547  -12.408 5.175   1.00 21.53 ? 27  LYS A CB  1 
ATOM   221  C CG  . LYS A 1 29  ? 11.701  -12.090 3.696   1.00 25.04 ? 27  LYS A CG  1 
ATOM   222  C CD  . LYS A 1 29  ? 12.882  -12.849 3.099   1.00 27.47 ? 27  LYS A CD  1 
ATOM   223  C CE  . LYS A 1 29  ? 12.965  -12.669 1.586   1.00 28.74 ? 27  LYS A CE  1 
ATOM   224  N NZ  . LYS A 1 29  ? 13.227  -11.254 1.199   1.00 29.54 ? 27  LYS A NZ  1 
ATOM   225  N N   . GLY A 1 30  ? 9.099   -13.715 6.964   1.00 17.57 ? 28  GLY A N   1 
ATOM   226  C CA  . GLY A 1 30  ? 8.728   -14.491 8.131   1.00 17.22 ? 28  GLY A CA  1 
ATOM   227  C C   . GLY A 1 30  ? 7.344   -14.071 8.587   1.00 15.60 ? 28  GLY A C   1 
ATOM   228  O O   . GLY A 1 30  ? 6.750   -14.686 9.475   1.00 17.41 ? 28  GLY A O   1 
ATOM   229  N N   . LYS A 1 31  ? 6.827   -13.012 7.970   1.00 15.02 ? 29  LYS A N   1 
ATOM   230  C CA  . LYS A 1 31  ? 5.501   -12.499 8.293   1.00 13.18 ? 29  LYS A CA  1 
ATOM   231  C C   . LYS A 1 31  ? 4.734   -12.229 7.005   1.00 12.38 ? 29  LYS A C   1 
ATOM   232  O O   . LYS A 1 31  ? 5.331   -11.885 5.983   1.00 13.27 ? 29  LYS A O   1 
ATOM   233  C CB  . LYS A 1 31  ? 5.607   -11.187 9.075   1.00 15.38 ? 29  LYS A CB  1 
ATOM   234  C CG  . LYS A 1 31  ? 6.346   -11.287 10.398  1.00 19.49 ? 29  LYS A CG  1 
ATOM   235  C CD  . LYS A 1 31  ? 6.549   -9.901  10.987  1.00 21.79 ? 29  LYS A CD  1 
ATOM   236  C CE  . LYS A 1 31  ? 7.342   -9.941  12.279  1.00 24.87 ? 29  LYS A CE  1 
ATOM   237  N NZ  . LYS A 1 31  ? 7.675   -8.562  12.741  1.00 25.60 ? 29  LYS A NZ  1 
ATOM   238  N N   . VAL A 1 32  ? 3.418   -12.399 7.050   1.00 12.49 ? 30  VAL A N   1 
ATOM   239  C CA  . VAL A 1 32  ? 2.595   -12.113 5.880   1.00 11.40 ? 30  VAL A CA  1 
ATOM   240  C C   . VAL A 1 32  ? 2.480   -10.597 5.831   1.00 12.38 ? 30  VAL A C   1 
ATOM   241  O O   . VAL A 1 32  ? 2.261   -9.949  6.854   1.00 12.87 ? 30  VAL A O   1 
ATOM   242  C CB  . VAL A 1 32  ? 1.181   -12.728 5.997   1.00 11.86 ? 30  VAL A CB  1 
ATOM   243  C CG1 . VAL A 1 32  ? 0.347   -12.361 4.772   1.00 11.60 ? 30  VAL A CG1 1 
ATOM   244  C CG2 . VAL A 1 32  ? 1.282   -14.244 6.124   1.00 14.20 ? 30  VAL A CG2 1 
ATOM   245  N N   . VAL A 1 33  ? 2.636   -10.036 4.637   1.00 11.40 ? 31  VAL A N   1 
ATOM   246  C CA  . VAL A 1 33  ? 2.574   -8.592  4.459   1.00 10.48 ? 31  VAL A CA  1 
ATOM   247  C C   . VAL A 1 33  ? 1.511   -8.216  3.438   1.00 11.24 ? 31  VAL A C   1 
ATOM   248  O O   . VAL A 1 33  ? 1.286   -8.935  2.469   1.00 12.11 ? 31  VAL A O   1 
ATOM   249  C CB  . VAL A 1 33  ? 3.942   -8.047  3.970   1.00 10.60 ? 31  VAL A CB  1 
ATOM   250  C CG1 . VAL A 1 33  ? 3.861   -6.541  3.736   1.00 11.20 ? 31  VAL A CG1 1 
ATOM   251  C CG2 . VAL A 1 33  ? 5.026   -8.365  4.998   1.00 12.23 ? 31  VAL A CG2 1 
ATOM   252  N N   . VAL A 1 34  ? 0.846   -7.092  3.675   1.00 9.72  ? 32  VAL A N   1 
ATOM   253  C CA  . VAL A 1 34  ? -0.161  -6.603  2.749   1.00 7.95  ? 32  VAL A CA  1 
ATOM   254  C C   . VAL A 1 34  ? 0.196   -5.172  2.399   1.00 8.32  ? 32  VAL A C   1 
ATOM   255  O O   . VAL A 1 34  ? 0.279   -4.317  3.280   1.00 10.35 ? 32  VAL A O   1 
ATOM   256  C CB  . VAL A 1 34  ? -1.575  -6.629  3.366   1.00 6.87  ? 32  VAL A CB  1 
ATOM   257  C CG1 . VAL A 1 34  ? -2.574  -5.983  2.411   1.00 10.23 ? 32  VAL A CG1 1 
ATOM   258  C CG2 . VAL A 1 34  ? -1.980  -8.069  3.657   1.00 8.95  ? 32  VAL A CG2 1 
ATOM   259  N N   . LEU A 1 35  ? 0.447   -4.922  1.117   1.00 8.66  ? 33  LEU A N   1 
ATOM   260  C CA  . LEU A 1 35  ? 0.760   -3.578  0.662   1.00 8.72  ? 33  LEU A CA  1 
ATOM   261  C C   . LEU A 1 35  ? -0.556  -2.972  0.213   1.00 9.88  ? 33  LEU A C   1 
ATOM   262  O O   . LEU A 1 35  ? -1.254  -3.542  -0.625  1.00 10.05 ? 33  LEU A O   1 
ATOM   263  C CB  . LEU A 1 35  ? 1.732   -3.606  -0.519  1.00 9.80  ? 33  LEU A CB  1 
ATOM   264  C CG  . LEU A 1 35  ? 3.057   -4.345  -0.338  1.00 9.69  ? 33  LEU A CG  1 
ATOM   265  C CD1 . LEU A 1 35  ? 3.882   -4.162  -1.605  1.00 11.96 ? 33  LEU A CD1 1 
ATOM   266  C CD2 . LEU A 1 35  ? 3.811   -3.815  0.876   1.00 9.50  ? 33  LEU A CD2 1 
ATOM   267  N N   . ALA A 1 36  ? -0.906  -1.827  0.788   1.00 7.86  ? 34  ALA A N   1 
ATOM   268  C CA  . ALA A 1 36  ? -2.146  -1.159  0.430   1.00 7.86  ? 34  ALA A CA  1 
ATOM   269  C C   . ALA A 1 36  ? -1.826  0.230   -0.110  1.00 8.61  ? 34  ALA A C   1 
ATOM   270  O O   . ALA A 1 36  ? -1.607  1.172   0.653   1.00 9.39  ? 34  ALA A O   1 
ATOM   271  C CB  . ALA A 1 36  ? -3.057  -1.061  1.648   1.00 8.65  ? 34  ALA A CB  1 
ATOM   272  N N   . PHE A 1 37  ? -1.783  0.340   -1.435  1.00 8.14  ? 35  PHE A N   1 
ATOM   273  C CA  . PHE A 1 37  ? -1.493  1.599   -2.109  1.00 8.63  ? 35  PHE A CA  1 
ATOM   274  C C   . PHE A 1 37  ? -2.760  2.430   -2.237  1.00 9.61  ? 35  PHE A C   1 
ATOM   275  O O   . PHE A 1 37  ? -3.824  1.901   -2.552  1.00 8.79  ? 35  PHE A O   1 
ATOM   276  C CB  . PHE A 1 37  ? -0.982  1.345   -3.529  1.00 9.21  ? 35  PHE A CB  1 
ATOM   277  C CG  . PHE A 1 37  ? 0.414   0.796   -3.605  1.00 9.58  ? 35  PHE A CG  1 
ATOM   278  C CD1 . PHE A 1 37  ? 1.507   1.651   -3.724  1.00 10.17 ? 35  PHE A CD1 1 
ATOM   279  C CD2 . PHE A 1 37  ? 0.635   -0.579  -3.615  1.00 9.72  ? 35  PHE A CD2 1 
ATOM   280  C CE1 . PHE A 1 37  ? 2.800   1.144   -3.859  1.00 9.94  ? 35  PHE A CE1 1 
ATOM   281  C CE2 . PHE A 1 37  ? 1.926   -1.095  -3.750  1.00 9.94  ? 35  PHE A CE2 1 
ATOM   282  C CZ  . PHE A 1 37  ? 3.009   -0.228  -3.873  1.00 10.98 ? 35  PHE A CZ  1 
ATOM   283  N N   . TYR A 1 38  ? -2.647  3.731   -1.997  1.00 7.98  ? 36  TYR A N   1 
ATOM   284  C CA  . TYR A 1 38  ? -3.789  4.622   -2.157  1.00 8.44  ? 36  TYR A CA  1 
ATOM   285  C C   . TYR A 1 38  ? -3.308  5.908   -2.820  1.00 8.60  ? 36  TYR A C   1 
ATOM   286  O O   . TYR A 1 38  ? -2.173  6.340   -2.615  1.00 8.71  ? 36  TYR A O   1 
ATOM   287  C CB  . TYR A 1 38  ? -4.493  4.901   -0.814  1.00 8.97  ? 36  TYR A CB  1 
ATOM   288  C CG  . TYR A 1 38  ? -3.645  5.515   0.273   1.00 8.94  ? 36  TYR A CG  1 
ATOM   289  C CD1 . TYR A 1 38  ? -3.711  6.882   0.551   1.00 8.37  ? 36  TYR A CD1 1 
ATOM   290  C CD2 . TYR A 1 38  ? -2.802  4.727   1.045   1.00 8.49  ? 36  TYR A CD2 1 
ATOM   291  C CE1 . TYR A 1 38  ? -2.958  7.448   1.576   1.00 9.79  ? 36  TYR A CE1 1 
ATOM   292  C CE2 . TYR A 1 38  ? -2.045  5.280   2.074   1.00 8.29  ? 36  TYR A CE2 1 
ATOM   293  C CZ  . TYR A 1 38  ? -2.129  6.639   2.336   1.00 8.67  ? 36  TYR A CZ  1 
ATOM   294  O OH  . TYR A 1 38  ? -1.395  7.176   3.364   1.00 9.23  ? 36  TYR A OH  1 
ATOM   295  N N   . PRO A 1 39  ? -4.166  6.520   -3.646  1.00 8.79  ? 37  PRO A N   1 
ATOM   296  C CA  . PRO A 1 39  ? -3.851  7.758   -4.364  1.00 8.20  ? 37  PRO A CA  1 
ATOM   297  C C   . PRO A 1 39  ? -3.459  8.961   -3.521  1.00 8.99  ? 37  PRO A C   1 
ATOM   298  O O   . PRO A 1 39  ? -2.406  9.551   -3.738  1.00 8.35  ? 37  PRO A O   1 
ATOM   299  C CB  . PRO A 1 39  ? -5.121  8.034   -5.160  1.00 9.66  ? 37  PRO A CB  1 
ATOM   300  C CG  . PRO A 1 39  ? -5.657  6.661   -5.427  1.00 9.75  ? 37  PRO A CG  1 
ATOM   301  C CD  . PRO A 1 39  ? -5.457  5.968   -4.099  1.00 9.27  ? 37  PRO A CD  1 
ATOM   302  N N   . ALA A 1 40  ? -4.300  9.328   -2.562  1.00 9.66  ? 38  ALA A N   1 
ATOM   303  C CA  . ALA A 1 40  ? -4.008  10.508  -1.766  1.00 9.30  ? 38  ALA A CA  1 
ATOM   304  C C   . ALA A 1 40  ? -4.673  10.540  -0.408  1.00 9.98  ? 38  ALA A C   1 
ATOM   305  O O   . ALA A 1 40  ? -5.848  10.190  -0.260  1.00 12.35 ? 38  ALA A O   1 
ATOM   306  C CB  . ALA A 1 40  ? -4.413  11.752  -2.548  1.00 10.89 ? 38  ALA A CB  1 
ATOM   307  N N   . ALA A 1 41  ? -3.910  10.979  0.584   1.00 9.96  ? 39  ALA A N   1 
ATOM   308  C CA  . ALA A 1 41  ? -4.431  11.114  1.930   1.00 9.84  ? 39  ALA A CA  1 
ATOM   309  C C   . ALA A 1 41  ? -5.455  12.242  1.895   1.00 11.16 ? 39  ALA A C   1 
ATOM   310  O O   . ALA A 1 41  ? -5.330  13.188  1.112   1.00 11.68 ? 39  ALA A O   1 
ATOM   311  C CB  . ALA A 1 41  ? -3.300  11.462  2.896   1.00 9.88  ? 39  ALA A CB  1 
ATOM   312  N N   . PHE A 1 42  ? -6.475  12.135  2.739   1.00 12.27 ? 40  PHE A N   1 
ATOM   313  C CA  . PHE A 1 42  ? -7.516  13.153  2.829   1.00 13.38 ? 40  PHE A CA  1 
ATOM   314  C C   . PHE A 1 42  ? -8.385  13.322  1.588   1.00 15.25 ? 40  PHE A C   1 
ATOM   315  O O   . PHE A 1 42  ? -8.902  14.408  1.337   1.00 17.04 ? 40  PHE A O   1 
ATOM   316  C CB  . PHE A 1 42  ? -6.893  14.503  3.213   1.00 12.62 ? 40  PHE A CB  1 
ATOM   317  C CG  . PHE A 1 42  ? -6.238  14.504  4.564   1.00 12.37 ? 40  PHE A CG  1 
ATOM   318  C CD1 . PHE A 1 42  ? -7.006  14.398  5.721   1.00 12.42 ? 40  PHE A CD1 1 
ATOM   319  C CD2 . PHE A 1 42  ? -4.854  14.604  4.683   1.00 10.82 ? 40  PHE A CD2 1 
ATOM   320  C CE1 . PHE A 1 42  ? -6.407  14.392  6.979   1.00 13.47 ? 40  PHE A CE1 1 
ATOM   321  C CE2 . PHE A 1 42  ? -4.244  14.596  5.935   1.00 13.32 ? 40  PHE A CE2 1 
ATOM   322  C CZ  . PHE A 1 42  ? -5.025  14.490  7.088   1.00 13.04 ? 40  PHE A CZ  1 
ATOM   323  N N   . THR A 1 43  ? -8.539  12.264  0.798   1.00 17.19 ? 41  THR A N   1 
ATOM   324  C CA  . THR A 1 43  ? -9.406  12.347  -0.369  1.00 19.83 ? 41  THR A CA  1 
ATOM   325  C C   . THR A 1 43  ? -10.812 12.329  0.217   1.00 23.19 ? 41  THR A C   1 
ATOM   326  O O   . THR A 1 43  ? -11.121 11.493  1.068   1.00 23.79 ? 41  THR A O   1 
ATOM   327  C CB  . THR A 1 43  ? -9.226  11.137  -1.309  1.00 19.69 ? 41  THR A CB  1 
ATOM   328  O OG1 . THR A 1 43  ? -7.947  11.216  -1.952  1.00 17.87 ? 41  THR A OG1 1 
ATOM   329  C CG2 . THR A 1 43  ? -10.316 11.117  -2.374  1.00 19.75 ? 41  THR A CG2 1 
ATOM   330  N N   . GLN A 1 44  ? -11.658 13.254  -0.221  1.00 27.13 ? 42  GLN A N   1 
ATOM   331  C CA  . GLN A 1 44  ? -13.018 13.328  0.297   1.00 31.80 ? 42  GLN A CA  1 
ATOM   332  C C   . GLN A 1 44  ? -14.020 12.567  -0.561  1.00 33.78 ? 42  GLN A C   1 
ATOM   333  O O   . GLN A 1 44  ? -13.852 12.441  -1.775  1.00 33.89 ? 42  GLN A O   1 
ATOM   334  C CB  . GLN A 1 44  ? -13.453 14.789  0.430   1.00 32.96 ? 42  GLN A CB  1 
ATOM   335  C CG  . GLN A 1 44  ? -12.614 15.592  1.409   1.00 35.87 ? 42  GLN A CG  1 
ATOM   336  C CD  . GLN A 1 44  ? -12.613 14.994  2.806   1.00 37.26 ? 42  GLN A CD  1 
ATOM   337  O OE1 . GLN A 1 44  ? -13.661 14.879  3.446   1.00 39.11 ? 42  GLN A OE1 1 
ATOM   338  N NE2 . GLN A 1 44  ? -11.435 14.608  3.285   1.00 37.68 ? 42  GLN A NE2 1 
ATOM   339  N N   . VAL A 1 45  ? -15.063 12.059  0.087   1.00 36.34 ? 43  VAL A N   1 
ATOM   340  C CA  . VAL A 1 45  ? -16.106 11.310  -0.602  1.00 38.38 ? 43  VAL A CA  1 
ATOM   341  C C   . VAL A 1 45  ? -17.464 11.933  -0.286  1.00 39.61 ? 43  VAL A C   1 
ATOM   342  O O   . VAL A 1 45  ? -17.504 12.844  0.568   1.00 40.19 ? 43  VAL A O   1 
ATOM   343  C CB  . VAL A 1 45  ? -16.111 9.829   -0.154  1.00 39.07 ? 43  VAL A CB  1 
ATOM   344  C CG1 . VAL A 1 45  ? -17.072 9.022   -1.017  1.00 39.77 ? 43  VAL A CG1 1 
ATOM   345  C CG2 . VAL A 1 45  ? -14.706 9.255   -0.242  1.00 39.36 ? 43  VAL A CG2 1 
ATOM   346  N N   . PHE A 1 53  ? -17.101 10.193  6.932   1.00 36.56 ? 51  PHE A N   1 
ATOM   347  C CA  . PHE A 1 53  ? -16.722 9.806   8.321   1.00 35.95 ? 51  PHE A CA  1 
ATOM   348  C C   . PHE A 1 53  ? -15.264 9.372   8.416   1.00 34.48 ? 51  PHE A C   1 
ATOM   349  O O   . PHE A 1 53  ? -14.423 10.092  8.957   1.00 35.39 ? 51  PHE A O   1 
ATOM   350  C CB  . PHE A 1 53  ? -17.610 8.659   8.817   1.00 36.98 ? 51  PHE A CB  1 
ATOM   351  C CG  . PHE A 1 53  ? -17.125 8.025   10.097  1.00 37.54 ? 51  PHE A CG  1 
ATOM   352  C CD1 . PHE A 1 53  ? -17.285 6.660   10.311  1.00 38.66 ? 51  PHE A CD1 1 
ATOM   353  C CD2 . PHE A 1 53  ? -16.496 8.787   11.080  1.00 37.78 ? 51  PHE A CD2 1 
ATOM   354  C CE1 . PHE A 1 53  ? -16.824 6.061   11.481  1.00 38.63 ? 51  PHE A CE1 1 
ATOM   355  C CE2 . PHE A 1 53  ? -16.032 8.199   12.253  1.00 38.02 ? 51  PHE A CE2 1 
ATOM   356  C CZ  . PHE A 1 53  ? -16.195 6.833   12.454  1.00 38.90 ? 51  PHE A CZ  1 
ATOM   357  N N   . ARG A 1 54  ? -14.974 8.185   7.897   1.00 32.42 ? 52  ARG A N   1 
ATOM   358  C CA  . ARG A 1 54  ? -13.624 7.649   7.953   1.00 29.55 ? 52  ARG A CA  1 
ATOM   359  C C   . ARG A 1 54  ? -13.174 7.070   6.618   1.00 27.41 ? 52  ARG A C   1 
ATOM   360  O O   . ARG A 1 54  ? -13.948 6.422   5.913   1.00 27.77 ? 52  ARG A O   1 
ATOM   361  C CB  . ARG A 1 54  ? -13.548 6.581   9.042   1.00 29.46 ? 52  ARG A CB  1 
ATOM   362  C CG  . ARG A 1 54  ? -12.168 6.007   9.271   1.00 29.25 ? 52  ARG A CG  1 
ATOM   363  C CD  . ARG A 1 54  ? -12.189 5.140   10.506  1.00 30.22 ? 52  ARG A CD  1 
ATOM   364  N NE  . ARG A 1 54  ? -12.504 5.916   11.701  1.00 29.68 ? 52  ARG A NE  1 
ATOM   365  C CZ  . ARG A 1 54  ? -12.897 5.384   12.853  1.00 30.49 ? 52  ARG A CZ  1 
ATOM   366  N NH1 . ARG A 1 54  ? -13.004 4.067   12.977  1.00 29.94 ? 52  ARG A NH1 1 
ATOM   367  N NH2 . ARG A 1 54  ? -13.077 6.160   13.913  1.00 30.92 ? 52  ARG A NH2 1 
ATOM   368  N N   . ASP A 1 55  ? -11.910 7.313   6.286   1.00 25.17 ? 53  ASP A N   1 
ATOM   369  C CA  . ASP A 1 55  ? -11.317 6.839   5.042   1.00 22.64 ? 53  ASP A CA  1 
ATOM   370  C C   . ASP A 1 55  ? -11.394 5.316   4.942   1.00 21.57 ? 53  ASP A C   1 
ATOM   371  O O   . ASP A 1 55  ? -11.311 4.612   5.950   1.00 19.66 ? 53  ASP A O   1 
ATOM   372  C CB  . ASP A 1 55  ? -9.854  7.278   4.969   1.00 21.96 ? 53  ASP A CB  1 
ATOM   373  C CG  . ASP A 1 55  ? -9.264  7.101   3.589   1.00 21.60 ? 53  ASP A CG  1 
ATOM   374  O OD1 . ASP A 1 55  ? -9.444  8.006   2.749   1.00 21.43 ? 53  ASP A OD1 1 
ATOM   375  O OD2 . ASP A 1 55  ? -8.632  6.052   3.344   1.00 20.34 ? 53  ASP A OD2 1 
ATOM   376  N N   . SER A 1 56  ? -11.536 4.817   3.719   1.00 19.65 ? 54  SER A N   1 
ATOM   377  C CA  . SER A 1 56  ? -11.635 3.382   3.470   1.00 18.60 ? 54  SER A CA  1 
ATOM   378  C C   . SER A 1 56  ? -10.380 2.607   3.860   1.00 17.25 ? 54  SER A C   1 
ATOM   379  O O   . SER A 1 56  ? -10.420 1.384   3.982   1.00 16.85 ? 54  SER A O   1 
ATOM   380  C CB  . SER A 1 56  ? -11.949 3.124   1.996   1.00 20.62 ? 54  SER A CB  1 
ATOM   381  O OG  . SER A 1 56  ? -10.899 3.587   1.166   1.00 21.37 ? 54  SER A OG  1 
ATOM   382  N N   . MET A 1 57  ? -9.262  3.305   4.042   1.00 15.41 ? 55  MET A N   1 
ATOM   383  C CA  . MET A 1 57  ? -8.029  2.630   4.432   1.00 14.40 ? 55  MET A CA  1 
ATOM   384  C C   . MET A 1 57  ? -8.195  1.978   5.803   1.00 12.92 ? 55  MET A C   1 
ATOM   385  O O   . MET A 1 57  ? -7.453  1.059   6.154   1.00 13.23 ? 55  MET A O   1 
ATOM   386  C CB  . MET A 1 57  ? -6.848  3.614   4.462   1.00 13.80 ? 55  MET A CB  1 
ATOM   387  C CG  . MET A 1 57  ? -6.246  3.955   3.090   1.00 11.94 ? 55  MET A CG  1 
ATOM   388  S SD  . MET A 1 57  ? -5.577  2.521   2.185   1.00 13.14 ? 55  MET A SD  1 
ATOM   389  C CE  . MET A 1 57  ? -4.091  2.218   3.113   1.00 12.31 ? 55  MET A CE  1 
ATOM   390  N N   . ALA A 1 58  ? -9.172  2.448   6.576   1.00 12.80 ? 56  ALA A N   1 
ATOM   391  C CA  . ALA A 1 58  ? -9.415  1.891   7.903   1.00 13.11 ? 56  ALA A CA  1 
ATOM   392  C C   . ALA A 1 58  ? -9.879  0.438   7.848   1.00 12.75 ? 56  ALA A C   1 
ATOM   393  O O   . ALA A 1 58  ? -9.846  -0.269  8.854   1.00 12.38 ? 56  ALA A O   1 
ATOM   394  C CB  . ALA A 1 58  ? -10.441 2.735   8.650   1.00 14.41 ? 56  ALA A CB  1 
ATOM   395  N N   . LYS A 1 59  ? -10.318 -0.009  6.677   1.00 12.75 ? 57  LYS A N   1 
ATOM   396  C CA  . LYS A 1 59  ? -10.768 -1.385  6.536   1.00 13.24 ? 57  LYS A CA  1 
ATOM   397  C C   . LYS A 1 59  ? -9.614  -2.382  6.679   1.00 12.99 ? 57  LYS A C   1 
ATOM   398  O O   . LYS A 1 59  ? -9.835  -3.582  6.841   1.00 14.88 ? 57  LYS A O   1 
ATOM   399  C CB  . LYS A 1 59  ? -11.488 -1.562  5.194   1.00 15.96 ? 57  LYS A CB  1 
ATOM   400  C CG  . LYS A 1 59  ? -12.865 -0.903  5.179   1.00 20.17 ? 57  LYS A CG  1 
ATOM   401  C CD  . LYS A 1 59  ? -13.502 -0.926  3.802   1.00 23.62 ? 57  LYS A CD  1 
ATOM   402  C CE  . LYS A 1 59  ? -14.951 -0.461  3.867   1.00 28.03 ? 57  LYS A CE  1 
ATOM   403  N NZ  . LYS A 1 59  ? -15.082 0.854   4.554   1.00 30.24 ? 57  LYS A NZ  1 
ATOM   404  N N   . PHE A 1 60  ? -8.380  -1.885  6.640   1.00 12.47 ? 58  PHE A N   1 
ATOM   405  C CA  . PHE A 1 60  ? -7.217  -2.756  6.785   1.00 11.53 ? 58  PHE A CA  1 
ATOM   406  C C   . PHE A 1 60  ? -6.816  -2.903  8.251   1.00 11.84 ? 58  PHE A C   1 
ATOM   407  O O   . PHE A 1 60  ? -5.890  -3.649  8.577   1.00 11.98 ? 58  PHE A O   1 
ATOM   408  C CB  . PHE A 1 60  ? -6.031  -2.204  5.977   1.00 11.70 ? 58  PHE A CB  1 
ATOM   409  C CG  . PHE A 1 60  ? -6.204  -2.328  4.489   1.00 11.85 ? 58  PHE A CG  1 
ATOM   410  C CD1 . PHE A 1 60  ? -6.106  -3.569  3.865   1.00 13.75 ? 58  PHE A CD1 1 
ATOM   411  C CD2 . PHE A 1 60  ? -6.476  -1.206  3.713   1.00 12.85 ? 58  PHE A CD2 1 
ATOM   412  C CE1 . PHE A 1 60  ? -6.277  -3.690  2.483   1.00 14.21 ? 58  PHE A CE1 1 
ATOM   413  C CE2 . PHE A 1 60  ? -6.649  -1.316  2.332   1.00 14.90 ? 58  PHE A CE2 1 
ATOM   414  C CZ  . PHE A 1 60  ? -6.549  -2.560  1.717   1.00 14.10 ? 58  PHE A CZ  1 
ATOM   415  N N   . ASN A 1 61  ? -7.519  -2.194  9.132   1.00 12.02 ? 59  ASN A N   1 
ATOM   416  C CA  . ASN A 1 61  ? -7.228  -2.247  10.559  1.00 12.77 ? 59  ASN A CA  1 
ATOM   417  C C   . ASN A 1 61  ? -7.391  -3.631  11.178  1.00 14.54 ? 59  ASN A C   1 
ATOM   418  O O   . ASN A 1 61  ? -6.679  -3.977  12.118  1.00 15.80 ? 59  ASN A O   1 
ATOM   419  C CB  . ASN A 1 61  ? -8.107  -1.253  11.329  1.00 13.16 ? 59  ASN A CB  1 
ATOM   420  C CG  . ASN A 1 61  ? -7.578  0.164   11.261  1.00 14.80 ? 59  ASN A CG  1 
ATOM   421  O OD1 . ASN A 1 61  ? -6.395  0.379   11.002  1.00 14.25 ? 59  ASN A OD1 1 
ATOM   422  N ND2 . ASN A 1 61  ? -8.447  1.140   11.515  1.00 17.07 ? 59  ASN A ND2 1 
ATOM   423  N N   . GLN A 1 62  ? -8.318  -4.425  10.655  1.00 17.79 ? 60  GLN A N   1 
ATOM   424  C CA  . GLN A 1 62  ? -8.540  -5.750  11.216  1.00 20.83 ? 60  GLN A CA  1 
ATOM   425  C C   . GLN A 1 62  ? -7.912  -6.914  10.459  1.00 19.80 ? 60  GLN A C   1 
ATOM   426  O O   . GLN A 1 62  ? -8.218  -8.070  10.742  1.00 20.72 ? 60  GLN A O   1 
ATOM   427  C CB  . GLN A 1 62  ? -10.042 -5.994  11.408  1.00 26.16 ? 60  GLN A CB  1 
ATOM   428  C CG  . GLN A 1 62  ? -10.585 -5.420  12.719  1.00 31.18 ? 60  GLN A CG  1 
ATOM   429  C CD  . GLN A 1 62  ? -12.064 -5.695  12.922  1.00 34.11 ? 60  GLN A CD  1 
ATOM   430  O OE1 . GLN A 1 62  ? -12.915 -5.116  12.247  1.00 36.64 ? 60  GLN A OE1 1 
ATOM   431  N NE2 . GLN A 1 62  ? -12.377 -6.589  13.855  1.00 34.68 ? 60  GLN A NE2 1 
ATOM   432  N N   . VAL A 1 63  ? -7.024  -6.617  9.513   1.00 17.96 ? 61  VAL A N   1 
ATOM   433  C CA  . VAL A 1 63  ? -6.358  -7.670  8.747   1.00 17.02 ? 61  VAL A CA  1 
ATOM   434  C C   . VAL A 1 63  ? -5.259  -8.317  9.586   1.00 16.08 ? 61  VAL A C   1 
ATOM   435  O O   . VAL A 1 63  ? -4.458  -7.627  10.219  1.00 17.13 ? 61  VAL A O   1 
ATOM   436  C CB  . VAL A 1 63  ? -5.740  -7.120  7.446   1.00 18.21 ? 61  VAL A CB  1 
ATOM   437  C CG1 . VAL A 1 63  ? -4.946  -8.214  6.739   1.00 17.50 ? 61  VAL A CG1 1 
ATOM   438  C CG2 . VAL A 1 63  ? -6.839  -6.602  6.537   1.00 17.85 ? 61  VAL A CG2 1 
ATOM   439  N N   . ASN A 1 64  ? -5.227  -9.647  9.585   1.00 15.41 ? 62  ASN A N   1 
ATOM   440  C CA  . ASN A 1 64  ? -4.242  -10.387 10.360  1.00 15.62 ? 62  ASN A CA  1 
ATOM   441  C C   . ASN A 1 64  ? -2.903  -10.534 9.647   1.00 13.84 ? 62  ASN A C   1 
ATOM   442  O O   . ASN A 1 64  ? -2.471  -11.640 9.316   1.00 15.06 ? 62  ASN A O   1 
ATOM   443  C CB  . ASN A 1 64  ? -4.800  -11.765 10.730  1.00 17.20 ? 62  ASN A CB  1 
ATOM   444  C CG  . ASN A 1 64  ? -3.872  -12.543 11.634  1.00 20.44 ? 62  ASN A CG  1 
ATOM   445  O OD1 . ASN A 1 64  ? -3.103  -11.960 12.399  1.00 23.28 ? 62  ASN A OD1 1 
ATOM   446  N ND2 . ASN A 1 64  ? -3.946  -13.866 11.565  1.00 22.25 ? 62  ASN A ND2 1 
ATOM   447  N N   . ALA A 1 65  ? -2.243  -9.405  9.426   1.00 13.79 ? 63  ALA A N   1 
ATOM   448  C CA  . ALA A 1 65  ? -0.942  -9.392  8.769   1.00 11.96 ? 63  ALA A CA  1 
ATOM   449  C C   . ALA A 1 65  ? -0.327  -8.023  8.998   1.00 11.84 ? 63  ALA A C   1 
ATOM   450  O O   . ALA A 1 65  ? -0.944  -7.165  9.625   1.00 13.42 ? 63  ALA A O   1 
ATOM   451  C CB  . ALA A 1 65  ? -1.101  -9.649  7.278   1.00 14.83 ? 63  ALA A CB  1 
ATOM   452  N N   . VAL A 1 66  ? 0.893   -7.826  8.509   1.00 11.26 ? 64  VAL A N   1 
ATOM   453  C CA  . VAL A 1 66  ? 1.544   -6.531  8.655   1.00 11.75 ? 64  VAL A CA  1 
ATOM   454  C C   . VAL A 1 66  ? 1.126   -5.733  7.433   1.00 11.40 ? 64  VAL A C   1 
ATOM   455  O O   . VAL A 1 66  ? 1.578   -6.008  6.321   1.00 10.93 ? 64  VAL A O   1 
ATOM   456  C CB  . VAL A 1 66  ? 3.084   -6.644  8.670   1.00 12.29 ? 64  VAL A CB  1 
ATOM   457  C CG1 . VAL A 1 66  ? 3.699   -5.247  8.731   1.00 12.76 ? 64  VAL A CG1 1 
ATOM   458  C CG2 . VAL A 1 66  ? 3.544   -7.474  9.868   1.00 12.01 ? 64  VAL A CG2 1 
ATOM   459  N N   . VAL A 1 67  ? 0.244   -4.762  7.638   1.00 9.85  ? 65  VAL A N   1 
ATOM   460  C CA  . VAL A 1 67  ? -0.233  -3.934  6.543   1.00 9.40  ? 65  VAL A CA  1 
ATOM   461  C C   . VAL A 1 67  ? 0.640   -2.700  6.403   1.00 8.27  ? 65  VAL A C   1 
ATOM   462  O O   . VAL A 1 67  ? 0.956   -2.036  7.389   1.00 9.80  ? 65  VAL A O   1 
ATOM   463  C CB  . VAL A 1 67  ? -1.694  -3.471  6.775   1.00 8.13  ? 65  VAL A CB  1 
ATOM   464  C CG1 . VAL A 1 67  ? -2.158  -2.603  5.606   1.00 9.68  ? 65  VAL A CG1 1 
ATOM   465  C CG2 . VAL A 1 67  ? -2.602  -4.676  6.932   1.00 10.26 ? 65  VAL A CG2 1 
ATOM   466  N N   . LEU A 1 68  ? 1.056   -2.417  5.174   1.00 8.28  ? 66  LEU A N   1 
ATOM   467  C CA  . LEU A 1 68  ? 1.853   -1.236  4.899   1.00 8.91  ? 66  LEU A CA  1 
ATOM   468  C C   . LEU A 1 68  ? 1.051   -0.374  3.931   1.00 9.67  ? 66  LEU A C   1 
ATOM   469  O O   . LEU A 1 68  ? 0.874   -0.739  2.766   1.00 9.32  ? 66  LEU A O   1 
ATOM   470  C CB  . LEU A 1 68  ? 3.196   -1.609  4.254   1.00 8.11  ? 66  LEU A CB  1 
ATOM   471  C CG  . LEU A 1 68  ? 4.128   -2.535  5.041   1.00 9.18  ? 66  LEU A CG  1 
ATOM   472  C CD1 . LEU A 1 68  ? 5.390   -2.790  4.224   1.00 10.72 ? 66  LEU A CD1 1 
ATOM   473  C CD2 . LEU A 1 68  ? 4.482   -1.906  6.386   1.00 10.72 ? 66  LEU A CD2 1 
ATOM   474  N N   . GLY A 1 69  ? 0.523   0.743   4.428   1.00 8.48  ? 67  GLY A N   1 
ATOM   475  C CA  . GLY A 1 69  ? -0.208  1.649   3.563   1.00 9.23  ? 67  GLY A CA  1 
ATOM   476  C C   . GLY A 1 69  ? 0.861   2.443   2.833   1.00 9.03  ? 67  GLY A C   1 
ATOM   477  O O   . GLY A 1 69  ? 1.888   2.773   3.425   1.00 9.90  ? 67  GLY A O   1 
ATOM   478  N N   . ILE A 1 70  ? 0.646   2.744   1.557   1.00 7.69  ? 68  ILE A N   1 
ATOM   479  C CA  . ILE A 1 70  ? 1.641   3.483   0.783   1.00 7.92  ? 68  ILE A CA  1 
ATOM   480  C C   . ILE A 1 70  ? 1.027   4.519   -0.151  1.00 6.97  ? 68  ILE A C   1 
ATOM   481  O O   . ILE A 1 70  ? 0.143   4.202   -0.937  1.00 7.62  ? 68  ILE A O   1 
ATOM   482  C CB  . ILE A 1 70  ? 2.482   2.526   -0.106  1.00 8.01  ? 68  ILE A CB  1 
ATOM   483  C CG1 . ILE A 1 70  ? 3.132   1.437   0.747   1.00 8.09  ? 68  ILE A CG1 1 
ATOM   484  C CG2 . ILE A 1 70  ? 3.538   3.320   -0.873  1.00 9.21  ? 68  ILE A CG2 1 
ATOM   485  C CD1 . ILE A 1 70  ? 3.849   0.361   -0.080  1.00 10.77 ? 68  ILE A CD1 1 
ATOM   486  N N   . SER A 1 71  ? 1.492   5.761   -0.059  1.00 7.22  ? 69  SER A N   1 
ATOM   487  C CA  . SER A 1 71  ? 1.022   6.813   -0.958  1.00 7.23  ? 69  SER A CA  1 
ATOM   488  C C   . SER A 1 71  ? 2.204   7.744   -1.198  1.00 6.95  ? 69  SER A C   1 
ATOM   489  O O   . SER A 1 71  ? 3.217   7.657   -0.500  1.00 6.52  ? 69  SER A O   1 
ATOM   490  C CB  . SER A 1 71  ? -0.144  7.601   -0.350  1.00 8.12  ? 69  SER A CB  1 
ATOM   491  O OG  . SER A 1 71  ? 0.308   8.493   0.654   1.00 8.93  ? 69  SER A OG  1 
ATOM   492  N N   . VAL A 1 72  ? 2.076   8.630   -2.182  1.00 7.41  ? 70  VAL A N   1 
ATOM   493  C CA  . VAL A 1 72  ? 3.146   9.569   -2.497  1.00 7.86  ? 70  VAL A CA  1 
ATOM   494  C C   . VAL A 1 72  ? 3.065   10.842  -1.661  1.00 8.92  ? 70  VAL A C   1 
ATOM   495  O O   . VAL A 1 72  ? 3.819   11.787  -1.884  1.00 9.68  ? 70  VAL A O   1 
ATOM   496  C CB  . VAL A 1 72  ? 3.146   9.947   -4.000  1.00 7.81  ? 70  VAL A CB  1 
ATOM   497  C CG1 . VAL A 1 72  ? 3.285   8.686   -4.846  1.00 9.70  ? 70  VAL A CG1 1 
ATOM   498  C CG2 . VAL A 1 72  ? 1.871   10.698  -4.363  1.00 7.95  ? 70  VAL A CG2 1 
ATOM   499  N N   . ASP A 1 73  ? 2.148   10.862  -0.696  1.00 7.39  ? 71  ASP A N   1 
ATOM   500  C CA  . ASP A 1 73  ? 1.996   12.016  0.187   1.00 7.54  ? 71  ASP A CA  1 
ATOM   501  C C   . ASP A 1 73  ? 3.194   12.091  1.130   1.00 7.92  ? 71  ASP A C   1 
ATOM   502  O O   . ASP A 1 73  ? 3.801   11.072  1.451   1.00 8.14  ? 71  ASP A O   1 
ATOM   503  C CB  . ASP A 1 73  ? 0.716   11.875  1.015   1.00 8.15  ? 71  ASP A CB  1 
ATOM   504  C CG  . ASP A 1 73  ? -0.518  11.737  0.151   1.00 7.44  ? 71  ASP A CG  1 
ATOM   505  O OD1 . ASP A 1 73  ? -0.825  12.693  -0.591  1.00 9.63  ? 71  ASP A OD1 1 
ATOM   506  O OD2 . ASP A 1 73  ? -1.173  10.672  0.206   1.00 8.64  ? 71  ASP A OD2 1 
ATOM   507  N N   . PRO A 1 74  ? 3.551   13.299  1.588   1.00 7.74  ? 72  PRO A N   1 
ATOM   508  C CA  . PRO A 1 74  ? 4.691   13.433  2.501   1.00 8.98  ? 72  PRO A CA  1 
ATOM   509  C C   . PRO A 1 74  ? 4.362   12.823  3.869   1.00 8.92  ? 72  PRO A C   1 
ATOM   510  O O   . PRO A 1 74  ? 3.196   12.749  4.262   1.00 9.56  ? 72  PRO A O   1 
ATOM   511  C CB  . PRO A 1 74  ? 4.921   14.943  2.548   1.00 9.21  ? 72  PRO A CB  1 
ATOM   512  C CG  . PRO A 1 74  ? 3.558   15.503  2.337   1.00 9.62  ? 72  PRO A CG  1 
ATOM   513  C CD  . PRO A 1 74  ? 2.971   14.614  1.262   1.00 9.05  ? 72  PRO A CD  1 
ATOM   514  N N   . PRO A 1 75  ? 5.389   12.386  4.616   1.00 9.57  ? 73  PRO A N   1 
ATOM   515  C CA  . PRO A 1 75  ? 5.173   11.776  5.932   1.00 9.27  ? 73  PRO A CA  1 
ATOM   516  C C   . PRO A 1 75  ? 4.356   12.611  6.918   1.00 10.41 ? 73  PRO A C   1 
ATOM   517  O O   . PRO A 1 75  ? 3.513   12.077  7.643   1.00 11.12 ? 73  PRO A O   1 
ATOM   518  C CB  . PRO A 1 75  ? 6.596   11.523  6.441   1.00 10.18 ? 73  PRO A CB  1 
ATOM   519  C CG  . PRO A 1 75  ? 7.402   11.383  5.182   1.00 13.38 ? 73  PRO A CG  1 
ATOM   520  C CD  . PRO A 1 75  ? 6.825   12.460  4.298   1.00 10.89 ? 73  PRO A CD  1 
ATOM   521  N N   . PHE A 1 76  ? 4.601   13.916  6.937   1.00 10.63 ? 74  PHE A N   1 
ATOM   522  C CA  . PHE A 1 76  ? 3.907   14.811  7.861   1.00 10.78 ? 74  PHE A CA  1 
ATOM   523  C C   . PHE A 1 76  ? 2.397   14.763  7.657   1.00 10.25 ? 74  PHE A C   1 
ATOM   524  O O   . PHE A 1 76  ? 1.630   14.695  8.620   1.00 10.08 ? 74  PHE A O   1 
ATOM   525  C CB  . PHE A 1 76  ? 4.416   16.243  7.672   1.00 11.90 ? 74  PHE A CB  1 
ATOM   526  C CG  . PHE A 1 76  ? 5.873   16.319  7.300   1.00 12.79 ? 74  PHE A CG  1 
ATOM   527  C CD1 . PHE A 1 76  ? 6.867   16.067  8.243   1.00 11.56 ? 74  PHE A CD1 1 
ATOM   528  C CD2 . PHE A 1 76  ? 6.249   16.614  5.994   1.00 13.16 ? 74  PHE A CD2 1 
ATOM   529  C CE1 . PHE A 1 76  ? 8.218   16.105  7.887   1.00 13.56 ? 74  PHE A CE1 1 
ATOM   530  C CE2 . PHE A 1 76  ? 7.595   16.655  5.626   1.00 11.94 ? 74  PHE A CE2 1 
ATOM   531  C CZ  . PHE A 1 76  ? 8.583   16.399  6.575   1.00 11.21 ? 74  PHE A CZ  1 
ATOM   532  N N   . SER A 1 77  ? 1.971   14.793  6.398   1.00 10.26 ? 75  SER A N   1 
ATOM   533  C CA  . SER A 1 77  ? 0.552   14.743  6.077   1.00 8.77  ? 75  SER A CA  1 
ATOM   534  C C   . SER A 1 77  ? -0.012  13.347  6.305   1.00 10.59 ? 75  SER A C   1 
ATOM   535  O O   . SER A 1 77  ? -1.142  13.206  6.776   1.00 9.95  ? 75  SER A O   1 
ATOM   536  C CB  . SER A 1 77  ? 0.314   15.177  4.629   1.00 10.14 ? 75  SER A CB  1 
ATOM   537  O OG  . SER A 1 77  ? 0.506   16.574  4.494   1.00 9.39  ? 75  SER A OG  1 
ATOM   538  N N   . ASN A 1 78  ? 0.764   12.316  5.972   1.00 8.51  ? 76  ASN A N   1 
ATOM   539  C CA  . ASN A 1 78  ? 0.292   10.953  6.189   1.00 9.11  ? 76  ASN A CA  1 
ATOM   540  C C   . ASN A 1 78  ? 0.117   10.683  7.676   1.00 10.36 ? 76  ASN A C   1 
ATOM   541  O O   . ASN A 1 78  ? -0.739  9.899   8.064   1.00 10.05 ? 76  ASN A O   1 
ATOM   542  C CB  . ASN A 1 78  ? 1.246   9.922   5.578   1.00 9.32  ? 76  ASN A CB  1 
ATOM   543  C CG  . ASN A 1 78  ? 0.804   9.479   4.201   1.00 10.16 ? 76  ASN A CG  1 
ATOM   544  O OD1 . ASN A 1 78  ? -0.376  9.582   3.863   1.00 10.43 ? 76  ASN A OD1 1 
ATOM   545  N ND2 . ASN A 1 78  ? 1.742   8.972   3.401   1.00 9.75  ? 76  ASN A ND2 1 
ATOM   546  N N   . LYS A 1 79  ? 0.917   11.348  8.506   1.00 10.30 ? 77  LYS A N   1 
ATOM   547  C CA  . LYS A 1 79  ? 0.800   11.169  9.949   1.00 11.06 ? 77  LYS A CA  1 
ATOM   548  C C   . LYS A 1 79  ? -0.546  11.716  10.415  1.00 11.92 ? 77  LYS A C   1 
ATOM   549  O O   . LYS A 1 79  ? -1.246  11.072  11.194  1.00 11.21 ? 77  LYS A O   1 
ATOM   550  C CB  . LYS A 1 79  ? 1.944   11.882  10.677  1.00 10.89 ? 77  LYS A CB  1 
ATOM   551  C CG  . LYS A 1 79  ? 1.814   11.825  12.195  1.00 12.57 ? 77  LYS A CG  1 
ATOM   552  C CD  . LYS A 1 79  ? 3.075   12.300  12.891  1.00 14.74 ? 77  LYS A CD  1 
ATOM   553  C CE  . LYS A 1 79  ? 2.886   12.286  14.403  1.00 19.66 ? 77  LYS A CE  1 
ATOM   554  N NZ  . LYS A 1 79  ? 4.136   12.640  15.118  1.00 22.84 ? 77  LYS A NZ  1 
ATOM   555  N N   . ALA A 1 80  ? -0.911  12.902  9.936   1.00 11.89 ? 78  ALA A N   1 
ATOM   556  C CA  . ALA A 1 80  ? -2.193  13.494  10.309  1.00 11.56 ? 78  ALA A CA  1 
ATOM   557  C C   . ALA A 1 80  ? -3.335  12.632  9.765   1.00 13.36 ? 78  ALA A C   1 
ATOM   558  O O   . ALA A 1 80  ? -4.368  12.473  10.412  1.00 14.17 ? 78  ALA A O   1 
ATOM   559  C CB  . ALA A 1 80  ? -2.295  14.921  9.765   1.00 12.18 ? 78  ALA A CB  1 
ATOM   560  N N   . PHE A 1 81  ? -3.133  12.073  8.574   1.00 11.21 ? 79  PHE A N   1 
ATOM   561  C CA  . PHE A 1 81  ? -4.123  11.215  7.922   1.00 11.14 ? 79  PHE A CA  1 
ATOM   562  C C   . PHE A 1 81  ? -4.324  9.946   8.751   1.00 11.76 ? 79  PHE A C   1 
ATOM   563  O O   . PHE A 1 81  ? -5.454  9.510   8.995   1.00 10.62 ? 79  PHE A O   1 
ATOM   564  C CB  . PHE A 1 81  ? -3.621  10.851  6.517   1.00 11.07 ? 79  PHE A CB  1 
ATOM   565  C CG  . PHE A 1 81  ? -4.488  9.863   5.782   1.00 10.60 ? 79  PHE A CG  1 
ATOM   566  C CD1 . PHE A 1 81  ? -5.788  10.191  5.404   1.00 10.85 ? 79  PHE A CD1 1 
ATOM   567  C CD2 . PHE A 1 81  ? -3.984  8.612   5.432   1.00 10.07 ? 79  PHE A CD2 1 
ATOM   568  C CE1 . PHE A 1 81  ? -6.571  9.288   4.685   1.00 11.10 ? 79  PHE A CE1 1 
ATOM   569  C CE2 . PHE A 1 81  ? -4.761  7.702   4.712   1.00 10.45 ? 79  PHE A CE2 1 
ATOM   570  C CZ  . PHE A 1 81  ? -6.055  8.044   4.339   1.00 11.16 ? 79  PHE A CZ  1 
ATOM   571  N N   . LYS A 1 82  ? -3.211  9.364   9.181   1.00 10.58 ? 80  LYS A N   1 
ATOM   572  C CA  . LYS A 1 82  ? -3.218  8.144   9.978   1.00 12.04 ? 80  LYS A CA  1 
ATOM   573  C C   . LYS A 1 82  ? -3.937  8.341   11.306  1.00 13.49 ? 80  LYS A C   1 
ATOM   574  O O   . LYS A 1 82  ? -4.729  7.496   11.724  1.00 14.71 ? 80  LYS A O   1 
ATOM   575  C CB  . LYS A 1 82  ? -1.775  7.691   10.226  1.00 11.24 ? 80  LYS A CB  1 
ATOM   576  C CG  . LYS A 1 82  ? -1.606  6.553   11.232  1.00 12.16 ? 80  LYS A CG  1 
ATOM   577  C CD  . LYS A 1 82  ? -0.132  6.183   11.358  1.00 12.37 ? 80  LYS A CD  1 
ATOM   578  C CE  . LYS A 1 82  ? 0.119   5.209   12.502  1.00 13.45 ? 80  LYS A CE  1 
ATOM   579  N NZ  . LYS A 1 82  ? -0.633  3.932   12.360  1.00 15.63 ? 80  LYS A NZ  1 
ATOM   580  N N   . GLU A 1 83  ? -3.674  9.466   11.960  1.00 14.19 ? 81  GLU A N   1 
ATOM   581  C CA  . GLU A 1 83  ? -4.298  9.731   13.251  1.00 15.59 ? 81  GLU A CA  1 
ATOM   582  C C   . GLU A 1 83  ? -5.769  10.088  13.108  1.00 17.06 ? 81  GLU A C   1 
ATOM   583  O O   . GLU A 1 83  ? -6.605  9.619   13.882  1.00 17.53 ? 81  GLU A O   1 
ATOM   584  C CB  . GLU A 1 83  ? -3.535  10.843  13.978  1.00 18.19 ? 81  GLU A CB  1 
ATOM   585  C CG  . GLU A 1 83  ? -2.038  10.562  14.058  1.00 23.66 ? 81  GLU A CG  1 
ATOM   586  C CD  . GLU A 1 83  ? -1.284  11.522  14.956  1.00 26.64 ? 81  GLU A CD  1 
ATOM   587  O OE1 . GLU A 1 83  ? -1.693  12.699  15.056  1.00 30.20 ? 81  GLU A OE1 1 
ATOM   588  O OE2 . GLU A 1 83  ? -0.267  11.098  15.548  1.00 27.84 ? 81  GLU A OE2 1 
ATOM   589  N N   . HIS A 1 84  ? -6.092  10.907  12.112  1.00 16.99 ? 82  HIS A N   1 
ATOM   590  C CA  . HIS A 1 84  ? -7.474  11.311  11.894  1.00 18.56 ? 82  HIS A CA  1 
ATOM   591  C C   . HIS A 1 84  ? -8.390  10.123  11.634  1.00 17.78 ? 82  HIS A C   1 
ATOM   592  O O   . HIS A 1 84  ? -9.516  10.074  12.135  1.00 18.88 ? 82  HIS A O   1 
ATOM   593  C CB  . HIS A 1 84  ? -7.573  12.281  10.714  1.00 21.64 ? 82  HIS A CB  1 
ATOM   594  C CG  . HIS A 1 84  ? -8.981  12.662  10.370  1.00 25.86 ? 82  HIS A CG  1 
ATOM   595  N ND1 . HIS A 1 84  ? -9.770  13.425  11.205  1.00 28.75 ? 82  HIS A ND1 1 
ATOM   596  C CD2 . HIS A 1 84  ? -9.753  12.353  9.302   1.00 27.66 ? 82  HIS A CD2 1 
ATOM   597  C CE1 . HIS A 1 84  ? -10.968 13.569  10.666  1.00 29.32 ? 82  HIS A CE1 1 
ATOM   598  N NE2 . HIS A 1 84  ? -10.984 12.928  9.511   1.00 29.76 ? 82  HIS A NE2 1 
ATOM   599  N N   . ASN A 1 85  ? -7.907  9.160   10.860  1.00 15.77 ? 83  ASN A N   1 
ATOM   600  C CA  . ASN A 1 85  ? -8.706  7.990   10.519  1.00 15.84 ? 83  ASN A CA  1 
ATOM   601  C C   . ASN A 1 85  ? -8.450  6.765   11.386  1.00 14.51 ? 83  ASN A C   1 
ATOM   602  O O   . ASN A 1 85  ? -8.912  5.669   11.073  1.00 13.92 ? 83  ASN A O   1 
ATOM   603  C CB  . ASN A 1 85  ? -8.496  7.655   9.044   1.00 16.19 ? 83  ASN A CB  1 
ATOM   604  C CG  . ASN A 1 85  ? -9.031  8.738   8.130   1.00 15.75 ? 83  ASN A CG  1 
ATOM   605  O OD1 . ASN A 1 85  ? -10.243 8.894   7.978   1.00 16.28 ? 83  ASN A OD1 1 
ATOM   606  N ND2 . ASN A 1 85  ? -8.128  9.508   7.529   1.00 17.56 ? 83  ASN A ND2 1 
ATOM   607  N N   . LYS A 1 86  ? -7.717  6.960   12.475  1.00 14.93 ? 84  LYS A N   1 
ATOM   608  C CA  . LYS A 1 86  ? -7.409  5.885   13.410  1.00 16.21 ? 84  LYS A CA  1 
ATOM   609  C C   . LYS A 1 86  ? -6.846  4.633   12.737  1.00 15.39 ? 84  LYS A C   1 
ATOM   610  O O   . LYS A 1 86  ? -7.270  3.512   13.028  1.00 14.74 ? 84  LYS A O   1 
ATOM   611  C CB  . LYS A 1 86  ? -8.666  5.528   14.208  1.00 18.59 ? 84  LYS A CB  1 
ATOM   612  C CG  . LYS A 1 86  ? -9.288  6.724   14.918  1.00 21.40 ? 84  LYS A CG  1 
ATOM   613  C CD  . LYS A 1 86  ? -10.522 6.326   15.715  1.00 23.44 ? 84  LYS A CD  1 
ATOM   614  C CE  . LYS A 1 86  ? -11.100 7.523   16.452  1.00 26.34 ? 84  LYS A CE  1 
ATOM   615  N NZ  . LYS A 1 86  ? -10.100 8.142   17.371  1.00 26.89 ? 84  LYS A NZ  1 
ATOM   616  N N   . LEU A 1 87  ? -5.894  4.826   11.831  1.00 13.77 ? 85  LEU A N   1 
ATOM   617  C CA  . LEU A 1 87  ? -5.268  3.698   11.151  1.00 12.71 ? 85  LEU A CA  1 
ATOM   618  C C   . LEU A 1 87  ? -4.231  3.139   12.122  1.00 12.10 ? 85  LEU A C   1 
ATOM   619  O O   . LEU A 1 87  ? -3.375  3.873   12.625  1.00 12.13 ? 85  LEU A O   1 
ATOM   620  C CB  . LEU A 1 87  ? -4.604  4.164   9.855   1.00 11.46 ? 85  LEU A CB  1 
ATOM   621  C CG  . LEU A 1 87  ? -5.546  4.889   8.892   1.00 10.56 ? 85  LEU A CG  1 
ATOM   622  C CD1 . LEU A 1 87  ? -4.782  5.245   7.617   1.00 12.88 ? 85  LEU A CD1 1 
ATOM   623  C CD2 . LEU A 1 87  ? -6.741  4.007   8.562   1.00 13.48 ? 85  LEU A CD2 1 
ATOM   624  N N   . ASN A 1 88  ? -4.305  1.841   12.390  1.00 12.22 ? 86  ASN A N   1 
ATOM   625  C CA  . ASN A 1 88  ? -3.394  1.225   13.350  1.00 12.40 ? 86  ASN A CA  1 
ATOM   626  C C   . ASN A 1 88  ? -2.148  0.601   12.753  1.00 12.33 ? 86  ASN A C   1 
ATOM   627  O O   . ASN A 1 88  ? -1.386  -0.070  13.455  1.00 14.96 ? 86  ASN A O   1 
ATOM   628  C CB  . ASN A 1 88  ? -4.133  0.159   14.172  1.00 14.14 ? 86  ASN A CB  1 
ATOM   629  C CG  . ASN A 1 88  ? -4.600  -1.020  13.328  1.00 15.26 ? 86  ASN A CG  1 
ATOM   630  O OD1 . ASN A 1 88  ? -3.950  -1.402  12.353  1.00 15.31 ? 86  ASN A OD1 1 
ATOM   631  N ND2 . ASN A 1 88  ? -5.723  -1.615  13.716  1.00 15.95 ? 86  ASN A ND2 1 
ATOM   632  N N   . PHE A 1 89  ? -1.921  0.835   11.468  1.00 10.11 ? 87  PHE A N   1 
ATOM   633  C CA  . PHE A 1 89  ? -0.778  0.237   10.806  1.00 10.54 ? 87  PHE A CA  1 
ATOM   634  C C   . PHE A 1 89  ? 0.201   1.243   10.224  1.00 10.12 ? 87  PHE A C   1 
ATOM   635  O O   . PHE A 1 89  ? -0.065  2.445   10.181  1.00 11.80 ? 87  PHE A O   1 
ATOM   636  C CB  . PHE A 1 89  ? -1.271  -0.727  9.719   1.00 9.46  ? 87  PHE A CB  1 
ATOM   637  C CG  . PHE A 1 89  ? -2.265  -0.117  8.769   1.00 9.44  ? 87  PHE A CG  1 
ATOM   638  C CD1 . PHE A 1 89  ? -1.845  0.453   7.573   1.00 9.47  ? 87  PHE A CD1 1 
ATOM   639  C CD2 . PHE A 1 89  ? -3.624  -0.105  9.074   1.00 9.35  ? 87  PHE A CD2 1 
ATOM   640  C CE1 . PHE A 1 89  ? -2.763  1.029   6.693   1.00 9.77  ? 87  PHE A CE1 1 
ATOM   641  C CE2 . PHE A 1 89  ? -4.553  0.469   8.203   1.00 11.52 ? 87  PHE A CE2 1 
ATOM   642  C CZ  . PHE A 1 89  ? -4.120  1.038   7.007   1.00 11.42 ? 87  PHE A CZ  1 
ATOM   643  N N   . THR A 1 90  ? 1.340   0.728   9.778   1.00 8.68  ? 88  THR A N   1 
ATOM   644  C CA  . THR A 1 90  ? 2.388   1.551   9.208   1.00 8.25  ? 88  THR A CA  1 
ATOM   645  C C   . THR A 1 90  ? 1.955   2.192   7.898   1.00 9.28  ? 88  THR A C   1 
ATOM   646  O O   . THR A 1 90  ? 1.402   1.523   7.025   1.00 9.83  ? 88  THR A O   1 
ATOM   647  C CB  . THR A 1 90  ? 3.663   0.712   8.984   1.00 10.44 ? 88  THR A CB  1 
ATOM   648  O OG1 . THR A 1 90  ? 4.208   0.335   10.257  1.00 12.64 ? 88  THR A OG1 1 
ATOM   649  C CG2 . THR A 1 90  ? 4.706   1.494   8.218   1.00 9.47  ? 88  THR A CG2 1 
ATOM   650  N N   . ILE A 1 91  ? 2.203   3.495   7.788   1.00 9.38  ? 89  ILE A N   1 
ATOM   651  C CA  . ILE A 1 91  ? 1.874   4.274   6.597   1.00 9.80  ? 89  ILE A CA  1 
ATOM   652  C C   . ILE A 1 91  ? 3.179   4.854   6.053   1.00 8.54  ? 89  ILE A C   1 
ATOM   653  O O   . ILE A 1 91  ? 3.864   5.629   6.729   1.00 10.26 ? 89  ILE A O   1 
ATOM   654  C CB  . ILE A 1 91  ? 0.893   5.425   6.930   1.00 9.97  ? 89  ILE A CB  1 
ATOM   655  C CG1 . ILE A 1 91  ? -0.417  4.851   7.485   1.00 14.09 ? 89  ILE A CG1 1 
ATOM   656  C CG2 . ILE A 1 91  ? 0.614   6.257   5.686   1.00 13.23 ? 89  ILE A CG2 1 
ATOM   657  C CD1 . ILE A 1 91  ? -1.195  4.001   6.494   1.00 17.14 ? 89  ILE A CD1 1 
ATOM   658  N N   . LEU A 1 92  ? 3.512   4.467   4.825   1.00 7.38  ? 90  LEU A N   1 
ATOM   659  C CA  . LEU A 1 92  ? 4.745   4.893   4.176   1.00 8.81  ? 90  LEU A CA  1 
ATOM   660  C C   . LEU A 1 92  ? 4.564   5.974   3.121   1.00 9.36  ? 90  LEU A C   1 
ATOM   661  O O   . LEU A 1 92  ? 3.525   6.052   2.461   1.00 9.41  ? 90  LEU A O   1 
ATOM   662  C CB  . LEU A 1 92  ? 5.425   3.684   3.536   1.00 8.64  ? 90  LEU A CB  1 
ATOM   663  C CG  . LEU A 1 92  ? 5.674   2.474   4.439   1.00 10.19 ? 90  LEU A CG  1 
ATOM   664  C CD1 . LEU A 1 92  ? 6.382   1.395   3.630   1.00 10.81 ? 90  LEU A CD1 1 
ATOM   665  C CD2 . LEU A 1 92  ? 6.524   2.872   5.642   1.00 9.21  ? 90  LEU A CD2 1 
ATOM   666  N N   . SER A 1 93  ? 5.600   6.798   2.965   1.00 9.22  ? 91  SER A N   1 
ATOM   667  C CA  . SER A 1 93  ? 5.589   7.887   1.994   1.00 8.80  ? 91  SER A CA  1 
ATOM   668  C C   . SER A 1 93  ? 6.562   7.630   0.847   1.00 8.03  ? 91  SER A C   1 
ATOM   669  O O   . SER A 1 93  ? 7.775   7.704   1.018   1.00 10.70 ? 91  SER A O   1 
ATOM   670  C CB  . SER A 1 93  ? 5.942   9.214   2.673   1.00 10.66 ? 91  SER A CB  1 
ATOM   671  O OG  . SER A 1 93  ? 4.940   9.586   3.608   1.00 14.93 ? 91  SER A OG  1 
ATOM   672  N N   . ASP A 1 94  ? 6.005   7.323   -0.319  1.00 8.19  ? 92  ASP A N   1 
ATOM   673  C CA  . ASP A 1 94  ? 6.782   7.056   -1.530  1.00 8.20  ? 92  ASP A CA  1 
ATOM   674  C C   . ASP A 1 94  ? 6.918   8.409   -2.228  1.00 9.16  ? 92  ASP A C   1 
ATOM   675  O O   . ASP A 1 94  ? 6.517   8.577   -3.380  1.00 9.99  ? 92  ASP A O   1 
ATOM   676  C CB  . ASP A 1 94  ? 6.003   6.060   -2.398  1.00 7.47  ? 92  ASP A CB  1 
ATOM   677  C CG  . ASP A 1 94  ? 6.772   5.615   -3.622  1.00 9.38  ? 92  ASP A CG  1 
ATOM   678  O OD1 . ASP A 1 94  ? 8.007   5.458   -3.523  1.00 10.95 ? 92  ASP A OD1 1 
ATOM   679  O OD2 . ASP A 1 94  ? 6.127   5.403   -4.671  1.00 9.26  ? 92  ASP A OD2 1 
ATOM   680  N N   . TYR A 1 95  ? 7.504   9.372   -1.518  1.00 9.58  ? 93  TYR A N   1 
ATOM   681  C CA  . TYR A 1 95  ? 7.628   10.731  -2.032  1.00 9.91  ? 93  TYR A CA  1 
ATOM   682  C C   . TYR A 1 95  ? 8.393   10.925  -3.337  1.00 10.01 ? 93  TYR A C   1 
ATOM   683  O O   . TYR A 1 95  ? 8.175   11.916  -4.029  1.00 11.08 ? 93  TYR A O   1 
ATOM   684  C CB  . TYR A 1 95  ? 8.188   11.655  -0.940  1.00 10.16 ? 93  TYR A CB  1 
ATOM   685  C CG  . TYR A 1 95  ? 9.588   11.330  -0.474  1.00 9.39  ? 93  TYR A CG  1 
ATOM   686  C CD1 . TYR A 1 95  ? 10.701  11.821  -1.155  1.00 10.29 ? 93  TYR A CD1 1 
ATOM   687  C CD2 . TYR A 1 95  ? 9.799   10.550  0.662   1.00 11.07 ? 93  TYR A CD2 1 
ATOM   688  C CE1 . TYR A 1 95  ? 11.995  11.547  -0.711  1.00 11.80 ? 93  TYR A CE1 1 
ATOM   689  C CE2 . TYR A 1 95  ? 11.088  10.269  1.113   1.00 12.71 ? 93  TYR A CE2 1 
ATOM   690  C CZ  . TYR A 1 95  ? 12.179  10.772  0.421   1.00 12.88 ? 93  TYR A CZ  1 
ATOM   691  O OH  . TYR A 1 95  ? 13.456  10.499  0.866   1.00 14.51 ? 93  TYR A OH  1 
ATOM   692  N N   . ASN A 1 96  ? 9.275   9.991   -3.683  1.00 11.67 ? 94  ASN A N   1 
ATOM   693  C CA  . ASN A 1 96  ? 10.025  10.110  -4.931  1.00 12.40 ? 94  ASN A CA  1 
ATOM   694  C C   . ASN A 1 96  ? 9.506   9.142   -5.993  1.00 11.84 ? 94  ASN A C   1 
ATOM   695  O O   . ASN A 1 96  ? 10.131  8.946   -7.043  1.00 13.11 ? 94  ASN A O   1 
ATOM   696  C CB  . ASN A 1 96  ? 11.524  9.899   -4.677  1.00 12.96 ? 94  ASN A CB  1 
ATOM   697  C CG  . ASN A 1 96  ? 12.240  11.198  -4.321  1.00 15.26 ? 94  ASN A CG  1 
ATOM   698  O OD1 . ASN A 1 96  ? 13.324  11.183  -3.740  1.00 20.07 ? 94  ASN A OD1 1 
ATOM   699  N ND2 . ASN A 1 96  ? 11.640  12.325  -4.685  1.00 17.59 ? 94  ASN A ND2 1 
ATOM   700  N N   . ARG A 1 97  ? 8.348   8.552   -5.704  1.00 11.81 ? 95  ARG A N   1 
ATOM   701  C CA  . ARG A 1 97  ? 7.666   7.623   -6.601  1.00 10.72 ? 95  ARG A CA  1 
ATOM   702  C C   . ARG A 1 97  ? 8.454   6.375   -6.992  1.00 11.11 ? 95  ARG A C   1 
ATOM   703  O O   . ARG A 1 97  ? 8.138   5.717   -7.983  1.00 12.80 ? 95  ARG A O   1 
ATOM   704  C CB  . ARG A 1 97  ? 7.207   8.367   -7.859  1.00 12.03 ? 95  ARG A CB  1 
ATOM   705  C CG  . ARG A 1 97  ? 5.941   9.211   -7.677  1.00 10.09 ? 95  ARG A CG  1 
ATOM   706  C CD  . ARG A 1 97  ? 6.120   10.403  -6.739  1.00 11.00 ? 95  ARG A CD  1 
ATOM   707  N NE  . ARG A 1 97  ? 4.971   11.307  -6.833  1.00 10.32 ? 95  ARG A NE  1 
ATOM   708  C CZ  . ARG A 1 97  ? 4.878   12.490  -6.233  1.00 12.26 ? 95  ARG A CZ  1 
ATOM   709  N NH1 . ARG A 1 97  ? 5.866   12.940  -5.471  1.00 11.06 ? 95  ARG A NH1 1 
ATOM   710  N NH2 . ARG A 1 97  ? 3.799   13.238  -6.419  1.00 10.09 ? 95  ARG A NH2 1 
ATOM   711  N N   . GLU A 1 98  ? 9.461   6.040   -6.197  1.00 11.27 ? 96  GLU A N   1 
ATOM   712  C CA  . GLU A 1 98  ? 10.281  4.866   -6.460  1.00 13.42 ? 96  GLU A CA  1 
ATOM   713  C C   . GLU A 1 98  ? 9.476   3.567   -6.401  1.00 13.24 ? 96  GLU A C   1 
ATOM   714  O O   . GLU A 1 98  ? 9.596   2.704   -7.275  1.00 13.19 ? 96  GLU A O   1 
ATOM   715  C CB  . GLU A 1 98  ? 11.419  4.798   -5.440  1.00 16.39 ? 96  GLU A CB  1 
ATOM   716  C CG  . GLU A 1 98  ? 12.275  3.547   -5.540  1.00 23.29 ? 96  GLU A CG  1 
ATOM   717  C CD  . GLU A 1 98  ? 13.234  3.411   -4.377  1.00 27.32 ? 96  GLU A CD  1 
ATOM   718  O OE1 . GLU A 1 98  ? 13.989  4.372   -4.114  1.00 30.77 ? 96  GLU A OE1 1 
ATOM   719  O OE2 . GLU A 1 98  ? 13.232  2.343   -3.727  1.00 29.19 ? 96  GLU A OE2 1 
ATOM   720  N N   . VAL A 1 99  ? 8.645   3.434   -5.373  1.00 10.85 ? 97  VAL A N   1 
ATOM   721  C CA  . VAL A 1 99  ? 7.868   2.218   -5.191  1.00 9.35  ? 97  VAL A CA  1 
ATOM   722  C C   . VAL A 1 99  ? 6.662   2.061   -6.120  1.00 9.15  ? 97  VAL A C   1 
ATOM   723  O O   . VAL A 1 99  ? 6.382   0.949   -6.574  1.00 10.62 ? 97  VAL A O   1 
ATOM   724  C CB  . VAL A 1 99  ? 7.440   2.077   -3.709  1.00 11.05 ? 97  VAL A CB  1 
ATOM   725  C CG1 . VAL A 1 99  ? 6.706   0.761   -3.489  1.00 10.40 ? 97  VAL A CG1 1 
ATOM   726  C CG2 . VAL A 1 99  ? 8.683   2.137   -2.823  1.00 11.09 ? 97  VAL A CG2 1 
ATOM   727  N N   . VAL A 1 100 ? 5.944   3.141   -6.413  1.00 8.95  ? 98  VAL A N   1 
ATOM   728  C CA  . VAL A 1 100 ? 4.811   3.002   -7.325  1.00 10.24 ? 98  VAL A CA  1 
ATOM   729  C C   . VAL A 1 100 ? 5.346   2.547   -8.680  1.00 11.56 ? 98  VAL A C   1 
ATOM   730  O O   . VAL A 1 100 ? 4.667   1.831   -9.420  1.00 12.74 ? 98  VAL A O   1 
ATOM   731  C CB  . VAL A 1 100 ? 4.015   4.321   -7.492  1.00 10.32 ? 98  VAL A CB  1 
ATOM   732  C CG1 . VAL A 1 100 ? 3.278   4.637   -6.201  1.00 11.04 ? 98  VAL A CG1 1 
ATOM   733  C CG2 . VAL A 1 100 ? 4.938   5.462   -7.862  1.00 12.54 ? 98  VAL A CG2 1 
ATOM   734  N N   . LYS A 1 101 ? 6.575   2.947   -8.995  1.00 13.32 ? 99  LYS A N   1 
ATOM   735  C CA  . LYS A 1 101 ? 7.183   2.545   -10.258 1.00 14.13 ? 99  LYS A CA  1 
ATOM   736  C C   . LYS A 1 101 ? 7.593   1.073   -10.213 1.00 14.90 ? 99  LYS A C   1 
ATOM   737  O O   . LYS A 1 101 ? 7.314   0.322   -11.150 1.00 15.25 ? 99  LYS A O   1 
ATOM   738  C CB  . LYS A 1 101 ? 8.388   3.437   -10.589 1.00 16.98 ? 99  LYS A CB  1 
ATOM   739  C CG  . LYS A 1 101 ? 7.980   4.857   -10.978 1.00 22.00 ? 99  LYS A CG  1 
ATOM   740  C CD  . LYS A 1 101 ? 9.164   5.716   -11.412 1.00 26.83 ? 99  LYS A CD  1 
ATOM   741  C CE  . LYS A 1 101 ? 10.108  6.008   -10.257 1.00 29.26 ? 99  LYS A CE  1 
ATOM   742  N NZ  . LYS A 1 101 ? 11.185  6.959   -10.660 1.00 33.52 ? 99  LYS A NZ  1 
ATOM   743  N N   . LYS A 1 102 ? 8.238   0.660   -9.124  1.00 14.06 ? 100 LYS A N   1 
ATOM   744  C CA  . LYS A 1 102 ? 8.661   -0.732  -8.972  1.00 13.29 ? 100 LYS A CA  1 
ATOM   745  C C   . LYS A 1 102 ? 7.470   -1.689  -9.010  1.00 12.81 ? 100 LYS A C   1 
ATOM   746  O O   . LYS A 1 102 ? 7.592   -2.827  -9.462  1.00 13.81 ? 100 LYS A O   1 
ATOM   747  C CB  . LYS A 1 102 ? 9.411   -0.936  -7.651  1.00 15.19 ? 100 LYS A CB  1 
ATOM   748  C CG  . LYS A 1 102 ? 10.821  -0.368  -7.609  1.00 17.21 ? 100 LYS A CG  1 
ATOM   749  C CD  . LYS A 1 102 ? 11.458  -0.650  -6.257  1.00 17.14 ? 100 LYS A CD  1 
ATOM   750  C CE  . LYS A 1 102 ? 12.886  -0.140  -6.179  1.00 19.99 ? 100 LYS A CE  1 
ATOM   751  N NZ  . LYS A 1 102 ? 13.450  -0.310  -4.806  1.00 21.12 ? 100 LYS A NZ  1 
ATOM   752  N N   . TYR A 1 103 ? 6.318   -1.237  -8.524  1.00 12.26 ? 101 TYR A N   1 
ATOM   753  C CA  . TYR A 1 103 ? 5.132   -2.082  -8.514  1.00 11.79 ? 101 TYR A CA  1 
ATOM   754  C C   . TYR A 1 103 ? 4.184   -1.834  -9.681  1.00 12.37 ? 101 TYR A C   1 
ATOM   755  O O   . TYR A 1 103 ? 3.115   -2.436  -9.761  1.00 13.14 ? 101 TYR A O   1 
ATOM   756  C CB  . TYR A 1 103 ? 4.392   -1.940  -7.175  1.00 10.04 ? 101 TYR A CB  1 
ATOM   757  C CG  . TYR A 1 103 ? 5.051   -2.741  -6.079  1.00 10.14 ? 101 TYR A CG  1 
ATOM   758  C CD1 . TYR A 1 103 ? 6.241   -2.311  -5.493  1.00 9.90  ? 101 TYR A CD1 1 
ATOM   759  C CD2 . TYR A 1 103 ? 4.535   -3.978  -5.691  1.00 8.94  ? 101 TYR A CD2 1 
ATOM   760  C CE1 . TYR A 1 103 ? 6.907   -3.096  -4.552  1.00 10.49 ? 101 TYR A CE1 1 
ATOM   761  C CE2 . TYR A 1 103 ? 5.193   -4.773  -4.754  1.00 11.40 ? 101 TYR A CE2 1 
ATOM   762  C CZ  . TYR A 1 103 ? 6.379   -4.327  -4.191  1.00 9.68  ? 101 TYR A CZ  1 
ATOM   763  O OH  . TYR A 1 103 ? 7.041   -5.118  -3.281  1.00 10.92 ? 101 TYR A OH  1 
ATOM   764  N N   . ASN A 1 104 ? 4.598   -0.957  -10.590 1.00 13.02 ? 102 ASN A N   1 
ATOM   765  C CA  . ASN A 1 104 ? 3.815   -0.626  -11.773 1.00 13.68 ? 102 ASN A CA  1 
ATOM   766  C C   . ASN A 1 104 ? 2.387   -0.199  -11.446 1.00 11.92 ? 102 ASN A C   1 
ATOM   767  O O   . ASN A 1 104 ? 1.430   -0.613  -12.107 1.00 13.46 ? 102 ASN A O   1 
ATOM   768  C CB  . ASN A 1 104 ? 3.810   -1.822  -12.739 1.00 14.44 ? 102 ASN A CB  1 
ATOM   769  C CG  . ASN A 1 104 ? 3.217   -1.479  -14.090 1.00 16.87 ? 102 ASN A CG  1 
ATOM   770  O OD1 . ASN A 1 104 ? 3.461   -0.400  -14.629 1.00 18.43 ? 102 ASN A OD1 1 
ATOM   771  N ND2 . ASN A 1 104 ? 2.449   -2.407  -14.654 1.00 19.70 ? 102 ASN A ND2 1 
ATOM   772  N N   . VAL A 1 105 ? 2.248   0.634   -10.419 1.00 12.09 ? 103 VAL A N   1 
ATOM   773  C CA  . VAL A 1 105 ? 0.940   1.136   -10.013 1.00 11.81 ? 103 VAL A CA  1 
ATOM   774  C C   . VAL A 1 105 ? 0.926   2.661   -10.032 1.00 12.81 ? 103 VAL A C   1 
ATOM   775  O O   . VAL A 1 105 ? 0.236   3.304   -9.239  1.00 14.13 ? 103 VAL A O   1 
ATOM   776  C CB  . VAL A 1 105 ? 0.551   0.651   -8.593  1.00 11.40 ? 103 VAL A CB  1 
ATOM   777  C CG1 . VAL A 1 105 ? 0.302   -0.843  -8.605  1.00 11.31 ? 103 VAL A CG1 1 
ATOM   778  C CG2 . VAL A 1 105 ? 1.651   1.003   -7.597  1.00 13.96 ? 103 VAL A CG2 1 
ATOM   779  N N   . ALA A 1 106 ? 1.690   3.245   -10.945 1.00 13.05 ? 104 ALA A N   1 
ATOM   780  C CA  . ALA A 1 106 ? 1.736   4.692   -11.047 1.00 13.56 ? 104 ALA A CA  1 
ATOM   781  C C   . ALA A 1 106 ? 0.807   5.212   -12.135 1.00 14.44 ? 104 ALA A C   1 
ATOM   782  O O   . ALA A 1 106 ? 0.528   4.522   -13.123 1.00 15.54 ? 104 ALA A O   1 
ATOM   783  C CB  . ALA A 1 106 ? 3.170   5.155   -11.326 1.00 13.93 ? 104 ALA A CB  1 
ATOM   784  N N   . TRP A 1 107 ? 0.306   6.424   -11.923 1.00 13.66 ? 105 TRP A N   1 
ATOM   785  C CA  . TRP A 1 107 ? -0.540  7.102   -12.896 1.00 13.44 ? 105 TRP A CA  1 
ATOM   786  C C   . TRP A 1 107 ? -0.472  8.591   -12.613 1.00 13.87 ? 105 TRP A C   1 
ATOM   787  O O   . TRP A 1 107 ? -0.001  9.013   -11.557 1.00 13.12 ? 105 TRP A O   1 
ATOM   788  C CB  . TRP A 1 107 ? -1.997  6.612   -12.856 1.00 13.90 ? 105 TRP A CB  1 
ATOM   789  C CG  . TRP A 1 107 ? -2.786  6.942   -11.624 1.00 13.30 ? 105 TRP A CG  1 
ATOM   790  C CD1 . TRP A 1 107 ? -2.471  6.613   -10.340 1.00 12.86 ? 105 TRP A CD1 1 
ATOM   791  C CD2 . TRP A 1 107 ? -4.077  7.575   -11.571 1.00 12.65 ? 105 TRP A CD2 1 
ATOM   792  N NE1 . TRP A 1 107 ? -3.483  6.991   -9.490  1.00 11.29 ? 105 TRP A NE1 1 
ATOM   793  C CE2 . TRP A 1 107 ? -4.482  7.584   -10.216 1.00 12.77 ? 105 TRP A CE2 1 
ATOM   794  C CE3 . TRP A 1 107 ? -4.931  8.129   -12.537 1.00 13.58 ? 105 TRP A CE3 1 
ATOM   795  C CZ2 . TRP A 1 107 ? -5.707  8.127   -9.798  1.00 12.84 ? 105 TRP A CZ2 1 
ATOM   796  C CZ3 . TRP A 1 107 ? -6.154  8.670   -12.120 1.00 13.29 ? 105 TRP A CZ3 1 
ATOM   797  C CH2 . TRP A 1 107 ? -6.527  8.663   -10.763 1.00 12.98 ? 105 TRP A CH2 1 
ATOM   798  N N   . GLU A 1 108 ? -0.910  9.385   -13.580 1.00 13.40 ? 106 GLU A N   1 
ATOM   799  C CA  . GLU A 1 108 ? -0.907  10.833  -13.450 1.00 13.83 ? 106 GLU A CA  1 
ATOM   800  C C   . GLU A 1 108 ? -2.313  11.288  -13.078 1.00 13.29 ? 106 GLU A C   1 
ATOM   801  O O   . GLU A 1 108 ? -3.292  10.901  -13.717 1.00 14.04 ? 106 GLU A O   1 
ATOM   802  C CB  . GLU A 1 108 ? -0.471  11.463  -14.776 1.00 15.64 ? 106 GLU A CB  1 
ATOM   803  C CG  . GLU A 1 108 ? -0.611  12.971  -14.848 1.00 18.34 ? 106 GLU A CG  1 
ATOM   804  C CD  . GLU A 1 108 ? -0.094  13.529  -16.161 1.00 20.30 ? 106 GLU A CD  1 
ATOM   805  O OE1 . GLU A 1 108 ? -0.347  12.906  -17.212 1.00 24.03 ? 106 GLU A OE1 1 
ATOM   806  O OE2 . GLU A 1 108 ? 0.557   14.592  -16.149 1.00 23.49 ? 106 GLU A OE2 1 
ATOM   807  N N   . PHE A 1 109 ? -2.419  12.112  -12.038 1.00 12.72 ? 107 PHE A N   1 
ATOM   808  C CA  . PHE A 1 109 ? -3.723  12.597  -11.606 1.00 12.24 ? 107 PHE A CA  1 
ATOM   809  C C   . PHE A 1 109 ? -4.281  13.510  -12.695 1.00 12.67 ? 107 PHE A C   1 
ATOM   810  O O   . PHE A 1 109 ? -3.629  14.461  -13.114 1.00 13.53 ? 107 PHE A O   1 
ATOM   811  C CB  . PHE A 1 109 ? -3.597  13.365  -10.289 1.00 12.55 ? 107 PHE A CB  1 
ATOM   812  C CG  . PHE A 1 109 ? -4.904  13.542  -9.562  1.00 12.74 ? 107 PHE A CG  1 
ATOM   813  C CD1 . PHE A 1 109 ? -5.611  12.435  -9.098  1.00 12.14 ? 107 PHE A CD1 1 
ATOM   814  C CD2 . PHE A 1 109 ? -5.422  14.813  -9.331  1.00 12.86 ? 107 PHE A CD2 1 
ATOM   815  C CE1 . PHE A 1 109 ? -6.814  12.591  -8.417  1.00 12.05 ? 107 PHE A CE1 1 
ATOM   816  C CE2 . PHE A 1 109 ? -6.626  14.981  -8.651  1.00 12.32 ? 107 PHE A CE2 1 
ATOM   817  C CZ  . PHE A 1 109 ? -7.323  13.868  -8.192  1.00 12.19 ? 107 PHE A CZ  1 
ATOM   818  N N   . PRO A 1 110 ? -5.501  13.224  -13.169 1.00 13.67 ? 108 PRO A N   1 
ATOM   819  C CA  . PRO A 1 110 ? -6.135  14.024  -14.221 1.00 13.77 ? 108 PRO A CA  1 
ATOM   820  C C   . PRO A 1 110 ? -6.123  15.540  -14.033 1.00 14.41 ? 108 PRO A C   1 
ATOM   821  O O   . PRO A 1 110 ? -5.812  16.278  -14.967 1.00 15.69 ? 108 PRO A O   1 
ATOM   822  C CB  . PRO A 1 110 ? -7.548  13.456  -14.269 1.00 13.80 ? 108 PRO A CB  1 
ATOM   823  C CG  . PRO A 1 110 ? -7.315  12.007  -13.969 1.00 13.14 ? 108 PRO A CG  1 
ATOM   824  C CD  . PRO A 1 110 ? -6.359  12.086  -12.794 1.00 14.17 ? 108 PRO A CD  1 
ATOM   825  N N   . ALA A 1 111 ? -6.452  15.999  -12.830 1.00 14.37 ? 109 ALA A N   1 
ATOM   826  C CA  . ALA A 1 111 ? -6.510  17.431  -12.546 1.00 15.44 ? 109 ALA A CA  1 
ATOM   827  C C   . ALA A 1 111 ? -5.172  18.100  -12.245 1.00 15.01 ? 109 ALA A C   1 
ATOM   828  O O   . ALA A 1 111 ? -5.106  19.325  -12.135 1.00 16.02 ? 109 ALA A O   1 
ATOM   829  C CB  . ALA A 1 111 ? -7.485  17.684  -11.392 1.00 14.39 ? 109 ALA A CB  1 
ATOM   830  N N   . LEU A 1 112 ? -4.107  17.313  -12.129 1.00 13.74 ? 110 LEU A N   1 
ATOM   831  C CA  . LEU A 1 112 ? -2.797  17.874  -11.817 1.00 13.50 ? 110 LEU A CA  1 
ATOM   832  C C   . LEU A 1 112 ? -1.694  17.415  -12.771 1.00 13.57 ? 110 LEU A C   1 
ATOM   833  O O   . LEU A 1 112 ? -1.057  16.385  -12.554 1.00 13.13 ? 110 LEU A O   1 
ATOM   834  C CB  . LEU A 1 112 ? -2.421  17.514  -10.378 1.00 13.76 ? 110 LEU A CB  1 
ATOM   835  C CG  . LEU A 1 112 ? -3.383  18.024  -9.299  1.00 12.06 ? 110 LEU A CG  1 
ATOM   836  C CD1 . LEU A 1 112 ? -3.007  17.418  -7.958  1.00 13.90 ? 110 LEU A CD1 1 
ATOM   837  C CD2 . LEU A 1 112 ? -3.334  19.543  -9.231  1.00 14.58 ? 110 LEU A CD2 1 
ATOM   838  N N   . PRO A 1 113 ? -1.438  18.192  -13.834 1.00 14.08 ? 111 PRO A N   1 
ATOM   839  C CA  . PRO A 1 113 ? -0.400  17.834  -14.803 1.00 13.88 ? 111 PRO A CA  1 
ATOM   840  C C   . PRO A 1 113 ? 0.941   17.519  -14.146 1.00 13.75 ? 111 PRO A C   1 
ATOM   841  O O   . PRO A 1 113 ? 1.463   18.311  -13.364 1.00 14.06 ? 111 PRO A O   1 
ATOM   842  C CB  . PRO A 1 113 ? -0.320  19.070  -15.696 1.00 16.31 ? 111 PRO A CB  1 
ATOM   843  C CG  . PRO A 1 113 ? -1.724  19.585  -15.670 1.00 15.91 ? 111 PRO A CG  1 
ATOM   844  C CD  . PRO A 1 113 ? -2.083  19.465  -14.206 1.00 15.60 ? 111 PRO A CD  1 
ATOM   845  N N   . GLY A 1 114 ? 1.488   16.351  -14.460 1.00 13.18 ? 112 GLY A N   1 
ATOM   846  C CA  . GLY A 1 114 ? 2.774   15.974  -13.905 1.00 13.89 ? 112 GLY A CA  1 
ATOM   847  C C   . GLY A 1 114 ? 2.769   15.453  -12.479 1.00 13.48 ? 112 GLY A C   1 
ATOM   848  O O   . GLY A 1 114 ? 3.838   15.182  -11.931 1.00 16.05 ? 112 GLY A O   1 
ATOM   849  N N   . TYR A 1 115 ? 1.591   15.324  -11.870 1.00 13.41 ? 113 TYR A N   1 
ATOM   850  C CA  . TYR A 1 115 ? 1.512   14.803  -10.504 1.00 12.14 ? 113 TYR A CA  1 
ATOM   851  C C   . TYR A 1 115 ? 1.309   13.299  -10.590 1.00 11.61 ? 113 TYR A C   1 
ATOM   852  O O   . TYR A 1 115 ? 0.224   12.827  -10.943 1.00 12.43 ? 113 TYR A O   1 
ATOM   853  C CB  . TYR A 1 115 ? 0.341   15.416  -9.726  1.00 12.42 ? 113 TYR A CB  1 
ATOM   854  C CG  . TYR A 1 115 ? 0.331   15.037  -8.250  1.00 11.08 ? 113 TYR A CG  1 
ATOM   855  C CD1 . TYR A 1 115 ? 1.207   15.643  -7.349  1.00 10.47 ? 113 TYR A CD1 1 
ATOM   856  C CD2 . TYR A 1 115 ? -0.540  14.060  -7.761  1.00 11.86 ? 113 TYR A CD2 1 
ATOM   857  C CE1 . TYR A 1 115 ? 1.218   15.288  -5.995  1.00 10.53 ? 113 TYR A CE1 1 
ATOM   858  C CE2 . TYR A 1 115 ? -0.533  13.693  -6.410  1.00 9.19  ? 113 TYR A CE2 1 
ATOM   859  C CZ  . TYR A 1 115 ? 0.347   14.310  -5.535  1.00 10.53 ? 113 TYR A CZ  1 
ATOM   860  O OH  . TYR A 1 115 ? 0.368   13.940  -4.206  1.00 9.33  ? 113 TYR A OH  1 
ATOM   861  N N   . VAL A 1 116 ? 2.357   12.548  -10.274 1.00 10.37 ? 114 VAL A N   1 
ATOM   862  C CA  . VAL A 1 116 ? 2.289   11.097  -10.320 1.00 10.37 ? 114 VAL A CA  1 
ATOM   863  C C   . VAL A 1 116 ? 1.923   10.559  -8.944  1.00 10.90 ? 114 VAL A C   1 
ATOM   864  O O   . VAL A 1 116 ? 2.503   10.957  -7.934  1.00 11.07 ? 114 VAL A O   1 
ATOM   865  C CB  . VAL A 1 116 ? 3.638   10.496  -10.749 1.00 12.46 ? 114 VAL A CB  1 
ATOM   866  C CG1 . VAL A 1 116 ? 3.557   8.978   -10.750 1.00 12.74 ? 114 VAL A CG1 1 
ATOM   867  C CG2 . VAL A 1 116 ? 4.013   11.008  -12.134 1.00 13.97 ? 114 VAL A CG2 1 
ATOM   868  N N   . LEU A 1 117 ? 0.956   9.653   -8.907  1.00 10.12 ? 115 LEU A N   1 
ATOM   869  C CA  . LEU A 1 117 ? 0.535   9.071   -7.641  1.00 9.15  ? 115 LEU A CA  1 
ATOM   870  C C   . LEU A 1 117 ? 0.239   7.595   -7.822  1.00 10.93 ? 115 LEU A C   1 
ATOM   871  O O   . LEU A 1 117 ? 0.293   7.072   -8.932  1.00 10.57 ? 115 LEU A O   1 
ATOM   872  C CB  . LEU A 1 117 ? -0.696  9.809   -7.093  1.00 9.81  ? 115 LEU A CB  1 
ATOM   873  C CG  . LEU A 1 117 ? -2.077  9.669   -7.748  1.00 9.59  ? 115 LEU A CG  1 
ATOM   874  C CD1 . LEU A 1 117 ? -3.051  10.622  -7.052  1.00 11.38 ? 115 LEU A CD1 1 
ATOM   875  C CD2 . LEU A 1 117 ? -2.007  9.994   -9.228  1.00 10.26 ? 115 LEU A CD2 1 
ATOM   876  N N   . ALA A 1 118 ? -0.060  6.916   -6.725  1.00 9.65  ? 116 ALA A N   1 
ATOM   877  C CA  . ALA A 1 118 ? -0.349  5.494   -6.795  1.00 9.26  ? 116 ALA A CA  1 
ATOM   878  C C   . ALA A 1 118 ? -1.794  5.212   -7.144  1.00 10.42 ? 116 ALA A C   1 
ATOM   879  O O   . ALA A 1 118 ? -2.688  5.996   -6.824  1.00 9.80  ? 116 ALA A O   1 
ATOM   880  C CB  . ALA A 1 118 ? -0.020  4.832   -5.462  1.00 10.23 ? 116 ALA A CB  1 
ATOM   881  N N   . LYS A 1 119 ? -2.011  4.089   -7.818  1.00 10.68 ? 117 LYS A N   1 
ATOM   882  C CA  . LYS A 1 119 ? -3.359  3.657   -8.141  1.00 9.70  ? 117 LYS A CA  1 
ATOM   883  C C   . LYS A 1 119 ? -3.785  2.910   -6.885  1.00 10.50 ? 117 LYS A C   1 
ATOM   884  O O   . LYS A 1 119 ? -2.934  2.478   -6.100  1.00 9.48  ? 117 LYS A O   1 
ATOM   885  C CB  . LYS A 1 119 ? -3.361  2.664   -9.312  1.00 11.42 ? 117 LYS A CB  1 
ATOM   886  C CG  . LYS A 1 119 ? -2.981  3.237   -10.670 1.00 10.26 ? 117 LYS A CG  1 
ATOM   887  C CD  . LYS A 1 119 ? -2.995  2.146   -11.739 1.00 11.81 ? 117 LYS A CD  1 
ATOM   888  C CE  . LYS A 1 119 ? -2.740  2.719   -13.129 1.00 11.09 ? 117 LYS A CE  1 
ATOM   889  N NZ  . LYS A 1 119 ? -2.711  1.646   -14.181 1.00 13.22 ? 117 LYS A NZ  1 
ATOM   890  N N   . ARG A 1 120 ? -5.091  2.779   -6.679  1.00 10.32 ? 118 ARG A N   1 
ATOM   891  C CA  . ARG A 1 120 ? -5.599  2.017   -5.544  1.00 11.76 ? 118 ARG A CA  1 
ATOM   892  C C   . ARG A 1 120 ? -5.170  0.584   -5.862  1.00 10.35 ? 118 ARG A C   1 
ATOM   893  O O   . ARG A 1 120 ? -5.552  0.031   -6.900  1.00 10.06 ? 118 ARG A O   1 
ATOM   894  C CB  . ARG A 1 120 ? -7.124  2.094   -5.495  1.00 14.25 ? 118 ARG A CB  1 
ATOM   895  C CG  . ARG A 1 120 ? -7.749  1.324   -4.349  1.00 19.59 ? 118 ARG A CG  1 
ATOM   896  C CD  . ARG A 1 120 ? -7.648  2.094   -3.060  1.00 24.74 ? 118 ARG A CD  1 
ATOM   897  N NE  . ARG A 1 120 ? -8.307  3.390   -3.175  1.00 27.77 ? 118 ARG A NE  1 
ATOM   898  C CZ  . ARG A 1 120 ? -8.521  4.211   -2.155  1.00 27.61 ? 118 ARG A CZ  1 
ATOM   899  N NH1 . ARG A 1 120 ? -8.131  3.865   -0.936  1.00 27.85 ? 118 ARG A NH1 1 
ATOM   900  N NH2 . ARG A 1 120 ? -9.119  5.378   -2.353  1.00 28.18 ? 118 ARG A NH2 1 
ATOM   901  N N   . ALA A 1 121 ? -4.372  -0.021  -4.988  1.00 7.63  ? 119 ALA A N   1 
ATOM   902  C CA  . ALA A 1 121 ? -3.907  -1.378  -5.239  1.00 8.76  ? 119 ALA A CA  1 
ATOM   903  C C   . ALA A 1 121 ? -3.586  -2.139  -3.964  1.00 9.98  ? 119 ALA A C   1 
ATOM   904  O O   . ALA A 1 121 ? -3.327  -1.541  -2.919  1.00 9.49  ? 119 ALA A O   1 
ATOM   905  C CB  . ALA A 1 121 ? -2.668  -1.340  -6.144  1.00 9.57  ? 119 ALA A CB  1 
ATOM   906  N N   . VAL A 1 122 ? -3.611  -3.465  -4.069  1.00 8.80  ? 120 VAL A N   1 
ATOM   907  C CA  . VAL A 1 122 ? -3.302  -4.341  -2.950  1.00 9.72  ? 120 VAL A CA  1 
ATOM   908  C C   . VAL A 1 122 ? -2.450  -5.509  -3.422  1.00 11.22 ? 120 VAL A C   1 
ATOM   909  O O   . VAL A 1 122 ? -2.712  -6.110  -4.464  1.00 11.28 ? 120 VAL A O   1 
ATOM   910  C CB  . VAL A 1 122 ? -4.575  -4.933  -2.299  1.00 9.15  ? 120 VAL A CB  1 
ATOM   911  C CG1 . VAL A 1 122 ? -4.183  -5.938  -1.211  1.00 10.96 ? 120 VAL A CG1 1 
ATOM   912  C CG2 . VAL A 1 122 ? -5.430  -3.827  -1.714  1.00 11.01 ? 120 VAL A CG2 1 
ATOM   913  N N   . PHE A 1 123 ? -1.418  -5.811  -2.648  1.00 10.82 ? 121 PHE A N   1 
ATOM   914  C CA  . PHE A 1 123 ? -0.542  -6.935  -2.938  1.00 10.45 ? 121 PHE A CA  1 
ATOM   915  C C   . PHE A 1 123 ? -0.384  -7.685  -1.627  1.00 10.46 ? 121 PHE A C   1 
ATOM   916  O O   . PHE A 1 123 ? -0.104  -7.074  -0.597  1.00 11.26 ? 121 PHE A O   1 
ATOM   917  C CB  . PHE A 1 123 ? 0.845   -6.461  -3.386  1.00 11.10 ? 121 PHE A CB  1 
ATOM   918  C CG  . PHE A 1 123 ? 0.870   -5.801  -4.735  1.00 11.24 ? 121 PHE A CG  1 
ATOM   919  C CD1 . PHE A 1 123 ? 1.113   -6.547  -5.887  1.00 14.39 ? 121 PHE A CD1 1 
ATOM   920  C CD2 . PHE A 1 123 ? 0.685   -4.426  -4.852  1.00 12.86 ? 121 PHE A CD2 1 
ATOM   921  C CE1 . PHE A 1 123 ? 1.175   -5.930  -7.140  1.00 13.57 ? 121 PHE A CE1 1 
ATOM   922  C CE2 . PHE A 1 123 ? 0.744   -3.798  -6.094  1.00 13.30 ? 121 PHE A CE2 1 
ATOM   923  C CZ  . PHE A 1 123 ? 0.991   -4.553  -7.244  1.00 13.11 ? 121 PHE A CZ  1 
ATOM   924  N N   . VAL A 1 124 ? -0.591  -8.997  -1.649  1.00 9.75  ? 122 VAL A N   1 
ATOM   925  C CA  . VAL A 1 124 ? -0.388  -9.794  -0.446  1.00 10.33 ? 122 VAL A CA  1 
ATOM   926  C C   . VAL A 1 124 ? 0.911   -10.541 -0.700  1.00 11.07 ? 122 VAL A C   1 
ATOM   927  O O   . VAL A 1 124 ? 1.096   -11.151 -1.759  1.00 11.95 ? 122 VAL A O   1 
ATOM   928  C CB  . VAL A 1 124 ? -1.526  -10.806 -0.187  1.00 8.94  ? 122 VAL A CB  1 
ATOM   929  C CG1 . VAL A 1 124 ? -1.214  -11.615 1.072   1.00 11.13 ? 122 VAL A CG1 1 
ATOM   930  C CG2 . VAL A 1 124 ? -2.851  -10.068 -0.013  1.00 9.97  ? 122 VAL A CG2 1 
ATOM   931  N N   . ILE A 1 125 ? 1.808   -10.474 0.275   1.00 9.60  ? 123 ILE A N   1 
ATOM   932  C CA  . ILE A 1 125 ? 3.124   -11.092 0.185   1.00 11.26 ? 123 ILE A CA  1 
ATOM   933  C C   . ILE A 1 125 ? 3.266   -12.155 1.276   1.00 11.67 ? 123 ILE A C   1 
ATOM   934  O O   . ILE A 1 125 ? 2.932   -11.909 2.437   1.00 11.80 ? 123 ILE A O   1 
ATOM   935  C CB  . ILE A 1 125 ? 4.208   -9.989  0.338   1.00 10.73 ? 123 ILE A CB  1 
ATOM   936  C CG1 . ILE A 1 125 ? 4.062   -8.976  -0.805  1.00 12.59 ? 123 ILE A CG1 1 
ATOM   937  C CG2 . ILE A 1 125 ? 5.599   -10.592 0.329   1.00 13.11 ? 123 ILE A CG2 1 
ATOM   938  C CD1 . ILE A 1 125 ? 4.878   -7.711  -0.622  1.00 13.51 ? 123 ILE A CD1 1 
ATOM   939  N N   . ASP A 1 126 ? 3.738   -13.345 0.906   1.00 11.43 ? 124 ASP A N   1 
ATOM   940  C CA  . ASP A 1 126 ? 3.890   -14.412 1.892   1.00 12.54 ? 124 ASP A CA  1 
ATOM   941  C C   . ASP A 1 126 ? 5.143   -14.253 2.753   1.00 13.55 ? 124 ASP A C   1 
ATOM   942  O O   . ASP A 1 126 ? 5.919   -13.311 2.576   1.00 12.38 ? 124 ASP A O   1 
ATOM   943  C CB  . ASP A 1 126 ? 3.871   -15.798 1.224   1.00 13.47 ? 124 ASP A CB  1 
ATOM   944  C CG  . ASP A 1 126 ? 5.001   -16.001 0.228   1.00 13.99 ? 124 ASP A CG  1 
ATOM   945  O OD1 . ASP A 1 126 ? 6.090   -15.426 0.419   1.00 13.50 ? 124 ASP A OD1 1 
ATOM   946  O OD2 . ASP A 1 126 ? 4.801   -16.765 -0.743  1.00 14.67 ? 124 ASP A OD2 1 
ATOM   947  N N   . LYS A 1 127 ? 5.328   -15.180 3.689   1.00 13.29 ? 125 LYS A N   1 
ATOM   948  C CA  . LYS A 1 127 ? 6.468   -15.138 4.600   1.00 14.53 ? 125 LYS A CA  1 
ATOM   949  C C   . LYS A 1 127 ? 7.813   -15.273 3.903   1.00 15.95 ? 125 LYS A C   1 
ATOM   950  O O   . LYS A 1 127 ? 8.853   -14.939 4.476   1.00 16.98 ? 125 LYS A O   1 
ATOM   951  C CB  . LYS A 1 127 ? 6.324   -16.226 5.667   1.00 13.96 ? 125 LYS A CB  1 
ATOM   952  C CG  . LYS A 1 127 ? 5.119   -16.028 6.575   1.00 15.82 ? 125 LYS A CG  1 
ATOM   953  C CD  . LYS A 1 127 ? 4.985   -17.165 7.576   1.00 17.90 ? 125 LYS A CD  1 
ATOM   954  C CE  . LYS A 1 127 ? 3.734   -17.012 8.426   1.00 17.93 ? 125 LYS A CE  1 
ATOM   955  N NZ  . LYS A 1 127 ? 3.583   -18.147 9.383   1.00 21.73 ? 125 LYS A NZ  1 
ATOM   956  N N   . GLU A 1 128 ? 7.791   -15.764 2.668   1.00 14.53 ? 126 GLU A N   1 
ATOM   957  C CA  . GLU A 1 128 ? 9.009   -15.934 1.887   1.00 16.75 ? 126 GLU A CA  1 
ATOM   958  C C   . GLU A 1 128 ? 9.268   -14.694 1.032   1.00 16.13 ? 126 GLU A C   1 
ATOM   959  O O   . GLU A 1 128 ? 10.267  -14.621 0.315   1.00 17.60 ? 126 GLU A O   1 
ATOM   960  C CB  . GLU A 1 128 ? 8.897   -17.168 0.986   1.00 18.68 ? 126 GLU A CB  1 
ATOM   961  C CG  . GLU A 1 128 ? 8.874   -18.511 1.715   1.00 22.96 ? 126 GLU A CG  1 
ATOM   962  C CD  . GLU A 1 128 ? 7.622   -18.727 2.551   1.00 26.23 ? 126 GLU A CD  1 
ATOM   963  O OE1 . GLU A 1 128 ? 6.504   -18.524 2.027   1.00 26.61 ? 126 GLU A OE1 1 
ATOM   964  O OE2 . GLU A 1 128 ? 7.757   -19.115 3.731   1.00 28.98 ? 126 GLU A OE2 1 
ATOM   965  N N   . GLY A 1 129 ? 8.357   -13.728 1.105   1.00 15.98 ? 127 GLY A N   1 
ATOM   966  C CA  . GLY A 1 129 ? 8.515   -12.502 0.343   1.00 15.17 ? 127 GLY A CA  1 
ATOM   967  C C   . GLY A 1 129 ? 8.017   -12.555 -1.090  1.00 15.59 ? 127 GLY A C   1 
ATOM   968  O O   . GLY A 1 129 ? 8.359   -11.691 -1.899  1.00 16.11 ? 127 GLY A O   1 
ATOM   969  N N   . LYS A 1 130 ? 7.204   -13.555 -1.413  1.00 15.32 ? 128 LYS A N   1 
ATOM   970  C CA  . LYS A 1 130 ? 6.679   -13.688 -2.767  1.00 16.11 ? 128 LYS A CA  1 
ATOM   971  C C   . LYS A 1 130 ? 5.276   -13.105 -2.883  1.00 13.63 ? 128 LYS A C   1 
ATOM   972  O O   . LYS A 1 130 ? 4.500   -13.140 -1.929  1.00 12.66 ? 128 LYS A O   1 
ATOM   973  C CB  . LYS A 1 130 ? 6.655   -15.162 -3.185  1.00 17.49 ? 128 LYS A CB  1 
ATOM   974  C CG  . LYS A 1 130 ? 8.029   -15.822 -3.228  1.00 21.06 ? 128 LYS A CG  1 
ATOM   975  C CD  . LYS A 1 130 ? 7.938   -17.227 -3.799  1.00 26.08 ? 128 LYS A CD  1 
ATOM   976  C CE  . LYS A 1 130 ? 9.289   -17.929 -3.779  1.00 27.10 ? 128 LYS A CE  1 
ATOM   977  N NZ  . LYS A 1 130 ? 10.323  -17.180 -4.545  1.00 29.85 ? 128 LYS A NZ  1 
ATOM   978  N N   . VAL A 1 131 ? 4.958   -12.565 -4.056  1.00 13.74 ? 129 VAL A N   1 
ATOM   979  C CA  . VAL A 1 131 ? 3.644   -11.990 -4.305  1.00 12.57 ? 129 VAL A CA  1 
ATOM   980  C C   . VAL A 1 131 ? 2.652   -13.138 -4.487  1.00 13.74 ? 129 VAL A C   1 
ATOM   981  O O   . VAL A 1 131 ? 2.873   -14.036 -5.301  1.00 15.66 ? 129 VAL A O   1 
ATOM   982  C CB  . VAL A 1 131 ? 3.673   -11.100 -5.569  1.00 13.10 ? 129 VAL A CB  1 
ATOM   983  C CG1 . VAL A 1 131 ? 2.299   -10.507 -5.833  1.00 13.07 ? 129 VAL A CG1 1 
ATOM   984  C CG2 . VAL A 1 131 ? 4.706   -9.999  -5.387  1.00 13.04 ? 129 VAL A CG2 1 
ATOM   985  N N   . ARG A 1 132 ? 1.564   -13.105 -3.726  1.00 11.89 ? 130 ARG A N   1 
ATOM   986  C CA  . ARG A 1 132 ? 0.566   -14.166 -3.776  1.00 12.91 ? 130 ARG A CA  1 
ATOM   987  C C   . ARG A 1 132 ? -0.828  -13.684 -4.149  1.00 12.39 ? 130 ARG A C   1 
ATOM   988  O O   . ARG A 1 132 ? -1.728  -14.485 -4.388  1.00 15.30 ? 130 ARG A O   1 
ATOM   989  C CB  . ARG A 1 132 ? 0.534   -14.891 -2.430  1.00 11.78 ? 130 ARG A CB  1 
ATOM   990  C CG  . ARG A 1 132 ? 1.883   -15.488 -2.040  1.00 12.59 ? 130 ARG A CG  1 
ATOM   991  C CD  . ARG A 1 132 ? 2.294   -16.573 -3.023  1.00 13.33 ? 130 ARG A CD  1 
ATOM   992  N NE  . ARG A 1 132 ? 1.365   -17.696 -2.961  1.00 14.82 ? 130 ARG A NE  1 
ATOM   993  C CZ  . ARG A 1 132 ? 1.423   -18.658 -2.045  1.00 13.41 ? 130 ARG A CZ  1 
ATOM   994  N NH1 . ARG A 1 132 ? 2.378   -18.639 -1.123  1.00 12.81 ? 130 ARG A NH1 1 
ATOM   995  N NH2 . ARG A 1 132 ? 0.509   -19.618 -2.032  1.00 15.99 ? 130 ARG A NH2 1 
ATOM   996  N N   . TYR A 1 133 ? -1.005  -12.368 -4.182  1.00 12.44 ? 131 TYR A N   1 
ATOM   997  C CA  . TYR A 1 133 ? -2.282  -11.773 -4.550  1.00 12.06 ? 131 TYR A CA  1 
ATOM   998  C C   . TYR A 1 133 ? -1.999  -10.384 -5.094  1.00 10.89 ? 131 TYR A C   1 
ATOM   999  O O   . TYR A 1 133 ? -1.172  -9.655  -4.552  1.00 11.07 ? 131 TYR A O   1 
ATOM   1000 C CB  . TYR A 1 133 ? -3.218  -11.664 -3.340  1.00 12.44 ? 131 TYR A CB  1 
ATOM   1001 C CG  . TYR A 1 133 ? -4.504  -10.931 -3.651  1.00 12.90 ? 131 TYR A CG  1 
ATOM   1002 C CD1 . TYR A 1 133 ? -5.585  -11.586 -4.240  1.00 13.35 ? 131 TYR A CD1 1 
ATOM   1003 C CD2 . TYR A 1 133 ? -4.620  -9.568  -3.397  1.00 12.19 ? 131 TYR A CD2 1 
ATOM   1004 C CE1 . TYR A 1 133 ? -6.756  -10.894 -4.571  1.00 14.69 ? 131 TYR A CE1 1 
ATOM   1005 C CE2 . TYR A 1 133 ? -5.777  -8.870  -3.723  1.00 12.26 ? 131 TYR A CE2 1 
ATOM   1006 C CZ  . TYR A 1 133 ? -6.838  -9.534  -4.308  1.00 14.23 ? 131 TYR A CZ  1 
ATOM   1007 O OH  . TYR A 1 133 ? -7.975  -8.827  -4.628  1.00 15.66 ? 131 TYR A OH  1 
ATOM   1008 N N   . LYS A 1 134 ? -2.687  -10.029 -6.172  1.00 11.21 ? 132 LYS A N   1 
ATOM   1009 C CA  . LYS A 1 134 ? -2.514  -8.730  -6.800  1.00 11.63 ? 132 LYS A CA  1 
ATOM   1010 C C   . LYS A 1 134 ? -3.858  -8.185  -7.260  1.00 12.12 ? 132 LYS A C   1 
ATOM   1011 O O   . LYS A 1 134 ? -4.642  -8.892  -7.895  1.00 13.32 ? 132 LYS A O   1 
ATOM   1012 C CB  . LYS A 1 134 ? -1.578  -8.853  -8.004  1.00 13.21 ? 132 LYS A CB  1 
ATOM   1013 C CG  . LYS A 1 134 ? -1.458  -7.600  -8.850  1.00 14.54 ? 132 LYS A CG  1 
ATOM   1014 C CD  . LYS A 1 134 ? -0.606  -7.879  -10.080 1.00 16.76 ? 132 LYS A CD  1 
ATOM   1015 C CE  . LYS A 1 134 ? -0.580  -6.697  -11.031 1.00 20.12 ? 132 LYS A CE  1 
ATOM   1016 N NZ  . LYS A 1 134 ? 0.228   -7.002  -12.248 1.00 19.23 ? 132 LYS A NZ  1 
ATOM   1017 N N   . TRP A 1 135 ? -4.120  -6.929  -6.918  1.00 11.83 ? 133 TRP A N   1 
ATOM   1018 C CA  . TRP A 1 135 ? -5.348  -6.253  -7.314  1.00 10.52 ? 133 TRP A CA  1 
ATOM   1019 C C   . TRP A 1 135 ? -4.966  -4.802  -7.582  1.00 11.28 ? 133 TRP A C   1 
ATOM   1020 O O   . TRP A 1 135 ? -4.409  -4.131  -6.714  1.00 10.20 ? 133 TRP A O   1 
ATOM   1021 C CB  . TRP A 1 135 ? -6.393  -6.325  -6.195  1.00 11.22 ? 133 TRP A CB  1 
ATOM   1022 C CG  . TRP A 1 135 ? -7.686  -5.616  -6.505  1.00 13.99 ? 133 TRP A CG  1 
ATOM   1023 C CD1 . TRP A 1 135 ? -8.759  -6.117  -7.188  1.00 15.13 ? 133 TRP A CD1 1 
ATOM   1024 C CD2 . TRP A 1 135 ? -8.030  -4.273  -6.146  1.00 14.22 ? 133 TRP A CD2 1 
ATOM   1025 N NE1 . TRP A 1 135 ? -9.753  -5.167  -7.273  1.00 15.80 ? 133 TRP A NE1 1 
ATOM   1026 C CE2 . TRP A 1 135 ? -9.332  -4.027  -6.643  1.00 15.79 ? 133 TRP A CE2 1 
ATOM   1027 C CE3 . TRP A 1 135 ? -7.366  -3.254  -5.453  1.00 16.18 ? 133 TRP A CE3 1 
ATOM   1028 C CZ2 . TRP A 1 135 ? -9.981  -2.799  -6.467  1.00 15.00 ? 133 TRP A CZ2 1 
ATOM   1029 C CZ3 . TRP A 1 135 ? -8.011  -2.031  -5.278  1.00 16.47 ? 133 TRP A CZ3 1 
ATOM   1030 C CH2 . TRP A 1 135 ? -9.306  -1.816  -5.784  1.00 16.58 ? 133 TRP A CH2 1 
ATOM   1031 N N   . VAL A 1 136 ? -5.243  -4.327  -8.792  1.00 11.73 ? 134 VAL A N   1 
ATOM   1032 C CA  . VAL A 1 136 ? -4.922  -2.952  -9.152  1.00 11.75 ? 134 VAL A CA  1 
ATOM   1033 C C   . VAL A 1 136 ? -6.103  -2.353  -9.893  1.00 12.79 ? 134 VAL A C   1 
ATOM   1034 O O   . VAL A 1 136 ? -6.542  -2.887  -10.913 1.00 15.26 ? 134 VAL A O   1 
ATOM   1035 C CB  . VAL A 1 136 ? -3.678  -2.871  -10.067 1.00 11.71 ? 134 VAL A CB  1 
ATOM   1036 C CG1 . VAL A 1 136 ? -3.380  -1.409  -10.407 1.00 12.51 ? 134 VAL A CG1 1 
ATOM   1037 C CG2 . VAL A 1 136 ? -2.476  -3.508  -9.380  1.00 13.36 ? 134 VAL A CG2 1 
ATOM   1038 N N   . SER A 1 137 ? -6.622  -1.247  -9.375  1.00 11.92 ? 135 SER A N   1 
ATOM   1039 C CA  . SER A 1 137 ? -7.763  -0.594  -10.001 1.00 12.99 ? 135 SER A CA  1 
ATOM   1040 C C   . SER A 1 137 ? -7.370  0.739   -10.618 1.00 12.22 ? 135 SER A C   1 
ATOM   1041 O O   . SER A 1 137 ? -6.802  1.593   -9.939  1.00 14.21 ? 135 SER A O   1 
ATOM   1042 C CB  . SER A 1 137 ? -8.866  -0.364  -8.965  1.00 14.38 ? 135 SER A CB  1 
ATOM   1043 O OG  . SER A 1 137 ? -10.013 0.219   -9.563  1.00 18.15 ? 135 SER A OG  1 
ATOM   1044 N N   . ASP A 1 138 ? -7.662  0.920   -11.905 1.00 12.82 ? 136 ASP A N   1 
ATOM   1045 C CA  . ASP A 1 138 ? -7.352  2.186   -12.560 1.00 12.74 ? 136 ASP A CA  1 
ATOM   1046 C C   . ASP A 1 138 ? -8.316  3.236   -12.012 1.00 13.10 ? 136 ASP A C   1 
ATOM   1047 O O   . ASP A 1 138 ? -8.000  4.426   -11.962 1.00 13.85 ? 136 ASP A O   1 
ATOM   1048 C CB  . ASP A 1 138 ? -7.511  2.072   -14.079 1.00 16.03 ? 136 ASP A CB  1 
ATOM   1049 C CG  . ASP A 1 138 ? -6.408  1.258   -14.727 1.00 17.70 ? 136 ASP A CG  1 
ATOM   1050 O OD1 . ASP A 1 138 ? -5.466  0.842   -14.018 1.00 17.95 ? 136 ASP A OD1 1 
ATOM   1051 O OD2 . ASP A 1 138 ? -6.478  1.037   -15.955 1.00 18.16 ? 136 ASP A OD2 1 
ATOM   1052 N N   . ASP A 1 139 ? -9.498  2.777   -11.607 1.00 12.47 ? 137 ASP A N   1 
ATOM   1053 C CA  . ASP A 1 139 ? -10.521 3.650   -11.036 1.00 13.44 ? 137 ASP A CA  1 
ATOM   1054 C C   . ASP A 1 139 ? -10.189 3.770   -9.551  1.00 14.81 ? 137 ASP A C   1 
ATOM   1055 O O   . ASP A 1 139 ? -10.297 2.800   -8.806  1.00 16.19 ? 137 ASP A O   1 
ATOM   1056 C CB  . ASP A 1 139 ? -11.905 3.022   -11.217 1.00 13.60 ? 137 ASP A CB  1 
ATOM   1057 C CG  . ASP A 1 139 ? -13.017 3.893   -10.674 1.00 12.43 ? 137 ASP A CG  1 
ATOM   1058 O OD1 . ASP A 1 139 ? -12.720 4.770   -9.834  1.00 14.04 ? 137 ASP A OD1 1 
ATOM   1059 O OD2 . ASP A 1 139 ? -14.185 3.693   -11.080 1.00 15.00 ? 137 ASP A OD2 1 
ATOM   1060 N N   . PRO A 1 140 ? -9.795  4.971   -9.100  1.00 15.07 ? 138 PRO A N   1 
ATOM   1061 C CA  . PRO A 1 140 ? -9.441  5.184   -7.691  1.00 17.04 ? 138 PRO A CA  1 
ATOM   1062 C C   . PRO A 1 140 ? -10.549 5.041   -6.651  1.00 17.66 ? 138 PRO A C   1 
ATOM   1063 O O   . PRO A 1 140 ? -10.261 4.923   -5.458  1.00 19.87 ? 138 PRO A O   1 
ATOM   1064 C CB  . PRO A 1 140 ? -8.843  6.586   -7.704  1.00 16.20 ? 138 PRO A CB  1 
ATOM   1065 C CG  . PRO A 1 140 ? -9.656  7.272   -8.758  1.00 16.91 ? 138 PRO A CG  1 
ATOM   1066 C CD  . PRO A 1 140 ? -9.697  6.230   -9.861  1.00 14.72 ? 138 PRO A CD  1 
ATOM   1067 N N   . THR A 1 141 ? -11.804 5.043   -7.089  1.00 18.98 ? 139 THR A N   1 
ATOM   1068 C CA  . THR A 1 141 ? -12.921 4.936   -6.153  1.00 19.54 ? 139 THR A CA  1 
ATOM   1069 C C   . THR A 1 141 ? -13.319 3.506   -5.822  1.00 19.50 ? 139 THR A C   1 
ATOM   1070 O O   . THR A 1 141 ? -14.083 3.273   -4.886  1.00 20.15 ? 139 THR A O   1 
ATOM   1071 C CB  . THR A 1 141 ? -14.174 5.651   -6.685  1.00 20.04 ? 139 THR A CB  1 
ATOM   1072 O OG1 . THR A 1 141 ? -14.689 4.935   -7.814  1.00 21.22 ? 139 THR A OG1 1 
ATOM   1073 C CG2 . THR A 1 141 ? -13.842 7.076   -7.081  1.00 21.97 ? 139 THR A CG2 1 
ATOM   1074 N N   . LYS A 1 142 ? -12.816 2.549   -6.592  1.00 20.34 ? 140 LYS A N   1 
ATOM   1075 C CA  . LYS A 1 142 ? -13.146 1.154   -6.345  1.00 20.43 ? 140 LYS A CA  1 
ATOM   1076 C C   . LYS A 1 142 ? -12.384 0.637   -5.137  1.00 20.45 ? 140 LYS A C   1 
ATOM   1077 O O   . LYS A 1 142 ? -11.238 1.019   -4.900  1.00 21.34 ? 140 LYS A O   1 
ATOM   1078 C CB  . LYS A 1 142 ? -12.808 0.291   -7.560  1.00 22.50 ? 140 LYS A CB  1 
ATOM   1079 C CG  . LYS A 1 142 ? -13.650 0.576   -8.788  1.00 25.33 ? 140 LYS A CG  1 
ATOM   1080 C CD  . LYS A 1 142 ? -13.256 -0.343  -9.932  1.00 28.00 ? 140 LYS A CD  1 
ATOM   1081 C CE  . LYS A 1 142 ? -14.083 -0.073  -11.177 1.00 29.55 ? 140 LYS A CE  1 
ATOM   1082 N NZ  . LYS A 1 142 ? -13.629 -0.916  -12.319 1.00 28.79 ? 140 LYS A NZ  1 
ATOM   1083 N N   . GLU A 1 143 ? -13.033 -0.229  -4.371  1.00 20.44 ? 141 GLU A N   1 
ATOM   1084 C CA  . GLU A 1 143 ? -12.405 -0.813  -3.199  1.00 20.84 ? 141 GLU A CA  1 
ATOM   1085 C C   . GLU A 1 143 ? -12.093 -2.276  -3.470  1.00 19.53 ? 141 GLU A C   1 
ATOM   1086 O O   . GLU A 1 143 ? -12.819 -2.953  -4.197  1.00 19.45 ? 141 GLU A O   1 
ATOM   1087 C CB  . GLU A 1 143 ? -13.318 -0.683  -1.982  1.00 21.43 ? 141 GLU A CB  1 
ATOM   1088 C CG  . GLU A 1 143 ? -13.450 0.748   -1.487  1.00 25.27 ? 141 GLU A CG  1 
ATOM   1089 C CD  . GLU A 1 143 ? -14.235 0.851   -0.197  1.00 26.16 ? 141 GLU A CD  1 
ATOM   1090 O OE1 . GLU A 1 143 ? -13.883 0.150   0.775   1.00 26.82 ? 141 GLU A OE1 1 
ATOM   1091 O OE2 . GLU A 1 143 ? -15.202 1.640   -0.152  1.00 29.45 ? 141 GLU A OE2 1 
ATOM   1092 N N   . PRO A 1 144 ? -10.995 -2.780  -2.893  1.00 19.94 ? 142 PRO A N   1 
ATOM   1093 C CA  . PRO A 1 144 ? -10.590 -4.173  -3.081  1.00 19.18 ? 142 PRO A CA  1 
ATOM   1094 C C   . PRO A 1 144 ? -11.490 -5.174  -2.360  1.00 18.52 ? 142 PRO A C   1 
ATOM   1095 O O   . PRO A 1 144 ? -12.229 -4.814  -1.441  1.00 17.48 ? 142 PRO A O   1 
ATOM   1096 C CB  . PRO A 1 144 ? -9.165  -4.184  -2.538  1.00 19.96 ? 142 PRO A CB  1 
ATOM   1097 C CG  . PRO A 1 144 ? -9.246  -3.195  -1.420  1.00 19.76 ? 142 PRO A CG  1 
ATOM   1098 C CD  . PRO A 1 144 ? -10.028 -2.061  -2.046  1.00 20.58 ? 142 PRO A CD  1 
ATOM   1099 N N   . PRO A 1 145 ? -11.454 -6.445  -2.787  1.00 19.33 ? 143 PRO A N   1 
ATOM   1100 C CA  . PRO A 1 145 ? -12.271 -7.488  -2.162  1.00 19.67 ? 143 PRO A CA  1 
ATOM   1101 C C   . PRO A 1 145 ? -11.636 -7.919  -0.846  1.00 19.05 ? 143 PRO A C   1 
ATOM   1102 O O   . PRO A 1 145 ? -10.891 -8.894  -0.793  1.00 18.67 ? 143 PRO A O   1 
ATOM   1103 C CB  . PRO A 1 145 ? -12.266 -8.599  -3.208  1.00 20.61 ? 143 PRO A CB  1 
ATOM   1104 C CG  . PRO A 1 145 ? -10.924 -8.455  -3.831  1.00 19.94 ? 143 PRO A CG  1 
ATOM   1105 C CD  . PRO A 1 145 ? -10.788 -6.959  -3.999  1.00 20.11 ? 143 PRO A CD  1 
ATOM   1106 N N   . TYR A 1 146 ? -11.937 -7.174  0.212   1.00 18.56 ? 144 TYR A N   1 
ATOM   1107 C CA  . TYR A 1 146 ? -11.388 -7.442  1.536   1.00 18.35 ? 144 TYR A CA  1 
ATOM   1108 C C   . TYR A 1 146 ? -11.552 -8.886  1.982   1.00 19.32 ? 144 TYR A C   1 
ATOM   1109 O O   . TYR A 1 146 ? -10.635 -9.465  2.558   1.00 18.37 ? 144 TYR A O   1 
ATOM   1110 C CB  . TYR A 1 146 ? -12.036 -6.506  2.558   1.00 18.71 ? 144 TYR A CB  1 
ATOM   1111 C CG  . TYR A 1 146 ? -11.907 -5.047  2.187   1.00 19.41 ? 144 TYR A CG  1 
ATOM   1112 C CD1 . TYR A 1 146 ? -10.689 -4.378  2.311   1.00 20.33 ? 144 TYR A CD1 1 
ATOM   1113 C CD2 . TYR A 1 146 ? -12.999 -4.343  1.682   1.00 20.85 ? 144 TYR A CD2 1 
ATOM   1114 C CE1 . TYR A 1 146 ? -10.564 -3.040  1.939   1.00 20.07 ? 144 TYR A CE1 1 
ATOM   1115 C CE2 . TYR A 1 146 ? -12.883 -3.008  1.306   1.00 21.07 ? 144 TYR A CE2 1 
ATOM   1116 C CZ  . TYR A 1 146 ? -11.664 -2.363  1.438   1.00 21.15 ? 144 TYR A CZ  1 
ATOM   1117 O OH  . TYR A 1 146 ? -11.554 -1.042  1.076   1.00 23.71 ? 144 TYR A OH  1 
ATOM   1118 N N   . ASP A 1 147 ? -12.719 -9.466  1.720   1.00 20.09 ? 145 ASP A N   1 
ATOM   1119 C CA  . ASP A 1 147 ? -12.983 -10.848 2.107   1.00 21.25 ? 145 ASP A CA  1 
ATOM   1120 C C   . ASP A 1 147 ? -12.000 -11.822 1.462   1.00 19.17 ? 145 ASP A C   1 
ATOM   1121 O O   . ASP A 1 147 ? -11.448 -12.700 2.134   1.00 19.49 ? 145 ASP A O   1 
ATOM   1122 C CB  . ASP A 1 147 ? -14.414 -11.235 1.729   1.00 24.49 ? 145 ASP A CB  1 
ATOM   1123 C CG  . ASP A 1 147 ? -14.751 -12.659 2.115   1.00 28.66 ? 145 ASP A CG  1 
ATOM   1124 O OD1 . ASP A 1 147 ? -14.689 -12.976 3.324   1.00 30.63 ? 145 ASP A OD1 1 
ATOM   1125 O OD2 . ASP A 1 147 ? -15.077 -13.461 1.211   1.00 30.22 ? 145 ASP A OD2 1 
ATOM   1126 N N   . GLU A 1 148 ? -11.782 -11.671 0.158   1.00 17.82 ? 146 GLU A N   1 
ATOM   1127 C CA  . GLU A 1 148 ? -10.857 -12.541 -0.559  1.00 16.50 ? 146 GLU A CA  1 
ATOM   1128 C C   . GLU A 1 148 ? -9.442  -12.332 -0.033  1.00 15.12 ? 146 GLU A C   1 
ATOM   1129 O O   . GLU A 1 148 ? -8.701  -13.290 0.182   1.00 15.86 ? 146 GLU A O   1 
ATOM   1130 C CB  . GLU A 1 148 ? -10.882 -12.247 -2.061  1.00 17.78 ? 146 GLU A CB  1 
ATOM   1131 C CG  . GLU A 1 148 ? -10.065 -13.238 -2.879  1.00 19.86 ? 146 GLU A CG  1 
ATOM   1132 C CD  . GLU A 1 148 ? -10.023 -12.905 -4.357  1.00 20.26 ? 146 GLU A CD  1 
ATOM   1133 O OE1 . GLU A 1 148 ? -10.963 -12.246 -4.848  1.00 23.66 ? 146 GLU A OE1 1 
ATOM   1134 O OE2 . GLU A 1 148 ? -9.054  -13.318 -5.029  1.00 21.75 ? 146 GLU A OE2 1 
ATOM   1135 N N   . ILE A 1 149 ? -9.072  -11.071 0.159   1.00 14.41 ? 147 ILE A N   1 
ATOM   1136 C CA  . ILE A 1 149 ? -7.751  -10.725 0.665   1.00 12.77 ? 147 ILE A CA  1 
ATOM   1137 C C   . ILE A 1 149 ? -7.495  -11.380 2.022   1.00 13.35 ? 147 ILE A C   1 
ATOM   1138 O O   . ILE A 1 149 ? -6.423  -11.938 2.257   1.00 12.27 ? 147 ILE A O   1 
ATOM   1139 C CB  . ILE A 1 149 ? -7.604  -9.185  0.781   1.00 12.80 ? 147 ILE A CB  1 
ATOM   1140 C CG1 . ILE A 1 149 ? -7.566  -8.574  -0.621  1.00 13.95 ? 147 ILE A CG1 1 
ATOM   1141 C CG2 . ILE A 1 149 ? -6.339  -8.818  1.556   1.00 11.75 ? 147 ILE A CG2 1 
ATOM   1142 C CD1 . ILE A 1 149 ? -7.747  -7.075  -0.650  1.00 13.55 ? 147 ILE A CD1 1 
ATOM   1143 N N   . GLU A 1 150 ? -8.485  -11.327 2.910   1.00 14.07 ? 148 GLU A N   1 
ATOM   1144 C CA  . GLU A 1 150 ? -8.338  -11.919 4.234   1.00 15.74 ? 148 GLU A CA  1 
ATOM   1145 C C   . GLU A 1 150 ? -8.201  -13.438 4.153   1.00 15.33 ? 148 GLU A C   1 
ATOM   1146 O O   . GLU A 1 150 ? -7.488  -14.048 4.953   1.00 14.04 ? 148 GLU A O   1 
ATOM   1147 C CB  . GLU A 1 150 ? -9.526  -11.529 5.118   1.00 18.24 ? 148 GLU A CB  1 
ATOM   1148 C CG  . GLU A 1 150 ? -9.713  -10.020 5.209   1.00 25.59 ? 148 GLU A CG  1 
ATOM   1149 C CD  . GLU A 1 150 ? -10.814 -9.608  6.164   1.00 29.68 ? 148 GLU A CD  1 
ATOM   1150 O OE1 . GLU A 1 150 ? -11.907 -10.216 6.123   1.00 32.58 ? 148 GLU A OE1 1 
ATOM   1151 O OE2 . GLU A 1 150 ? -10.591 -8.660  6.946   1.00 31.67 ? 148 GLU A OE2 1 
ATOM   1152 N N   . LYS A 1 151 ? -8.874  -14.047 3.181   1.00 14.56 ? 149 LYS A N   1 
ATOM   1153 C CA  . LYS A 1 151 ? -8.788  -15.492 3.005   1.00 13.97 ? 149 LYS A CA  1 
ATOM   1154 C C   . LYS A 1 151 ? -7.407  -15.870 2.475   1.00 13.67 ? 149 LYS A C   1 
ATOM   1155 O O   . LYS A 1 151 ? -6.853  -16.906 2.848   1.00 13.90 ? 149 LYS A O   1 
ATOM   1156 C CB  . LYS A 1 151 ? -9.898  -15.980 2.068   1.00 16.08 ? 149 LYS A CB  1 
ATOM   1157 C CG  . LYS A 1 151 ? -11.287 -15.849 2.689   1.00 18.77 ? 149 LYS A CG  1 
ATOM   1158 C CD  . LYS A 1 151 ? -12.409 -16.178 1.710   1.00 20.69 ? 149 LYS A CD  1 
ATOM   1159 C CE  . LYS A 1 151 ? -13.768 -16.030 2.387   1.00 23.99 ? 149 LYS A CE  1 
ATOM   1160 N NZ  . LYS A 1 151 ? -14.911 -16.293 1.462   1.00 24.51 ? 149 LYS A NZ  1 
ATOM   1161 N N   . VAL A 1 152 ? -6.846  -15.035 1.603   1.00 12.47 ? 150 VAL A N   1 
ATOM   1162 C CA  . VAL A 1 152 ? -5.510  -15.298 1.081   1.00 12.16 ? 150 VAL A CA  1 
ATOM   1163 C C   . VAL A 1 152 ? -4.530  -15.197 2.246   1.00 11.45 ? 150 VAL A C   1 
ATOM   1164 O O   . VAL A 1 152 ? -3.677  -16.063 2.429   1.00 12.70 ? 150 VAL A O   1 
ATOM   1165 C CB  . VAL A 1 152 ? -5.103  -14.280 -0.011  1.00 11.57 ? 150 VAL A CB  1 
ATOM   1166 C CG1 . VAL A 1 152 ? -3.628  -14.447 -0.357  1.00 12.99 ? 150 VAL A CG1 1 
ATOM   1167 C CG2 . VAL A 1 152 ? -5.957  -14.491 -1.257  1.00 11.47 ? 150 VAL A CG2 1 
ATOM   1168 N N   . VAL A 1 153 ? -4.657  -14.135 3.039   1.00 12.50 ? 151 VAL A N   1 
ATOM   1169 C CA  . VAL A 1 153 ? -3.791  -13.953 4.197   1.00 12.25 ? 151 VAL A CA  1 
ATOM   1170 C C   . VAL A 1 153 ? -3.870  -15.185 5.098   1.00 12.57 ? 151 VAL A C   1 
ATOM   1171 O O   . VAL A 1 153 ? -2.851  -15.682 5.571   1.00 13.42 ? 151 VAL A O   1 
ATOM   1172 C CB  . VAL A 1 153 ? -4.197  -12.686 5.000   1.00 13.13 ? 151 VAL A CB  1 
ATOM   1173 C CG1 . VAL A 1 153 ? -3.544  -12.693 6.380   1.00 12.94 ? 151 VAL A CG1 1 
ATOM   1174 C CG2 . VAL A 1 153 ? -3.774  -11.433 4.236   1.00 13.16 ? 151 VAL A CG2 1 
ATOM   1175 N N   . LYS A 1 154 ? -5.082  -15.685 5.320   1.00 13.19 ? 152 LYS A N   1 
ATOM   1176 C CA  . LYS A 1 154 ? -5.270  -16.860 6.163   1.00 15.12 ? 152 LYS A CA  1 
ATOM   1177 C C   . LYS A 1 154 ? -4.509  -18.077 5.634   1.00 14.47 ? 152 LYS A C   1 
ATOM   1178 O O   . LYS A 1 154 ? -3.854  -18.787 6.398   1.00 13.37 ? 152 LYS A O   1 
ATOM   1179 C CB  . LYS A 1 154 ? -6.757  -17.200 6.276   1.00 15.47 ? 152 LYS A CB  1 
ATOM   1180 C CG  . LYS A 1 154 ? -7.038  -18.425 7.138   1.00 20.07 ? 152 LYS A CG  1 
ATOM   1181 C CD  . LYS A 1 154 ? -8.504  -18.818 7.099   1.00 24.13 ? 152 LYS A CD  1 
ATOM   1182 C CE  . LYS A 1 154 ? -8.744  -20.083 7.916   1.00 27.23 ? 152 LYS A CE  1 
ATOM   1183 N NZ  . LYS A 1 154 ? -10.148 -20.562 7.809   1.00 29.52 ? 152 LYS A NZ  1 
ATOM   1184 N N   . SER A 1 155 ? -4.595  -18.319 4.329   1.00 13.77 ? 153 SER A N   1 
ATOM   1185 C CA  . SER A 1 155 ? -3.917  -19.465 3.729   1.00 13.86 ? 153 SER A CA  1 
ATOM   1186 C C   . SER A 1 155 ? -2.395  -19.364 3.832   1.00 14.12 ? 153 SER A C   1 
ATOM   1187 O O   . SER A 1 155 ? -1.688  -20.367 3.724   1.00 15.42 ? 153 SER A O   1 
ATOM   1188 C CB  . SER A 1 155 ? -4.326  -19.612 2.257   1.00 12.36 ? 153 SER A CB  1 
ATOM   1189 O OG  . SER A 1 155 ? -3.799  -18.566 1.457   1.00 12.12 ? 153 SER A OG  1 
ATOM   1190 N N   . LEU A 1 156 ? -1.897  -18.151 4.056   1.00 12.33 ? 154 LEU A N   1 
ATOM   1191 C CA  . LEU A 1 156 ? -0.466  -17.910 4.166   1.00 13.67 ? 154 LEU A CA  1 
ATOM   1192 C C   . LEU A 1 156 ? -0.009  -17.813 5.621   1.00 13.14 ? 154 LEU A C   1 
ATOM   1193 O O   . LEU A 1 156 ? 1.178   -17.640 5.890   1.00 15.63 ? 154 LEU A O   1 
ATOM   1194 C CB  . LEU A 1 156 ? -0.097  -16.615 3.430   1.00 13.13 ? 154 LEU A CB  1 
ATOM   1195 C CG  . LEU A 1 156 ? -0.516  -16.540 1.958   1.00 13.99 ? 154 LEU A CG  1 
ATOM   1196 C CD1 . LEU A 1 156 ? -0.184  -15.167 1.381   1.00 14.29 ? 154 LEU A CD1 1 
ATOM   1197 C CD2 . LEU A 1 156 ? 0.201   -17.636 1.179   1.00 15.05 ? 154 LEU A CD2 1 
ATOM   1198 N N   . SER A 1 157 ? -0.949  -17.936 6.554   1.00 15.26 ? 155 SER A N   1 
ATOM   1199 C CA  . SER A 1 157 ? -0.626  -17.841 7.974   1.00 17.06 ? 155 SER A CA  1 
ATOM   1200 C C   . SER A 1 157 ? -0.397  -19.204 8.622   1.00 20.12 ? 155 SER A C   1 
ATOM   1201 O O   . SER A 1 157 ? -0.324  -19.257 9.870   1.00 21.66 ? 155 SER A O   1 
ATOM   1202 C CB  . SER A 1 157 ? -1.748  -17.110 8.712   1.00 17.60 ? 155 SER A CB  1 
ATOM   1203 O OG  . SER A 1 157 ? -2.006  -15.850 8.112   1.00 19.36 ? 155 SER A OG  1 
ATOM   1204 O OXT . SER A 1 157 ? -0.280  -20.202 7.879   1.00 21.03 ? 155 SER A OXT 1 
HETATM 1205 O O   . HOH B 2 .   ? -0.317  7.880   -3.873  1.00 7.93  ? 156 HOH A O   1 
HETATM 1206 O O   . HOH B 2 .   ? -2.910  14.277  0.020   1.00 8.16  ? 157 HOH A O   1 
HETATM 1207 O O   . HOH B 2 .   ? 2.631   14.396  -2.592  1.00 10.28 ? 158 HOH A O   1 
HETATM 1208 O O   . HOH B 2 .   ? 3.296   4.849   10.247  1.00 12.01 ? 159 HOH A O   1 
HETATM 1209 O O   . HOH B 2 .   ? 5.539   13.870  -1.134  1.00 10.07 ? 160 HOH A O   1 
HETATM 1210 O O   . HOH B 2 .   ? -5.159  -0.137  -1.156  1.00 11.52 ? 161 HOH A O   1 
HETATM 1211 O O   . HOH B 2 .   ? 4.820   15.843  -5.376  1.00 11.81 ? 162 HOH A O   1 
HETATM 1212 O O   . HOH B 2 .   ? 3.329   -17.262 4.056   1.00 15.17 ? 163 HOH A O   1 
HETATM 1213 O O   . HOH B 2 .   ? 2.026   -2.147  9.930   1.00 12.73 ? 164 HOH A O   1 
HETATM 1214 O O   . HOH B 2 .   ? 7.405   -11.378 4.026   1.00 12.88 ? 165 HOH A O   1 
HETATM 1215 O O   . HOH B 2 .   ? 2.985   8.188   13.493  1.00 18.80 ? 166 HOH A O   1 
HETATM 1216 O O   . HOH B 2 .   ? -1.228  -4.466  10.217  1.00 13.26 ? 167 HOH A O   1 
HETATM 1217 O O   . HOH B 2 .   ? 0.308   -21.102 5.517   1.00 18.17 ? 168 HOH A O   1 
HETATM 1218 O O   . HOH B 2 .   ? -6.832  7.930   -1.789  1.00 16.00 ? 169 HOH A O   1 
HETATM 1219 O O   . HOH B 2 .   ? -5.541  5.011   -12.945 1.00 16.42 ? 170 HOH A O   1 
HETATM 1220 O O   . HOH B 2 .   ? -3.848  -3.593  10.532  1.00 16.12 ? 171 HOH A O   1 
HETATM 1221 O O   . HOH B 2 .   ? -1.347  12.186  -3.198  1.00 9.57  ? 172 HOH A O   1 
HETATM 1222 O O   . HOH B 2 .   ? 9.665   14.469  -4.512  1.00 16.86 ? 173 HOH A O   1 
HETATM 1223 O O   . HOH B 2 .   ? -8.557  14.443  -11.239 1.00 15.41 ? 174 HOH A O   1 
HETATM 1224 O O   . HOH B 2 .   ? 8.914   -9.267  2.815   1.00 16.60 ? 175 HOH A O   1 
HETATM 1225 O O   . HOH B 2 .   ? 10.035  7.226   -3.297  1.00 13.00 ? 176 HOH A O   1 
HETATM 1226 O O   . HOH B 2 .   ? -7.786  -19.389 3.391   1.00 19.82 ? 177 HOH A O   1 
HETATM 1227 O O   . HOH B 2 .   ? -7.136  -15.276 -4.399  1.00 21.41 ? 178 HOH A O   1 
HETATM 1228 O O   . HOH B 2 .   ? -15.519 2.257   -13.032 1.00 21.96 ? 179 HOH A O   1 
HETATM 1229 O O   . HOH B 2 .   ? -8.790  17.026  1.164   1.00 17.71 ? 180 HOH A O   1 
HETATM 1230 O O   . HOH B 2 .   ? -13.918 -17.490 -0.683  1.00 26.76 ? 181 HOH A O   1 
HETATM 1231 O O   . HOH B 2 .   ? 4.197   8.189   5.722   1.00 17.17 ? 182 HOH A O   1 
HETATM 1232 O O   . HOH B 2 .   ? -6.496  4.150   -9.010  1.00 13.83 ? 183 HOH A O   1 
HETATM 1233 O O   . HOH B 2 .   ? 15.255  5.247   10.379  1.00 21.01 ? 184 HOH A O   1 
HETATM 1234 O O   . HOH B 2 .   ? -10.969 -2.670  9.738   1.00 24.03 ? 185 HOH A O   1 
HETATM 1235 O O   . HOH B 2 .   ? -4.042  -18.751 -1.408  1.00 24.64 ? 186 HOH A O   1 
HETATM 1236 O O   . HOH B 2 .   ? -4.236  -12.100 -7.720  1.00 25.11 ? 187 HOH A O   1 
HETATM 1237 O O   . HOH B 2 .   ? 12.369  -2.194  8.567   1.00 22.98 ? 188 HOH A O   1 
HETATM 1238 O O   . HOH B 2 .   ? 2.238   -13.429 9.657   1.00 19.06 ? 189 HOH A O   1 
HETATM 1239 O O   . HOH B 2 .   ? -9.474  -10.035 -6.500  1.00 22.55 ? 190 HOH A O   1 
HETATM 1240 O O   . HOH B 2 .   ? -7.473  12.180  -4.759  1.00 24.60 ? 191 HOH A O   1 
HETATM 1241 O O   . HOH B 2 .   ? 7.914   4.518   13.728  1.00 19.98 ? 192 HOH A O   1 
HETATM 1242 O O   . HOH B 2 .   ? 8.125   -8.899  -8.857  1.00 21.91 ? 193 HOH A O   1 
HETATM 1243 O O   . HOH B 2 .   ? -0.657  -13.702 9.188   1.00 23.93 ? 194 HOH A O   1 
HETATM 1244 O O   . HOH B 2 .   ? -3.613  6.009   14.594  1.00 23.47 ? 195 HOH A O   1 
HETATM 1245 O O   . HOH B 2 .   ? 9.653   -4.424  -10.283 1.00 25.05 ? 196 HOH A O   1 
HETATM 1246 O O   . HOH B 2 .   ? 10.314  -3.807  8.214   1.00 23.23 ? 197 HOH A O   1 
HETATM 1247 O O   . HOH B 2 .   ? -8.837  -1.251  -13.505 1.00 20.22 ? 198 HOH A O   1 
HETATM 1248 O O   . HOH B 2 .   ? -9.333  0.471   1.397   1.00 24.50 ? 199 HOH A O   1 
HETATM 1249 O O   . HOH B 2 .   ? -1.816  -19.301 -3.480  1.00 19.28 ? 200 HOH A O   1 
HETATM 1250 O O   . HOH B 2 .   ? -12.386 6.585   1.639   1.00 29.33 ? 201 HOH A O   1 
HETATM 1251 O O   . HOH B 2 .   ? -7.834  9.505   1.436   1.00 22.36 ? 202 HOH A O   1 
HETATM 1252 O O   . HOH B 2 .   ? 14.140  1.888   -1.431  1.00 32.23 ? 203 HOH A O   1 
HETATM 1253 O O   . HOH B 2 .   ? 12.374  -16.160 -0.177  1.00 29.34 ? 204 HOH A O   1 
HETATM 1254 O O   . HOH B 2 .   ? -5.252  -1.875  -13.425 1.00 24.13 ? 205 HOH A O   1 
HETATM 1255 O O   . HOH B 2 .   ? -1.430  8.276   -16.144 1.00 19.91 ? 206 HOH A O   1 
HETATM 1256 O O   . HOH B 2 .   ? 14.188  8.177   2.137   1.00 24.86 ? 207 HOH A O   1 
HETATM 1257 O O   . HOH B 2 .   ? -0.929  -9.263  -13.669 1.00 39.20 ? 208 HOH A O   1 
HETATM 1258 O O   . HOH B 2 .   ? -10.546 10.522  3.519   1.00 31.20 ? 209 HOH A O   1 
HETATM 1259 O O   . HOH B 2 .   ? -8.845  8.112   -4.140  1.00 24.13 ? 210 HOH A O   1 
HETATM 1260 O O   . HOH B 2 .   ? -9.147  11.558  5.576   1.00 21.63 ? 211 HOH A O   1 
HETATM 1261 O O   . HOH B 2 .   ? 6.624   1.223   -13.617 1.00 27.18 ? 212 HOH A O   1 
HETATM 1262 O O   . HOH B 2 .   ? 5.102   -2.301  10.143  1.00 20.33 ? 213 HOH A O   1 
HETATM 1263 O O   . HOH B 2 .   ? 16.815  -7.163  4.237   1.00 32.32 ? 214 HOH A O   1 
HETATM 1264 O O   . HOH B 2 .   ? 2.712   -5.249  -12.932 1.00 25.22 ? 215 HOH A O   1 
HETATM 1265 O O   . HOH B 2 .   ? -7.237  -10.989 8.044   1.00 23.68 ? 216 HOH A O   1 
HETATM 1266 O O   . HOH B 2 .   ? 7.685   -9.635  -14.275 1.00 33.56 ? 217 HOH A O   1 
HETATM 1267 O O   . HOH B 2 .   ? 13.708  -3.406  -5.593  1.00 29.51 ? 218 HOH A O   1 
HETATM 1268 O O   . HOH B 2 .   ? -11.911 4.611   -1.109  1.00 36.31 ? 219 HOH A O   1 
HETATM 1269 O O   . HOH B 2 .   ? 4.424   -14.716 11.106  1.00 32.37 ? 220 HOH A O   1 
HETATM 1270 O O   . HOH B 2 .   ? -0.188  -4.914  -13.949 1.00 34.13 ? 221 HOH A O   1 
HETATM 1271 O O   . HOH B 2 .   ? -10.767 14.877  -2.368  1.00 23.96 ? 222 HOH A O   1 
HETATM 1272 O O   . HOH B 2 .   ? 17.897  0.403   1.675   1.00 46.17 ? 223 HOH A O   1 
HETATM 1273 O O   . HOH B 2 .   ? 16.500  -7.347  -0.865  1.00 35.23 ? 224 HOH A O   1 
HETATM 1274 O O   . HOH B 2 .   ? -9.416  -13.333 -7.657  1.00 33.61 ? 225 HOH A O   1 
HETATM 1275 O O   . HOH B 2 .   ? 11.069  -13.452 -8.541  1.00 32.64 ? 226 HOH A O   1 
HETATM 1276 O O   . HOH B 2 .   ? -3.998  10.530  -16.223 1.00 32.61 ? 227 HOH A O   1 
HETATM 1277 O O   . HOH B 2 .   ? -10.726 -5.990  5.667   1.00 29.32 ? 228 HOH A O   1 
HETATM 1278 O O   . HOH B 2 .   ? -10.441 17.575  3.710   1.00 33.41 ? 229 HOH A O   1 
HETATM 1279 O O   . HOH B 2 .   ? -0.500  -2.739  -12.324 1.00 28.80 ? 230 HOH A O   1 
HETATM 1280 O O   . HOH B 2 .   ? -3.940  -20.691 8.203   1.00 27.00 ? 231 HOH A O   1 
HETATM 1281 O O   . HOH B 2 .   ? 3.132   2.088   -13.369 1.00 20.52 ? 232 HOH A O   1 
HETATM 1282 O O   . HOH B 2 .   ? 12.465  6.474   -2.194  1.00 20.68 ? 233 HOH A O   1 
HETATM 1283 O O   . HOH B 2 .   ? 11.036  -9.706  1.219   1.00 23.29 ? 234 HOH A O   1 
HETATM 1284 O O   . HOH B 2 .   ? -8.140  9.861   -6.208  1.00 19.82 ? 235 HOH A O   1 
HETATM 1285 O O   . HOH B 2 .   ? -9.904  13.845  -4.760  1.00 27.73 ? 236 HOH A O   1 
HETATM 1286 O O   . HOH B 2 .   ? 14.136  8.442   -3.154  1.00 30.45 ? 237 HOH A O   1 
HETATM 1287 O O   . HOH B 2 .   ? 6.419   -18.953 -1.022  1.00 22.26 ? 238 HOH A O   1 
HETATM 1288 O O   . HOH B 2 .   ? -6.574  -21.480 4.940   1.00 22.29 ? 239 HOH A O   1 
HETATM 1289 O O   . HOH B 2 .   ? -9.461  17.120  -1.514  1.00 22.38 ? 240 HOH A O   1 
HETATM 1290 O O   . HOH B 2 .   ? 9.949   5.787   15.283  1.00 29.25 ? 241 HOH A O   1 
HETATM 1291 O O   . HOH B 2 .   ? 10.749  -5.504  10.381  1.00 28.93 ? 242 HOH A O   1 
HETATM 1292 O O   . HOH B 2 .   ? 1.930   -10.765 9.646   1.00 22.95 ? 243 HOH A O   1 
HETATM 1293 O O   . HOH B 2 .   ? -11.531 -8.909  -7.751  1.00 29.24 ? 244 HOH A O   1 
HETATM 1294 O O   . HOH B 2 .   ? 5.378   -4.185  11.878  1.00 33.12 ? 245 HOH A O   1 
HETATM 1295 O O   . HOH B 2 .   ? -13.033 10.513  4.944   1.00 36.09 ? 246 HOH A O   1 
HETATM 1296 O O   . HOH B 2 .   ? -2.151  10.314  -18.079 1.00 33.47 ? 247 HOH A O   1 
HETATM 1297 O O   . HOH B 2 .   ? 0.992   -6.385  12.311  1.00 29.64 ? 248 HOH A O   1 
HETATM 1298 O O   . HOH B 2 .   ? 10.413  9.548   -10.799 1.00 30.39 ? 249 HOH A O   1 
HETATM 1299 O O   . HOH B 2 .   ? 0.188   -12.145 -11.786 1.00 30.31 ? 250 HOH A O   1 
HETATM 1300 O O   . HOH B 2 .   ? -8.876  -0.918  -16.334 1.00 31.22 ? 251 HOH A O   1 
HETATM 1301 O O   . HOH B 2 .   ? -0.296  -15.096 11.836  1.00 27.87 ? 252 HOH A O   1 
HETATM 1302 O O   . HOH B 2 .   ? 7.804   -2.795  9.579   1.00 35.49 ? 253 HOH A O   1 
HETATM 1303 O O   . HOH B 2 .   ? -5.726  -18.997 -3.346  1.00 31.97 ? 254 HOH A O   1 
HETATM 1304 O O   . HOH B 2 .   ? 7.061   -0.533  -15.842 1.00 39.76 ? 255 HOH A O   1 
HETATM 1305 O O   . HOH B 2 .   ? -5.004  -14.587 -7.320  1.00 29.30 ? 256 HOH A O   1 
HETATM 1306 O O   . HOH B 2 .   ? 1.501   -23.339 5.084   1.00 30.18 ? 257 HOH A O   1 
HETATM 1307 O O   . HOH B 2 .   ? 5.746   -16.103 -11.115 1.00 29.82 ? 258 HOH A O   1 
HETATM 1308 O O   . HOH B 2 .   ? -11.073 8.299   0.182   1.00 37.22 ? 259 HOH A O   1 
HETATM 1309 O O   . HOH B 2 .   ? -14.082 -7.466  11.733  1.00 42.54 ? 260 HOH A O   1 
HETATM 1310 O O   . HOH B 2 .   ? 11.665  7.862   13.732  1.00 32.94 ? 261 HOH A O   1 
HETATM 1311 O O   . HOH B 2 .   ? -13.348 -11.097 -4.615  1.00 33.75 ? 262 HOH A O   1 
HETATM 1312 O O   . HOH B 2 .   ? 12.276  7.425   -8.095  1.00 36.07 ? 263 HOH A O   1 
HETATM 1313 O O   . HOH B 2 .   ? -12.019 10.904  7.692   1.00 36.41 ? 264 HOH A O   1 
HETATM 1314 O O   . HOH B 2 .   ? -10.659 13.736  6.160   1.00 31.56 ? 265 HOH A O   1 
HETATM 1315 O O   . HOH B 2 .   ? 1.814   -15.420 -12.147 1.00 37.31 ? 266 HOH A O   1 
HETATM 1316 O O   . HOH B 2 .   ? -4.729  18.344  -16.325 1.00 34.73 ? 267 HOH A O   1 
HETATM 1317 O O   . HOH B 2 .   ? -13.632 10.574  -4.011  1.00 42.51 ? 268 HOH A O   1 
HETATM 1318 O O   . HOH B 2 .   ? 13.663  8.607   6.896   1.00 37.04 ? 269 HOH A O   1 
HETATM 1319 O O   . HOH B 2 .   ? -1.772  3.197   -16.383 1.00 36.01 ? 270 HOH A O   1 
HETATM 1320 O O   . HOH B 2 .   ? 11.374  11.183  -8.431  1.00 32.68 ? 271 HOH A O   1 
HETATM 1321 O O   . HOH B 2 .   ? 16.191  -0.538  -5.539  1.00 44.51 ? 272 HOH A O   1 
HETATM 1322 O O   . HOH B 2 .   ? 13.199  6.010   0.424   1.00 23.61 ? 273 HOH A O   1 
HETATM 1323 O O   . HOH B 2 .   ? -4.508  -18.102 -5.747  1.00 34.17 ? 274 HOH A O   1 
HETATM 1324 O O   . HOH B 2 .   ? -4.175  -5.708  12.286  1.00 18.10 ? 275 HOH A O   1 
HETATM 1325 O O   . HOH B 2 .   ? 13.482  13.534  12.319  1.00 35.74 ? 276 HOH A O   1 
HETATM 1326 O O   . HOH B 2 .   ? 10.136  15.967  11.114  1.00 28.85 ? 277 HOH A O   1 
HETATM 1327 O O   . HOH B 2 .   ? -10.807 -15.089 6.049   1.00 28.38 ? 278 HOH A O   1 
HETATM 1328 O O   . HOH B 2 .   ? -12.917 -12.728 5.466   1.00 33.87 ? 279 HOH A O   1 
HETATM 1329 O O   . HOH B 2 .   ? 14.990  -2.796  8.774   1.00 29.64 ? 280 HOH A O   1 
HETATM 1330 O O   . HOH B 2 .   ? 11.665  16.237  -3.986  1.00 13.10 ? 281 HOH A O   1 
HETATM 1331 O O   . HOH B 2 .   ? -14.760 12.418  2.932   1.00 34.12 ? 282 HOH A O   1 
HETATM 1332 O O   . HOH B 2 .   ? -7.887  0.041   -0.809  1.00 29.31 ? 283 HOH A O   1 
HETATM 1333 O O   . HOH B 2 .   ? 1.282   -17.341 11.161  1.00 24.53 ? 284 HOH A O   1 
HETATM 1334 O O   . HOH B 2 .   ? 10.285  -9.709  -1.395  1.00 20.35 ? 285 HOH A O   1 
HETATM 1335 O O   . HOH B 2 .   ? -0.739  -17.168 -4.886  1.00 19.96 ? 286 HOH A O   1 
HETATM 1336 O O   . HOH B 2 .   ? -3.799  -20.900 -4.970  1.00 25.49 ? 287 HOH A O   1 
HETATM 1337 O O   . HOH B 2 .   ? 9.069   -1.129  11.341  1.00 33.27 ? 288 HOH A O   1 
HETATM 1338 O O   . HOH B 2 .   ? 11.818  -0.224  10.515  1.00 26.35 ? 289 HOH A O   1 
HETATM 1339 O O   . HOH B 2 .   ? -6.885  -13.750 7.647   1.00 20.46 ? 290 HOH A O   1 
HETATM 1340 O O   . HOH B 2 .   ? -5.044  -15.036 9.050   1.00 27.61 ? 291 HOH A O   1 
HETATM 1341 O O   . HOH B 2 .   ? 8.679   13.891  12.443  1.00 26.35 ? 292 HOH A O   1 
HETATM 1342 O O   . HOH B 2 .   ? 1.233   -4.094  -10.780 1.00 24.50 ? 293 HOH A O   1 
HETATM 1343 O O   . HOH B 2 .   ? 7.022   12.160  -10.075 1.00 21.59 ? 294 HOH A O   1 
HETATM 1344 O O   . HOH B 2 .   ? 8.831   12.683  -8.138  1.00 29.01 ? 295 HOH A O   1 
HETATM 1345 O O   . HOH B 2 .   ? 7.596   9.723   -11.233 1.00 23.60 ? 296 HOH A O   1 
HETATM 1346 O O   . HOH B 2 .   ? -8.339  19.007  -3.286  1.00 31.90 ? 297 HOH A O   1 
HETATM 1347 O O   . HOH B 2 .   ? 13.029  -6.302  11.407  1.00 29.45 ? 298 HOH A O   1 
HETATM 1348 O O   . HOH B 2 .   ? 14.768  -4.068  11.361  1.00 38.52 ? 299 HOH A O   1 
HETATM 1349 O O   . HOH B 2 .   ? 16.543  8.612   -1.891  1.00 35.26 ? 300 HOH A O   1 
HETATM 1350 O O   . HOH B 2 .   ? 0.717   -9.579  11.757  1.00 32.57 ? 301 HOH A O   1 
HETATM 1351 O O   . HOH B 2 .   ? -1.646  -7.420  12.807  1.00 38.05 ? 302 HOH A O   1 
HETATM 1352 O O   . HOH B 2 .   ? 10.955  11.954  13.113  1.00 33.39 ? 303 HOH A O   1 
HETATM 1353 O O   . HOH B 2 .   ? -12.156 8.929   11.553  1.00 33.54 ? 304 HOH A O   1 
HETATM 1354 O O   . HOH B 2 .   ? -13.266 2.983   6.686   1.00 31.29 ? 305 HOH A O   1 
HETATM 1355 O O   . HOH B 2 .   ? 11.828  2.919   -9.092  1.00 21.84 ? 306 HOH A O   1 
HETATM 1356 O O   . HOH B 2 .   ? -1.969  -8.857  -16.419 1.00 37.72 ? 307 HOH A O   1 
HETATM 1357 O O   . HOH B 2 .   ? -8.329  5.907   0.692   1.00 31.78 ? 308 HOH A O   1 
HETATM 1358 O O   . HOH B 2 .   ? -9.763  -14.323 8.425   1.00 30.07 ? 309 HOH A O   1 
HETATM 1359 O O   . HOH B 2 .   ? -2.571  -17.825 -7.050  1.00 27.24 ? 310 HOH A O   1 
HETATM 1360 O O   . HOH B 2 .   ? 12.745  15.629  10.917  1.00 20.27 ? 311 HOH A O   1 
# 
loop_
_pdbx_poly_seq_scheme.asym_id 
_pdbx_poly_seq_scheme.entity_id 
_pdbx_poly_seq_scheme.seq_id 
_pdbx_poly_seq_scheme.mon_id 
_pdbx_poly_seq_scheme.ndb_seq_num 
_pdbx_poly_seq_scheme.pdb_seq_num 
_pdbx_poly_seq_scheme.auth_seq_num 
_pdbx_poly_seq_scheme.pdb_mon_id 
_pdbx_poly_seq_scheme.auth_mon_id 
_pdbx_poly_seq_scheme.pdb_strand_id 
_pdbx_poly_seq_scheme.pdb_ins_code 
_pdbx_poly_seq_scheme.hetero 
A 1 1   GLY 1   -2  -2  GLY GLY A . n 
A 1 2   HIS 2   -1  -1  HIS HIS A . n 
A 1 3   MET 3   1   1   MET MET A . n 
A 1 4   VAL 4   2   2   VAL VAL A . n 
A 1 5   GLU 5   3   3   GLU GLU A . n 
A 1 6   ILE 6   4   4   ILE ILE A . n 
A 1 7   GLY 7   5   5   GLY GLY A . n 
A 1 8   GLU 8   6   6   GLU GLU A . n 
A 1 9   LEU 9   7   7   LEU LEU A . n 
A 1 10  ALA 10  8   8   ALA ALA A . n 
A 1 11  PRO 11  9   9   PRO PRO A . n 
A 1 12  ASP 12  10  10  ASP ASP A . n 
A 1 13  PHE 13  11  11  PHE PHE A . n 
A 1 14  GLU 14  12  12  GLU GLU A . n 
A 1 15  LEU 15  13  13  LEU LEU A . n 
A 1 16  PRO 16  14  14  PRO PRO A . n 
A 1 17  ASP 17  15  15  ASP ASP A . n 
A 1 18  THR 18  16  16  THR THR A . n 
A 1 19  GLU 19  17  17  GLU GLU A . n 
A 1 20  LEU 20  18  18  LEU LEU A . n 
A 1 21  LYS 21  19  19  LYS LYS A . n 
A 1 22  LYS 22  20  20  LYS LYS A . n 
A 1 23  VAL 23  21  21  VAL VAL A . n 
A 1 24  LYS 24  22  22  LYS LYS A . n 
A 1 25  LEU 25  23  23  LEU LEU A . n 
A 1 26  SER 26  24  24  SER SER A . n 
A 1 27  ALA 27  25  25  ALA ALA A . n 
A 1 28  LEU 28  26  26  LEU LEU A . n 
A 1 29  LYS 29  27  27  LYS LYS A . n 
A 1 30  GLY 30  28  28  GLY GLY A . n 
A 1 31  LYS 31  29  29  LYS LYS A . n 
A 1 32  VAL 32  30  30  VAL VAL A . n 
A 1 33  VAL 33  31  31  VAL VAL A . n 
A 1 34  VAL 34  32  32  VAL VAL A . n 
A 1 35  LEU 35  33  33  LEU LEU A . n 
A 1 36  ALA 36  34  34  ALA ALA A . n 
A 1 37  PHE 37  35  35  PHE PHE A . n 
A 1 38  TYR 38  36  36  TYR TYR A . n 
A 1 39  PRO 39  37  37  PRO PRO A . n 
A 1 40  ALA 40  38  38  ALA ALA A . n 
A 1 41  ALA 41  39  39  ALA ALA A . n 
A 1 42  PHE 42  40  40  PHE PHE A . n 
A 1 43  THR 43  41  41  THR THR A . n 
A 1 44  GLN 44  42  42  GLN GLN A . n 
A 1 45  VAL 45  43  43  VAL VAL A . n 
A 1 46  CYS 46  44  ?   ?   ?   A . n 
A 1 47  THR 47  45  ?   ?   ?   A . n 
A 1 48  LYS 48  46  ?   ?   ?   A . n 
A 1 49  GLU 49  47  ?   ?   ?   A . n 
A 1 50  MET 50  48  ?   ?   ?   A . n 
A 1 51  CYS 51  49  ?   ?   ?   A . n 
A 1 52  THR 52  50  ?   ?   ?   A . n 
A 1 53  PHE 53  51  51  PHE PHE A . n 
A 1 54  ARG 54  52  52  ARG ARG A . n 
A 1 55  ASP 55  53  53  ASP ASP A . n 
A 1 56  SER 56  54  54  SER SER A . n 
A 1 57  MET 57  55  55  MET MET A . n 
A 1 58  ALA 58  56  56  ALA ALA A . n 
A 1 59  LYS 59  57  57  LYS LYS A . n 
A 1 60  PHE 60  58  58  PHE PHE A . n 
A 1 61  ASN 61  59  59  ASN ASN A . n 
A 1 62  GLN 62  60  60  GLN GLN A . n 
A 1 63  VAL 63  61  61  VAL VAL A . n 
A 1 64  ASN 64  62  62  ASN ASN A . n 
A 1 65  ALA 65  63  63  ALA ALA A . n 
A 1 66  VAL 66  64  64  VAL VAL A . n 
A 1 67  VAL 67  65  65  VAL VAL A . n 
A 1 68  LEU 68  66  66  LEU LEU A . n 
A 1 69  GLY 69  67  67  GLY GLY A . n 
A 1 70  ILE 70  68  68  ILE ILE A . n 
A 1 71  SER 71  69  69  SER SER A . n 
A 1 72  VAL 72  70  70  VAL VAL A . n 
A 1 73  ASP 73  71  71  ASP ASP A . n 
A 1 74  PRO 74  72  72  PRO PRO A . n 
A 1 75  PRO 75  73  73  PRO PRO A . n 
A 1 76  PHE 76  74  74  PHE PHE A . n 
A 1 77  SER 77  75  75  SER SER A . n 
A 1 78  ASN 78  76  76  ASN ASN A . n 
A 1 79  LYS 79  77  77  LYS LYS A . n 
A 1 80  ALA 80  78  78  ALA ALA A . n 
A 1 81  PHE 81  79  79  PHE PHE A . n 
A 1 82  LYS 82  80  80  LYS LYS A . n 
A 1 83  GLU 83  81  81  GLU GLU A . n 
A 1 84  HIS 84  82  82  HIS HIS A . n 
A 1 85  ASN 85  83  83  ASN ASN A . n 
A 1 86  LYS 86  84  84  LYS LYS A . n 
A 1 87  LEU 87  85  85  LEU LEU A . n 
A 1 88  ASN 88  86  86  ASN ASN A . n 
A 1 89  PHE 89  87  87  PHE PHE A . n 
A 1 90  THR 90  88  88  THR THR A . n 
A 1 91  ILE 91  89  89  ILE ILE A . n 
A 1 92  LEU 92  90  90  LEU LEU A . n 
A 1 93  SER 93  91  91  SER SER A . n 
A 1 94  ASP 94  92  92  ASP ASP A . n 
A 1 95  TYR 95  93  93  TYR TYR A . n 
A 1 96  ASN 96  94  94  ASN ASN A . n 
A 1 97  ARG 97  95  95  ARG ARG A . n 
A 1 98  GLU 98  96  96  GLU GLU A . n 
A 1 99  VAL 99  97  97  VAL VAL A . n 
A 1 100 VAL 100 98  98  VAL VAL A . n 
A 1 101 LYS 101 99  99  LYS LYS A . n 
A 1 102 LYS 102 100 100 LYS LYS A . n 
A 1 103 TYR 103 101 101 TYR TYR A . n 
A 1 104 ASN 104 102 102 ASN ASN A . n 
A 1 105 VAL 105 103 103 VAL VAL A . n 
A 1 106 ALA 106 104 104 ALA ALA A . n 
A 1 107 TRP 107 105 105 TRP TRP A . n 
A 1 108 GLU 108 106 106 GLU GLU A . n 
A 1 109 PHE 109 107 107 PHE PHE A . n 
A 1 110 PRO 110 108 108 PRO PRO A . n 
A 1 111 ALA 111 109 109 ALA ALA A . n 
A 1 112 LEU 112 110 110 LEU LEU A . n 
A 1 113 PRO 113 111 111 PRO PRO A . n 
A 1 114 GLY 114 112 112 GLY GLY A . n 
A 1 115 TYR 115 113 113 TYR TYR A . n 
A 1 116 VAL 116 114 114 VAL VAL A . n 
A 1 117 LEU 117 115 115 LEU LEU A . n 
A 1 118 ALA 118 116 116 ALA ALA A . n 
A 1 119 LYS 119 117 117 LYS LYS A . n 
A 1 120 ARG 120 118 118 ARG ARG A . n 
A 1 121 ALA 121 119 119 ALA ALA A . n 
A 1 122 VAL 122 120 120 VAL VAL A . n 
A 1 123 PHE 123 121 121 PHE PHE A . n 
A 1 124 VAL 124 122 122 VAL VAL A . n 
A 1 125 ILE 125 123 123 ILE ILE A . n 
A 1 126 ASP 126 124 124 ASP ASP A . n 
A 1 127 LYS 127 125 125 LYS LYS A . n 
A 1 128 GLU 128 126 126 GLU GLU A . n 
A 1 129 GLY 129 127 127 GLY GLY A . n 
A 1 130 LYS 130 128 128 LYS LYS A . n 
A 1 131 VAL 131 129 129 VAL VAL A . n 
A 1 132 ARG 132 130 130 ARG ARG A . n 
A 1 133 TYR 133 131 131 TYR TYR A . n 
A 1 134 LYS 134 132 132 LYS LYS A . n 
A 1 135 TRP 135 133 133 TRP TRP A . n 
A 1 136 VAL 136 134 134 VAL VAL A . n 
A 1 137 SER 137 135 135 SER SER A . n 
A 1 138 ASP 138 136 136 ASP ASP A . n 
A 1 139 ASP 139 137 137 ASP ASP A . n 
A 1 140 PRO 140 138 138 PRO PRO A . n 
A 1 141 THR 141 139 139 THR THR A . n 
A 1 142 LYS 142 140 140 LYS LYS A . n 
A 1 143 GLU 143 141 141 GLU GLU A . n 
A 1 144 PRO 144 142 142 PRO PRO A . n 
A 1 145 PRO 145 143 143 PRO PRO A . n 
A 1 146 TYR 146 144 144 TYR TYR A . n 
A 1 147 ASP 147 145 145 ASP ASP A . n 
A 1 148 GLU 148 146 146 GLU GLU A . n 
A 1 149 ILE 149 147 147 ILE ILE A . n 
A 1 150 GLU 150 148 148 GLU GLU A . n 
A 1 151 LYS 151 149 149 LYS LYS A . n 
A 1 152 VAL 152 150 150 VAL VAL A . n 
A 1 153 VAL 153 151 151 VAL VAL A . n 
A 1 154 LYS 154 152 152 LYS LYS A . n 
A 1 155 SER 155 153 153 SER SER A . n 
A 1 156 LEU 156 154 154 LEU LEU A . n 
A 1 157 SER 157 155 155 SER SER A . n 
# 
_pdbx_SG_project.id                    1 
_pdbx_SG_project.project_name          'NPPSFA, National Project on Protein Structural and Functional Analyses' 
_pdbx_SG_project.full_name_of_center   'RIKEN Structural Genomics/Proteomics Initiative' 
_pdbx_SG_project.initial_of_center     RSGI 
# 
loop_
_pdbx_nonpoly_scheme.asym_id 
_pdbx_nonpoly_scheme.entity_id 
_pdbx_nonpoly_scheme.mon_id 
_pdbx_nonpoly_scheme.ndb_seq_num 
_pdbx_nonpoly_scheme.pdb_seq_num 
_pdbx_nonpoly_scheme.auth_seq_num 
_pdbx_nonpoly_scheme.pdb_mon_id 
_pdbx_nonpoly_scheme.auth_mon_id 
_pdbx_nonpoly_scheme.pdb_strand_id 
_pdbx_nonpoly_scheme.pdb_ins_code 
B 2 HOH 1   156 1   HOH HOH A . 
B 2 HOH 2   157 2   HOH HOH A . 
B 2 HOH 3   158 3   HOH HOH A . 
B 2 HOH 4   159 4   HOH HOH A . 
B 2 HOH 5   160 5   HOH HOH A . 
B 2 HOH 6   161 6   HOH HOH A . 
B 2 HOH 7   162 7   HOH HOH A . 
B 2 HOH 8   163 8   HOH HOH A . 
B 2 HOH 9   164 9   HOH HOH A . 
B 2 HOH 10  165 10  HOH HOH A . 
B 2 HOH 11  166 11  HOH HOH A . 
B 2 HOH 12  167 12  HOH HOH A . 
B 2 HOH 13  168 13  HOH HOH A . 
B 2 HOH 14  169 14  HOH HOH A . 
B 2 HOH 15  170 15  HOH HOH A . 
B 2 HOH 16  171 16  HOH HOH A . 
B 2 HOH 17  172 17  HOH HOH A . 
B 2 HOH 18  173 18  HOH HOH A . 
B 2 HOH 19  174 19  HOH HOH A . 
B 2 HOH 20  175 20  HOH HOH A . 
B 2 HOH 21  176 21  HOH HOH A . 
B 2 HOH 22  177 22  HOH HOH A . 
B 2 HOH 23  178 23  HOH HOH A . 
B 2 HOH 24  179 24  HOH HOH A . 
B 2 HOH 25  180 25  HOH HOH A . 
B 2 HOH 26  181 26  HOH HOH A . 
B 2 HOH 27  182 27  HOH HOH A . 
B 2 HOH 28  183 28  HOH HOH A . 
B 2 HOH 29  184 29  HOH HOH A . 
B 2 HOH 30  185 30  HOH HOH A . 
B 2 HOH 31  186 31  HOH HOH A . 
B 2 HOH 32  187 32  HOH HOH A . 
B 2 HOH 33  188 33  HOH HOH A . 
B 2 HOH 34  189 34  HOH HOH A . 
B 2 HOH 35  190 35  HOH HOH A . 
B 2 HOH 36  191 36  HOH HOH A . 
B 2 HOH 37  192 37  HOH HOH A . 
B 2 HOH 38  193 38  HOH HOH A . 
B 2 HOH 39  194 39  HOH HOH A . 
B 2 HOH 40  195 40  HOH HOH A . 
B 2 HOH 41  196 41  HOH HOH A . 
B 2 HOH 42  197 42  HOH HOH A . 
B 2 HOH 43  198 43  HOH HOH A . 
B 2 HOH 44  199 44  HOH HOH A . 
B 2 HOH 45  200 45  HOH HOH A . 
B 2 HOH 46  201 46  HOH HOH A . 
B 2 HOH 47  202 47  HOH HOH A . 
B 2 HOH 48  203 48  HOH HOH A . 
B 2 HOH 49  204 49  HOH HOH A . 
B 2 HOH 50  205 50  HOH HOH A . 
B 2 HOH 51  206 51  HOH HOH A . 
B 2 HOH 52  207 52  HOH HOH A . 
B 2 HOH 53  208 53  HOH HOH A . 
B 2 HOH 54  209 54  HOH HOH A . 
B 2 HOH 55  210 55  HOH HOH A . 
B 2 HOH 56  211 56  HOH HOH A . 
B 2 HOH 57  212 57  HOH HOH A . 
B 2 HOH 58  213 58  HOH HOH A . 
B 2 HOH 59  214 59  HOH HOH A . 
B 2 HOH 60  215 60  HOH HOH A . 
B 2 HOH 61  216 61  HOH HOH A . 
B 2 HOH 62  217 62  HOH HOH A . 
B 2 HOH 63  218 63  HOH HOH A . 
B 2 HOH 64  219 64  HOH HOH A . 
B 2 HOH 65  220 65  HOH HOH A . 
B 2 HOH 66  221 66  HOH HOH A . 
B 2 HOH 67  222 67  HOH HOH A . 
B 2 HOH 68  223 68  HOH HOH A . 
B 2 HOH 69  224 69  HOH HOH A . 
B 2 HOH 70  225 70  HOH HOH A . 
B 2 HOH 71  226 71  HOH HOH A . 
B 2 HOH 72  227 72  HOH HOH A . 
B 2 HOH 73  228 73  HOH HOH A . 
B 2 HOH 74  229 74  HOH HOH A . 
B 2 HOH 75  230 75  HOH HOH A . 
B 2 HOH 76  231 76  HOH HOH A . 
B 2 HOH 77  232 77  HOH HOH A . 
B 2 HOH 78  233 78  HOH HOH A . 
B 2 HOH 79  234 79  HOH HOH A . 
B 2 HOH 80  235 80  HOH HOH A . 
B 2 HOH 81  236 81  HOH HOH A . 
B 2 HOH 82  237 82  HOH HOH A . 
B 2 HOH 83  238 83  HOH HOH A . 
B 2 HOH 84  239 84  HOH HOH A . 
B 2 HOH 85  240 85  HOH HOH A . 
B 2 HOH 86  241 86  HOH HOH A . 
B 2 HOH 87  242 87  HOH HOH A . 
B 2 HOH 88  243 88  HOH HOH A . 
B 2 HOH 89  244 89  HOH HOH A . 
B 2 HOH 90  245 90  HOH HOH A . 
B 2 HOH 91  246 91  HOH HOH A . 
B 2 HOH 92  247 92  HOH HOH A . 
B 2 HOH 93  248 93  HOH HOH A . 
B 2 HOH 94  249 94  HOH HOH A . 
B 2 HOH 95  250 95  HOH HOH A . 
B 2 HOH 96  251 96  HOH HOH A . 
B 2 HOH 97  252 97  HOH HOH A . 
B 2 HOH 98  253 98  HOH HOH A . 
B 2 HOH 99  254 99  HOH HOH A . 
B 2 HOH 100 255 100 HOH HOH A . 
B 2 HOH 101 256 101 HOH HOH A . 
B 2 HOH 102 257 102 HOH HOH A . 
B 2 HOH 103 258 103 HOH HOH A . 
B 2 HOH 104 259 104 HOH HOH A . 
B 2 HOH 105 260 105 HOH HOH A . 
B 2 HOH 106 261 106 HOH HOH A . 
B 2 HOH 107 262 107 HOH HOH A . 
B 2 HOH 108 263 108 HOH HOH A . 
B 2 HOH 109 264 109 HOH HOH A . 
B 2 HOH 110 265 110 HOH HOH A . 
B 2 HOH 111 266 111 HOH HOH A . 
B 2 HOH 112 267 112 HOH HOH A . 
B 2 HOH 113 268 113 HOH HOH A . 
B 2 HOH 114 269 114 HOH HOH A . 
B 2 HOH 115 270 115 HOH HOH A . 
B 2 HOH 116 271 116 HOH HOH A . 
B 2 HOH 117 272 117 HOH HOH A . 
B 2 HOH 118 273 118 HOH HOH A . 
B 2 HOH 119 274 119 HOH HOH A . 
B 2 HOH 120 275 120 HOH HOH A . 
B 2 HOH 121 276 121 HOH HOH A . 
B 2 HOH 122 277 122 HOH HOH A . 
B 2 HOH 123 278 123 HOH HOH A . 
B 2 HOH 124 279 124 HOH HOH A . 
B 2 HOH 125 280 125 HOH HOH A . 
B 2 HOH 126 281 126 HOH HOH A . 
B 2 HOH 127 282 127 HOH HOH A . 
B 2 HOH 128 283 128 HOH HOH A . 
B 2 HOH 129 284 129 HOH HOH A . 
B 2 HOH 130 285 130 HOH HOH A . 
B 2 HOH 131 286 131 HOH HOH A . 
B 2 HOH 132 287 132 HOH HOH A . 
B 2 HOH 133 288 133 HOH HOH A . 
B 2 HOH 134 289 134 HOH HOH A . 
B 2 HOH 135 290 135 HOH HOH A . 
B 2 HOH 136 291 136 HOH HOH A . 
B 2 HOH 137 292 137 HOH HOH A . 
B 2 HOH 138 293 138 HOH HOH A . 
B 2 HOH 139 294 139 HOH HOH A . 
B 2 HOH 140 295 140 HOH HOH A . 
B 2 HOH 141 296 141 HOH HOH A . 
B 2 HOH 142 297 142 HOH HOH A . 
B 2 HOH 143 298 143 HOH HOH A . 
B 2 HOH 144 299 144 HOH HOH A . 
B 2 HOH 145 300 145 HOH HOH A . 
B 2 HOH 146 301 146 HOH HOH A . 
B 2 HOH 147 302 147 HOH HOH A . 
B 2 HOH 148 303 148 HOH HOH A . 
B 2 HOH 149 304 149 HOH HOH A . 
B 2 HOH 150 305 150 HOH HOH A . 
B 2 HOH 151 306 151 HOH HOH A . 
B 2 HOH 152 307 152 HOH HOH A . 
B 2 HOH 153 308 153 HOH HOH A . 
B 2 HOH 154 309 154 HOH HOH A . 
B 2 HOH 155 310 155 HOH HOH A . 
B 2 HOH 156 311 156 HOH HOH A . 
# 
_pdbx_struct_assembly.id                   1 
_pdbx_struct_assembly.details              author_defined_assembly 
_pdbx_struct_assembly.method_details       ? 
_pdbx_struct_assembly.oligomeric_details   monomeric 
_pdbx_struct_assembly.oligomeric_count     1 
# 
_pdbx_struct_assembly_gen.assembly_id       1 
_pdbx_struct_assembly_gen.oper_expression   1 
_pdbx_struct_assembly_gen.asym_id_list      A,B 
# 
_pdbx_struct_oper_list.id                   1 
_pdbx_struct_oper_list.type                 'identity operation' 
_pdbx_struct_oper_list.name                 1_555 
_pdbx_struct_oper_list.symmetry_operation   x,y,z 
_pdbx_struct_oper_list.matrix[1][1]         1.0000000000 
_pdbx_struct_oper_list.matrix[1][2]         0.0000000000 
_pdbx_struct_oper_list.matrix[1][3]         0.0000000000 
_pdbx_struct_oper_list.vector[1]            0.0000000000 
_pdbx_struct_oper_list.matrix[2][1]         0.0000000000 
_pdbx_struct_oper_list.matrix[2][2]         1.0000000000 
_pdbx_struct_oper_list.matrix[2][3]         0.0000000000 
_pdbx_struct_oper_list.vector[2]            0.0000000000 
_pdbx_struct_oper_list.matrix[3][1]         0.0000000000 
_pdbx_struct_oper_list.matrix[3][2]         0.0000000000 
_pdbx_struct_oper_list.matrix[3][3]         1.0000000000 
_pdbx_struct_oper_list.vector[3]            0.0000000000 
# 
loop_
_pdbx_audit_revision_history.ordinal 
_pdbx_audit_revision_history.data_content_type 
_pdbx_audit_revision_history.major_revision 
_pdbx_audit_revision_history.minor_revision 
_pdbx_audit_revision_history.revision_date 
1 'Structure model' 1 0 2007-10-23 
2 'Structure model' 1 1 2011-07-13 
3 'Structure model' 1 2 2017-10-11 
4 'Structure model' 1 3 2023-10-25 
# 
_pdbx_audit_revision_details.ordinal             1 
_pdbx_audit_revision_details.revision_ordinal    1 
_pdbx_audit_revision_details.data_content_type   'Structure model' 
_pdbx_audit_revision_details.provider            repository 
_pdbx_audit_revision_details.type                'Initial release' 
_pdbx_audit_revision_details.description         ? 
_pdbx_audit_revision_details.details             ? 
# 
loop_
_pdbx_audit_revision_group.ordinal 
_pdbx_audit_revision_group.revision_ordinal 
_pdbx_audit_revision_group.data_content_type 
_pdbx_audit_revision_group.group 
1 2 'Structure model' 'Version format compliance' 
2 3 'Structure model' 'Refinement description'    
3 4 'Structure model' 'Data collection'           
4 4 'Structure model' 'Database references'       
5 4 'Structure model' 'Refinement description'    
# 
loop_
_pdbx_audit_revision_category.ordinal 
_pdbx_audit_revision_category.revision_ordinal 
_pdbx_audit_revision_category.data_content_type 
_pdbx_audit_revision_category.category 
1 3 'Structure model' software                      
2 4 'Structure model' chem_comp_atom                
3 4 'Structure model' chem_comp_bond                
4 4 'Structure model' database_2                    
5 4 'Structure model' pdbx_initial_refinement_model 
6 4 'Structure model' struct_ref_seq_dif            
# 
loop_
_pdbx_audit_revision_item.ordinal 
_pdbx_audit_revision_item.revision_ordinal 
_pdbx_audit_revision_item.data_content_type 
_pdbx_audit_revision_item.item 
1 4 'Structure model' '_database_2.pdbx_DOI'                
2 4 'Structure model' '_database_2.pdbx_database_accession' 
3 4 'Structure model' '_struct_ref_seq_dif.details'         
# 
loop_
_software.name 
_software.classification 
_software.version 
_software.citation_id 
_software.pdbx_ordinal 
CNS      refinement       1.1 ? 1 
HKL-2000 'data reduction' .   ? 2 
HKL-2000 'data scaling'   .   ? 3 
MOLREP   phasing          .   ? 4 
# 
_pdbx_validate_torsion.id              1 
_pdbx_validate_torsion.PDB_model_num   1 
_pdbx_validate_torsion.auth_comp_id    ASP 
_pdbx_validate_torsion.auth_asym_id    A 
_pdbx_validate_torsion.auth_seq_id     92 
_pdbx_validate_torsion.PDB_ins_code    ? 
_pdbx_validate_torsion.label_alt_id    ? 
_pdbx_validate_torsion.phi             -91.05 
_pdbx_validate_torsion.psi             58.42 
# 
loop_
_pdbx_unobs_or_zero_occ_residues.id 
_pdbx_unobs_or_zero_occ_residues.PDB_model_num 
_pdbx_unobs_or_zero_occ_residues.polymer_flag 
_pdbx_unobs_or_zero_occ_residues.occupancy_flag 
_pdbx_unobs_or_zero_occ_residues.auth_asym_id 
_pdbx_unobs_or_zero_occ_residues.auth_comp_id 
_pdbx_unobs_or_zero_occ_residues.auth_seq_id 
_pdbx_unobs_or_zero_occ_residues.PDB_ins_code 
_pdbx_unobs_or_zero_occ_residues.label_asym_id 
_pdbx_unobs_or_zero_occ_residues.label_comp_id 
_pdbx_unobs_or_zero_occ_residues.label_seq_id 
1 1 Y 1 A CYS 44 ? A CYS 46 
2 1 Y 1 A THR 45 ? A THR 47 
3 1 Y 1 A LYS 46 ? A LYS 48 
4 1 Y 1 A GLU 47 ? A GLU 49 
5 1 Y 1 A MET 48 ? A MET 50 
6 1 Y 1 A CYS 49 ? A CYS 51 
7 1 Y 1 A THR 50 ? A THR 52 
# 
loop_
_chem_comp_atom.comp_id 
_chem_comp_atom.atom_id 
_chem_comp_atom.type_symbol 
_chem_comp_atom.pdbx_aromatic_flag 
_chem_comp_atom.pdbx_stereo_config 
_chem_comp_atom.pdbx_ordinal 
ALA N    N N N 1   
ALA CA   C N S 2   
ALA C    C N N 3   
ALA O    O N N 4   
ALA CB   C N N 5   
ALA OXT  O N N 6   
ALA H    H N N 7   
ALA H2   H N N 8   
ALA HA   H N N 9   
ALA HB1  H N N 10  
ALA HB2  H N N 11  
ALA HB3  H N N 12  
ALA HXT  H N N 13  
ARG N    N N N 14  
ARG CA   C N S 15  
ARG C    C N N 16  
ARG O    O N N 17  
ARG CB   C N N 18  
ARG CG   C N N 19  
ARG CD   C N N 20  
ARG NE   N N N 21  
ARG CZ   C N N 22  
ARG NH1  N N N 23  
ARG NH2  N N N 24  
ARG OXT  O N N 25  
ARG H    H N N 26  
ARG H2   H N N 27  
ARG HA   H N N 28  
ARG HB2  H N N 29  
ARG HB3  H N N 30  
ARG HG2  H N N 31  
ARG HG3  H N N 32  
ARG HD2  H N N 33  
ARG HD3  H N N 34  
ARG HE   H N N 35  
ARG HH11 H N N 36  
ARG HH12 H N N 37  
ARG HH21 H N N 38  
ARG HH22 H N N 39  
ARG HXT  H N N 40  
ASN N    N N N 41  
ASN CA   C N S 42  
ASN C    C N N 43  
ASN O    O N N 44  
ASN CB   C N N 45  
ASN CG   C N N 46  
ASN OD1  O N N 47  
ASN ND2  N N N 48  
ASN OXT  O N N 49  
ASN H    H N N 50  
ASN H2   H N N 51  
ASN HA   H N N 52  
ASN HB2  H N N 53  
ASN HB3  H N N 54  
ASN HD21 H N N 55  
ASN HD22 H N N 56  
ASN HXT  H N N 57  
ASP N    N N N 58  
ASP CA   C N S 59  
ASP C    C N N 60  
ASP O    O N N 61  
ASP CB   C N N 62  
ASP CG   C N N 63  
ASP OD1  O N N 64  
ASP OD2  O N N 65  
ASP OXT  O N N 66  
ASP H    H N N 67  
ASP H2   H N N 68  
ASP HA   H N N 69  
ASP HB2  H N N 70  
ASP HB3  H N N 71  
ASP HD2  H N N 72  
ASP HXT  H N N 73  
CYS N    N N N 74  
CYS CA   C N R 75  
CYS C    C N N 76  
CYS O    O N N 77  
CYS CB   C N N 78  
CYS SG   S N N 79  
CYS OXT  O N N 80  
CYS H    H N N 81  
CYS H2   H N N 82  
CYS HA   H N N 83  
CYS HB2  H N N 84  
CYS HB3  H N N 85  
CYS HG   H N N 86  
CYS HXT  H N N 87  
GLN N    N N N 88  
GLN CA   C N S 89  
GLN C    C N N 90  
GLN O    O N N 91  
GLN CB   C N N 92  
GLN CG   C N N 93  
GLN CD   C N N 94  
GLN OE1  O N N 95  
GLN NE2  N N N 96  
GLN OXT  O N N 97  
GLN H    H N N 98  
GLN H2   H N N 99  
GLN HA   H N N 100 
GLN HB2  H N N 101 
GLN HB3  H N N 102 
GLN HG2  H N N 103 
GLN HG3  H N N 104 
GLN HE21 H N N 105 
GLN HE22 H N N 106 
GLN HXT  H N N 107 
GLU N    N N N 108 
GLU CA   C N S 109 
GLU C    C N N 110 
GLU O    O N N 111 
GLU CB   C N N 112 
GLU CG   C N N 113 
GLU CD   C N N 114 
GLU OE1  O N N 115 
GLU OE2  O N N 116 
GLU OXT  O N N 117 
GLU H    H N N 118 
GLU H2   H N N 119 
GLU HA   H N N 120 
GLU HB2  H N N 121 
GLU HB3  H N N 122 
GLU HG2  H N N 123 
GLU HG3  H N N 124 
GLU HE2  H N N 125 
GLU HXT  H N N 126 
GLY N    N N N 127 
GLY CA   C N N 128 
GLY C    C N N 129 
GLY O    O N N 130 
GLY OXT  O N N 131 
GLY H    H N N 132 
GLY H2   H N N 133 
GLY HA2  H N N 134 
GLY HA3  H N N 135 
GLY HXT  H N N 136 
HIS N    N N N 137 
HIS CA   C N S 138 
HIS C    C N N 139 
HIS O    O N N 140 
HIS CB   C N N 141 
HIS CG   C Y N 142 
HIS ND1  N Y N 143 
HIS CD2  C Y N 144 
HIS CE1  C Y N 145 
HIS NE2  N Y N 146 
HIS OXT  O N N 147 
HIS H    H N N 148 
HIS H2   H N N 149 
HIS HA   H N N 150 
HIS HB2  H N N 151 
HIS HB3  H N N 152 
HIS HD1  H N N 153 
HIS HD2  H N N 154 
HIS HE1  H N N 155 
HIS HE2  H N N 156 
HIS HXT  H N N 157 
HOH O    O N N 158 
HOH H1   H N N 159 
HOH H2   H N N 160 
ILE N    N N N 161 
ILE CA   C N S 162 
ILE C    C N N 163 
ILE O    O N N 164 
ILE CB   C N S 165 
ILE CG1  C N N 166 
ILE CG2  C N N 167 
ILE CD1  C N N 168 
ILE OXT  O N N 169 
ILE H    H N N 170 
ILE H2   H N N 171 
ILE HA   H N N 172 
ILE HB   H N N 173 
ILE HG12 H N N 174 
ILE HG13 H N N 175 
ILE HG21 H N N 176 
ILE HG22 H N N 177 
ILE HG23 H N N 178 
ILE HD11 H N N 179 
ILE HD12 H N N 180 
ILE HD13 H N N 181 
ILE HXT  H N N 182 
LEU N    N N N 183 
LEU CA   C N S 184 
LEU C    C N N 185 
LEU O    O N N 186 
LEU CB   C N N 187 
LEU CG   C N N 188 
LEU CD1  C N N 189 
LEU CD2  C N N 190 
LEU OXT  O N N 191 
LEU H    H N N 192 
LEU H2   H N N 193 
LEU HA   H N N 194 
LEU HB2  H N N 195 
LEU HB3  H N N 196 
LEU HG   H N N 197 
LEU HD11 H N N 198 
LEU HD12 H N N 199 
LEU HD13 H N N 200 
LEU HD21 H N N 201 
LEU HD22 H N N 202 
LEU HD23 H N N 203 
LEU HXT  H N N 204 
LYS N    N N N 205 
LYS CA   C N S 206 
LYS C    C N N 207 
LYS O    O N N 208 
LYS CB   C N N 209 
LYS CG   C N N 210 
LYS CD   C N N 211 
LYS CE   C N N 212 
LYS NZ   N N N 213 
LYS OXT  O N N 214 
LYS H    H N N 215 
LYS H2   H N N 216 
LYS HA   H N N 217 
LYS HB2  H N N 218 
LYS HB3  H N N 219 
LYS HG2  H N N 220 
LYS HG3  H N N 221 
LYS HD2  H N N 222 
LYS HD3  H N N 223 
LYS HE2  H N N 224 
LYS HE3  H N N 225 
LYS HZ1  H N N 226 
LYS HZ2  H N N 227 
LYS HZ3  H N N 228 
LYS HXT  H N N 229 
MET N    N N N 230 
MET CA   C N S 231 
MET C    C N N 232 
MET O    O N N 233 
MET CB   C N N 234 
MET CG   C N N 235 
MET SD   S N N 236 
MET CE   C N N 237 
MET OXT  O N N 238 
MET H    H N N 239 
MET H2   H N N 240 
MET HA   H N N 241 
MET HB2  H N N 242 
MET HB3  H N N 243 
MET HG2  H N N 244 
MET HG3  H N N 245 
MET HE1  H N N 246 
MET HE2  H N N 247 
MET HE3  H N N 248 
MET HXT  H N N 249 
PHE N    N N N 250 
PHE CA   C N S 251 
PHE C    C N N 252 
PHE O    O N N 253 
PHE CB   C N N 254 
PHE CG   C Y N 255 
PHE CD1  C Y N 256 
PHE CD2  C Y N 257 
PHE CE1  C Y N 258 
PHE CE2  C Y N 259 
PHE CZ   C Y N 260 
PHE OXT  O N N 261 
PHE H    H N N 262 
PHE H2   H N N 263 
PHE HA   H N N 264 
PHE HB2  H N N 265 
PHE HB3  H N N 266 
PHE HD1  H N N 267 
PHE HD2  H N N 268 
PHE HE1  H N N 269 
PHE HE2  H N N 270 
PHE HZ   H N N 271 
PHE HXT  H N N 272 
PRO N    N N N 273 
PRO CA   C N S 274 
PRO C    C N N 275 
PRO O    O N N 276 
PRO CB   C N N 277 
PRO CG   C N N 278 
PRO CD   C N N 279 
PRO OXT  O N N 280 
PRO H    H N N 281 
PRO HA   H N N 282 
PRO HB2  H N N 283 
PRO HB3  H N N 284 
PRO HG2  H N N 285 
PRO HG3  H N N 286 
PRO HD2  H N N 287 
PRO HD3  H N N 288 
PRO HXT  H N N 289 
SER N    N N N 290 
SER CA   C N S 291 
SER C    C N N 292 
SER O    O N N 293 
SER CB   C N N 294 
SER OG   O N N 295 
SER OXT  O N N 296 
SER H    H N N 297 
SER H2   H N N 298 
SER HA   H N N 299 
SER HB2  H N N 300 
SER HB3  H N N 301 
SER HG   H N N 302 
SER HXT  H N N 303 
THR N    N N N 304 
THR CA   C N S 305 
THR C    C N N 306 
THR O    O N N 307 
THR CB   C N R 308 
THR OG1  O N N 309 
THR CG2  C N N 310 
THR OXT  O N N 311 
THR H    H N N 312 
THR H2   H N N 313 
THR HA   H N N 314 
THR HB   H N N 315 
THR HG1  H N N 316 
THR HG21 H N N 317 
THR HG22 H N N 318 
THR HG23 H N N 319 
THR HXT  H N N 320 
TRP N    N N N 321 
TRP CA   C N S 322 
TRP C    C N N 323 
TRP O    O N N 324 
TRP CB   C N N 325 
TRP CG   C Y N 326 
TRP CD1  C Y N 327 
TRP CD2  C Y N 328 
TRP NE1  N Y N 329 
TRP CE2  C Y N 330 
TRP CE3  C Y N 331 
TRP CZ2  C Y N 332 
TRP CZ3  C Y N 333 
TRP CH2  C Y N 334 
TRP OXT  O N N 335 
TRP H    H N N 336 
TRP H2   H N N 337 
TRP HA   H N N 338 
TRP HB2  H N N 339 
TRP HB3  H N N 340 
TRP HD1  H N N 341 
TRP HE1  H N N 342 
TRP HE3  H N N 343 
TRP HZ2  H N N 344 
TRP HZ3  H N N 345 
TRP HH2  H N N 346 
TRP HXT  H N N 347 
TYR N    N N N 348 
TYR CA   C N S 349 
TYR C    C N N 350 
TYR O    O N N 351 
TYR CB   C N N 352 
TYR CG   C Y N 353 
TYR CD1  C Y N 354 
TYR CD2  C Y N 355 
TYR CE1  C Y N 356 
TYR CE2  C Y N 357 
TYR CZ   C Y N 358 
TYR OH   O N N 359 
TYR OXT  O N N 360 
TYR H    H N N 361 
TYR H2   H N N 362 
TYR HA   H N N 363 
TYR HB2  H N N 364 
TYR HB3  H N N 365 
TYR HD1  H N N 366 
TYR HD2  H N N 367 
TYR HE1  H N N 368 
TYR HE2  H N N 369 
TYR HH   H N N 370 
TYR HXT  H N N 371 
VAL N    N N N 372 
VAL CA   C N S 373 
VAL C    C N N 374 
VAL O    O N N 375 
VAL CB   C N N 376 
VAL CG1  C N N 377 
VAL CG2  C N N 378 
VAL OXT  O N N 379 
VAL H    H N N 380 
VAL H2   H N N 381 
VAL HA   H N N 382 
VAL HB   H N N 383 
VAL HG11 H N N 384 
VAL HG12 H N N 385 
VAL HG13 H N N 386 
VAL HG21 H N N 387 
VAL HG22 H N N 388 
VAL HG23 H N N 389 
VAL HXT  H N N 390 
# 
loop_
_chem_comp_bond.comp_id 
_chem_comp_bond.atom_id_1 
_chem_comp_bond.atom_id_2 
_chem_comp_bond.value_order 
_chem_comp_bond.pdbx_aromatic_flag 
_chem_comp_bond.pdbx_stereo_config 
_chem_comp_bond.pdbx_ordinal 
ALA N   CA   sing N N 1   
ALA N   H    sing N N 2   
ALA N   H2   sing N N 3   
ALA CA  C    sing N N 4   
ALA CA  CB   sing N N 5   
ALA CA  HA   sing N N 6   
ALA C   O    doub N N 7   
ALA C   OXT  sing N N 8   
ALA CB  HB1  sing N N 9   
ALA CB  HB2  sing N N 10  
ALA CB  HB3  sing N N 11  
ALA OXT HXT  sing N N 12  
ARG N   CA   sing N N 13  
ARG N   H    sing N N 14  
ARG N   H2   sing N N 15  
ARG CA  C    sing N N 16  
ARG CA  CB   sing N N 17  
ARG CA  HA   sing N N 18  
ARG C   O    doub N N 19  
ARG C   OXT  sing N N 20  
ARG CB  CG   sing N N 21  
ARG CB  HB2  sing N N 22  
ARG CB  HB3  sing N N 23  
ARG CG  CD   sing N N 24  
ARG CG  HG2  sing N N 25  
ARG CG  HG3  sing N N 26  
ARG CD  NE   sing N N 27  
ARG CD  HD2  sing N N 28  
ARG CD  HD3  sing N N 29  
ARG NE  CZ   sing N N 30  
ARG NE  HE   sing N N 31  
ARG CZ  NH1  sing N N 32  
ARG CZ  NH2  doub N N 33  
ARG NH1 HH11 sing N N 34  
ARG NH1 HH12 sing N N 35  
ARG NH2 HH21 sing N N 36  
ARG NH2 HH22 sing N N 37  
ARG OXT HXT  sing N N 38  
ASN N   CA   sing N N 39  
ASN N   H    sing N N 40  
ASN N   H2   sing N N 41  
ASN CA  C    sing N N 42  
ASN CA  CB   sing N N 43  
ASN CA  HA   sing N N 44  
ASN C   O    doub N N 45  
ASN C   OXT  sing N N 46  
ASN CB  CG   sing N N 47  
ASN CB  HB2  sing N N 48  
ASN CB  HB3  sing N N 49  
ASN CG  OD1  doub N N 50  
ASN CG  ND2  sing N N 51  
ASN ND2 HD21 sing N N 52  
ASN ND2 HD22 sing N N 53  
ASN OXT HXT  sing N N 54  
ASP N   CA   sing N N 55  
ASP N   H    sing N N 56  
ASP N   H2   sing N N 57  
ASP CA  C    sing N N 58  
ASP CA  CB   sing N N 59  
ASP CA  HA   sing N N 60  
ASP C   O    doub N N 61  
ASP C   OXT  sing N N 62  
ASP CB  CG   sing N N 63  
ASP CB  HB2  sing N N 64  
ASP CB  HB3  sing N N 65  
ASP CG  OD1  doub N N 66  
ASP CG  OD2  sing N N 67  
ASP OD2 HD2  sing N N 68  
ASP OXT HXT  sing N N 69  
CYS N   CA   sing N N 70  
CYS N   H    sing N N 71  
CYS N   H2   sing N N 72  
CYS CA  C    sing N N 73  
CYS CA  CB   sing N N 74  
CYS CA  HA   sing N N 75  
CYS C   O    doub N N 76  
CYS C   OXT  sing N N 77  
CYS CB  SG   sing N N 78  
CYS CB  HB2  sing N N 79  
CYS CB  HB3  sing N N 80  
CYS SG  HG   sing N N 81  
CYS OXT HXT  sing N N 82  
GLN N   CA   sing N N 83  
GLN N   H    sing N N 84  
GLN N   H2   sing N N 85  
GLN CA  C    sing N N 86  
GLN CA  CB   sing N N 87  
GLN CA  HA   sing N N 88  
GLN C   O    doub N N 89  
GLN C   OXT  sing N N 90  
GLN CB  CG   sing N N 91  
GLN CB  HB2  sing N N 92  
GLN CB  HB3  sing N N 93  
GLN CG  CD   sing N N 94  
GLN CG  HG2  sing N N 95  
GLN CG  HG3  sing N N 96  
GLN CD  OE1  doub N N 97  
GLN CD  NE2  sing N N 98  
GLN NE2 HE21 sing N N 99  
GLN NE2 HE22 sing N N 100 
GLN OXT HXT  sing N N 101 
GLU N   CA   sing N N 102 
GLU N   H    sing N N 103 
GLU N   H2   sing N N 104 
GLU CA  C    sing N N 105 
GLU CA  CB   sing N N 106 
GLU CA  HA   sing N N 107 
GLU C   O    doub N N 108 
GLU C   OXT  sing N N 109 
GLU CB  CG   sing N N 110 
GLU CB  HB2  sing N N 111 
GLU CB  HB3  sing N N 112 
GLU CG  CD   sing N N 113 
GLU CG  HG2  sing N N 114 
GLU CG  HG3  sing N N 115 
GLU CD  OE1  doub N N 116 
GLU CD  OE2  sing N N 117 
GLU OE2 HE2  sing N N 118 
GLU OXT HXT  sing N N 119 
GLY N   CA   sing N N 120 
GLY N   H    sing N N 121 
GLY N   H2   sing N N 122 
GLY CA  C    sing N N 123 
GLY CA  HA2  sing N N 124 
GLY CA  HA3  sing N N 125 
GLY C   O    doub N N 126 
GLY C   OXT  sing N N 127 
GLY OXT HXT  sing N N 128 
HIS N   CA   sing N N 129 
HIS N   H    sing N N 130 
HIS N   H2   sing N N 131 
HIS CA  C    sing N N 132 
HIS CA  CB   sing N N 133 
HIS CA  HA   sing N N 134 
HIS C   O    doub N N 135 
HIS C   OXT  sing N N 136 
HIS CB  CG   sing N N 137 
HIS CB  HB2  sing N N 138 
HIS CB  HB3  sing N N 139 
HIS CG  ND1  sing Y N 140 
HIS CG  CD2  doub Y N 141 
HIS ND1 CE1  doub Y N 142 
HIS ND1 HD1  sing N N 143 
HIS CD2 NE2  sing Y N 144 
HIS CD2 HD2  sing N N 145 
HIS CE1 NE2  sing Y N 146 
HIS CE1 HE1  sing N N 147 
HIS NE2 HE2  sing N N 148 
HIS OXT HXT  sing N N 149 
HOH O   H1   sing N N 150 
HOH O   H2   sing N N 151 
ILE N   CA   sing N N 152 
ILE N   H    sing N N 153 
ILE N   H2   sing N N 154 
ILE CA  C    sing N N 155 
ILE CA  CB   sing N N 156 
ILE CA  HA   sing N N 157 
ILE C   O    doub N N 158 
ILE C   OXT  sing N N 159 
ILE CB  CG1  sing N N 160 
ILE CB  CG2  sing N N 161 
ILE CB  HB   sing N N 162 
ILE CG1 CD1  sing N N 163 
ILE CG1 HG12 sing N N 164 
ILE CG1 HG13 sing N N 165 
ILE CG2 HG21 sing N N 166 
ILE CG2 HG22 sing N N 167 
ILE CG2 HG23 sing N N 168 
ILE CD1 HD11 sing N N 169 
ILE CD1 HD12 sing N N 170 
ILE CD1 HD13 sing N N 171 
ILE OXT HXT  sing N N 172 
LEU N   CA   sing N N 173 
LEU N   H    sing N N 174 
LEU N   H2   sing N N 175 
LEU CA  C    sing N N 176 
LEU CA  CB   sing N N 177 
LEU CA  HA   sing N N 178 
LEU C   O    doub N N 179 
LEU C   OXT  sing N N 180 
LEU CB  CG   sing N N 181 
LEU CB  HB2  sing N N 182 
LEU CB  HB3  sing N N 183 
LEU CG  CD1  sing N N 184 
LEU CG  CD2  sing N N 185 
LEU CG  HG   sing N N 186 
LEU CD1 HD11 sing N N 187 
LEU CD1 HD12 sing N N 188 
LEU CD1 HD13 sing N N 189 
LEU CD2 HD21 sing N N 190 
LEU CD2 HD22 sing N N 191 
LEU CD2 HD23 sing N N 192 
LEU OXT HXT  sing N N 193 
LYS N   CA   sing N N 194 
LYS N   H    sing N N 195 
LYS N   H2   sing N N 196 
LYS CA  C    sing N N 197 
LYS CA  CB   sing N N 198 
LYS CA  HA   sing N N 199 
LYS C   O    doub N N 200 
LYS C   OXT  sing N N 201 
LYS CB  CG   sing N N 202 
LYS CB  HB2  sing N N 203 
LYS CB  HB3  sing N N 204 
LYS CG  CD   sing N N 205 
LYS CG  HG2  sing N N 206 
LYS CG  HG3  sing N N 207 
LYS CD  CE   sing N N 208 
LYS CD  HD2  sing N N 209 
LYS CD  HD3  sing N N 210 
LYS CE  NZ   sing N N 211 
LYS CE  HE2  sing N N 212 
LYS CE  HE3  sing N N 213 
LYS NZ  HZ1  sing N N 214 
LYS NZ  HZ2  sing N N 215 
LYS NZ  HZ3  sing N N 216 
LYS OXT HXT  sing N N 217 
MET N   CA   sing N N 218 
MET N   H    sing N N 219 
MET N   H2   sing N N 220 
MET CA  C    sing N N 221 
MET CA  CB   sing N N 222 
MET CA  HA   sing N N 223 
MET C   O    doub N N 224 
MET C   OXT  sing N N 225 
MET CB  CG   sing N N 226 
MET CB  HB2  sing N N 227 
MET CB  HB3  sing N N 228 
MET CG  SD   sing N N 229 
MET CG  HG2  sing N N 230 
MET CG  HG3  sing N N 231 
MET SD  CE   sing N N 232 
MET CE  HE1  sing N N 233 
MET CE  HE2  sing N N 234 
MET CE  HE3  sing N N 235 
MET OXT HXT  sing N N 236 
PHE N   CA   sing N N 237 
PHE N   H    sing N N 238 
PHE N   H2   sing N N 239 
PHE CA  C    sing N N 240 
PHE CA  CB   sing N N 241 
PHE CA  HA   sing N N 242 
PHE C   O    doub N N 243 
PHE C   OXT  sing N N 244 
PHE CB  CG   sing N N 245 
PHE CB  HB2  sing N N 246 
PHE CB  HB3  sing N N 247 
PHE CG  CD1  doub Y N 248 
PHE CG  CD2  sing Y N 249 
PHE CD1 CE1  sing Y N 250 
PHE CD1 HD1  sing N N 251 
PHE CD2 CE2  doub Y N 252 
PHE CD2 HD2  sing N N 253 
PHE CE1 CZ   doub Y N 254 
PHE CE1 HE1  sing N N 255 
PHE CE2 CZ   sing Y N 256 
PHE CE2 HE2  sing N N 257 
PHE CZ  HZ   sing N N 258 
PHE OXT HXT  sing N N 259 
PRO N   CA   sing N N 260 
PRO N   CD   sing N N 261 
PRO N   H    sing N N 262 
PRO CA  C    sing N N 263 
PRO CA  CB   sing N N 264 
PRO CA  HA   sing N N 265 
PRO C   O    doub N N 266 
PRO C   OXT  sing N N 267 
PRO CB  CG   sing N N 268 
PRO CB  HB2  sing N N 269 
PRO CB  HB3  sing N N 270 
PRO CG  CD   sing N N 271 
PRO CG  HG2  sing N N 272 
PRO CG  HG3  sing N N 273 
PRO CD  HD2  sing N N 274 
PRO CD  HD3  sing N N 275 
PRO OXT HXT  sing N N 276 
SER N   CA   sing N N 277 
SER N   H    sing N N 278 
SER N   H2   sing N N 279 
SER CA  C    sing N N 280 
SER CA  CB   sing N N 281 
SER CA  HA   sing N N 282 
SER C   O    doub N N 283 
SER C   OXT  sing N N 284 
SER CB  OG   sing N N 285 
SER CB  HB2  sing N N 286 
SER CB  HB3  sing N N 287 
SER OG  HG   sing N N 288 
SER OXT HXT  sing N N 289 
THR N   CA   sing N N 290 
THR N   H    sing N N 291 
THR N   H2   sing N N 292 
THR CA  C    sing N N 293 
THR CA  CB   sing N N 294 
THR CA  HA   sing N N 295 
THR C   O    doub N N 296 
THR C   OXT  sing N N 297 
THR CB  OG1  sing N N 298 
THR CB  CG2  sing N N 299 
THR CB  HB   sing N N 300 
THR OG1 HG1  sing N N 301 
THR CG2 HG21 sing N N 302 
THR CG2 HG22 sing N N 303 
THR CG2 HG23 sing N N 304 
THR OXT HXT  sing N N 305 
TRP N   CA   sing N N 306 
TRP N   H    sing N N 307 
TRP N   H2   sing N N 308 
TRP CA  C    sing N N 309 
TRP CA  CB   sing N N 310 
TRP CA  HA   sing N N 311 
TRP C   O    doub N N 312 
TRP C   OXT  sing N N 313 
TRP CB  CG   sing N N 314 
TRP CB  HB2  sing N N 315 
TRP CB  HB3  sing N N 316 
TRP CG  CD1  doub Y N 317 
TRP CG  CD2  sing Y N 318 
TRP CD1 NE1  sing Y N 319 
TRP CD1 HD1  sing N N 320 
TRP CD2 CE2  doub Y N 321 
TRP CD2 CE3  sing Y N 322 
TRP NE1 CE2  sing Y N 323 
TRP NE1 HE1  sing N N 324 
TRP CE2 CZ2  sing Y N 325 
TRP CE3 CZ3  doub Y N 326 
TRP CE3 HE3  sing N N 327 
TRP CZ2 CH2  doub Y N 328 
TRP CZ2 HZ2  sing N N 329 
TRP CZ3 CH2  sing Y N 330 
TRP CZ3 HZ3  sing N N 331 
TRP CH2 HH2  sing N N 332 
TRP OXT HXT  sing N N 333 
TYR N   CA   sing N N 334 
TYR N   H    sing N N 335 
TYR N   H2   sing N N 336 
TYR CA  C    sing N N 337 
TYR CA  CB   sing N N 338 
TYR CA  HA   sing N N 339 
TYR C   O    doub N N 340 
TYR C   OXT  sing N N 341 
TYR CB  CG   sing N N 342 
TYR CB  HB2  sing N N 343 
TYR CB  HB3  sing N N 344 
TYR CG  CD1  doub Y N 345 
TYR CG  CD2  sing Y N 346 
TYR CD1 CE1  sing Y N 347 
TYR CD1 HD1  sing N N 348 
TYR CD2 CE2  doub Y N 349 
TYR CD2 HD2  sing N N 350 
TYR CE1 CZ   doub Y N 351 
TYR CE1 HE1  sing N N 352 
TYR CE2 CZ   sing Y N 353 
TYR CE2 HE2  sing N N 354 
TYR CZ  OH   sing N N 355 
TYR OH  HH   sing N N 356 
TYR OXT HXT  sing N N 357 
VAL N   CA   sing N N 358 
VAL N   H    sing N N 359 
VAL N   H2   sing N N 360 
VAL CA  C    sing N N 361 
VAL CA  CB   sing N N 362 
VAL CA  HA   sing N N 363 
VAL C   O    doub N N 364 
VAL C   OXT  sing N N 365 
VAL CB  CG1  sing N N 366 
VAL CB  CG2  sing N N 367 
VAL CB  HB   sing N N 368 
VAL CG1 HG11 sing N N 369 
VAL CG1 HG12 sing N N 370 
VAL CG1 HG13 sing N N 371 
VAL CG2 HG21 sing N N 372 
VAL CG2 HG22 sing N N 373 
VAL CG2 HG23 sing N N 374 
VAL OXT HXT  sing N N 375 
# 
_pdbx_entity_nonpoly.entity_id   2 
_pdbx_entity_nonpoly.name        water 
_pdbx_entity_nonpoly.comp_id     HOH 
# 
_pdbx_initial_refinement_model.id               1 
_pdbx_initial_refinement_model.entity_id_list   ? 
_pdbx_initial_refinement_model.type             'experimental model' 
_pdbx_initial_refinement_model.source_name      PDB 
_pdbx_initial_refinement_model.accession_code   2CX3 
_pdbx_initial_refinement_model.details          ? 
# 
